data_7ORK
#
_entry.id   7ORK
#
_cell.length_a   1.00
_cell.length_b   1.00
_cell.length_c   1.00
_cell.angle_alpha   90.00
_cell.angle_beta   90.00
_cell.angle_gamma   90.00
#
_symmetry.space_group_name_H-M   'P 1'
#
loop_
_entity.id
_entity.type
_entity.pdbx_description
1 polymer 'RNA-directed RNA polymerase L'
2 polymer "RNA (5'-R(P*AP*CP*GP*AP*GP*UP*GP*UP*CP*GP*UP*AP*CP*CP*AP*AP*G)-3')"
3 polymer "RNA (5'-R(P*AP*CP*UP*UP*GP*GP*UP*AP*GP*UP*AP*CP*AP*CP*UP*AP*CP*U)-3')"
4 polymer "RNA (5'-D(*(GTG))-R(P*A)-3')"
5 non-polymer 'MAGNESIUM ION'
6 non-polymer 'ZINC ION'
7 non-polymer "ADENOSINE-5'-TRIPHOSPHATE"
8 water water
#
loop_
_entity_poly.entity_id
_entity_poly.type
_entity_poly.pdbx_seq_one_letter_code
_entity_poly.pdbx_strand_id
1 'polypeptide(L)'
;MDYQEYQQFLARINTARDACVAKDIDVDLLMARKDYFGRELCKSLNIEYRNDVPFIDIILDIRPEVDPLTIDAPHITPDN
YLYINNVLYIIDYKVSVSNESSVITYDKYYELTRDISDRLSIPIEIVIIRIDPVSRDLHINSDRFKELYPTIVVDINFNQ
FFDLKQLLYEKFGDDEEFLLKVAHGDFTLTAPWCKTGCPEFWKHPIYKEFKMSMPVPERRLFEESVKFNAYESERWNTNL
VKIREYTKKDYSEHISKSAKNIFLASGFYKQPNKNEISEGWTLMVERVQDQREISKSLHDQKPSIHFIWGAHNPGNSNNA
TFKLILLSKSLQSIKGISTYTEAFKSLGKMMDIGDKAIEYEEFCMSLKSKARSSWKQIMNKKLEPKQINNALVLWEQQFM
INNDLIDKSEKLKLFKNFCGIGKHKQFKNKMLEDLEVSKPKILDFDDANMYLASLTMMEQSKKILSKSNGLKPDNFILNE
FGSRIKDANKETYDNMHKIFETGYWQCISDFSTLMKNILSVSQYNRHNTFRIAMCANNNVFAIVFPSADIKTKKATVVYS
IIVLHKEEENIFNPGCLHGTFKCMNGYISISRAIRLDKERCQRIVSSPGLFLTTCLLFKHDNPTLVMSDIMNFSIYTSLS
ITKSVLSLTEPARYMIMNSLAISSNVKDYIAEKFSPYTKTLFSVYMTRLIKNACFDAYDQRQRVQLRDIYLSDYDITQKG
IKDNRELTSIWFPGSVTLKEYLTQIYLPFYFNAKGLHEKHHVMVDLAKTILEIECEQRENIKEIWSTNCTKQTVNLKILI
HSLCKNLLADTSRHNHLRNRIENRNNFRRSITTISTFTSSKSCLKIGDFRKEKELQSVKQKKILEVQSRKMRLANPMFVT
DEQVCLEVGHCNYEMLRNAMPNYTDYISTKVFDRLYELLDKKVLTDKPVIEQIMDMMIDHKKFYFTFFNKGQKTSKDREI
FVGEYEAKMCMYAVERIAKERCKLNPDEMISEPGDGKLKVLEQKSEQEIRFLVETTRQKNREIDEAIEALATEGSGWSHP
QFEKGSGYESNLGKIEKLSLGKAKGLKMEINADMSKWSAQDVFYKYFWLIALDPILYPQEKERILYFMCNYMDKELILPD
ELLFNLLDQKVAYQNDIIATMTNQLNSNTVLIKRNWLQGNFNYTSSYVHSCAMSVYKEILKEAITLLDGSILVNSLVHSD
DNQTSITIVQDKMENDKIIDFAMKEFERACLTFGCQANMKKTYVTNCIKEFVSLFNLYGEPFSIYGRFLLTSVGDCAYIG
PYEDLASRISSAQTAIKHGCPPSLAWVSIAISHWMTSLTYNMLPGQSNDPIDYFPAENRKDIPIELNGVLDAPLSMISTV
GLESGNLYFLIKLLSKYTPVMQKRESVVNQIAEVKNWKVEDLTDNEIFRLKILRYLVLDAEMDPSDIMGETSDMRGRSIL
TPRKFTTAGSLRKLYSFSKYQDRLSSPGGMVELFTYLLEKPELLVTKGEDMKDYMESVIFRYNSKRFKESLSIQNPAQLF
IEQILFSHKPVIDFSGIRDKYINLHDSRALEKEPDILGKVTFTEAYRLLMRDLSSLELTNDDIQVIYSYIILNDPMMITI
ANTHILSIYGSPQRRMGMSCSTMPEFRNLKLIHHSPALVLRAYSKNNPDIQGADPTEMARDLVHLKEFVENTNLEEKMKV
RIAMNEAEKGQRDIVFELKEMTRFYQVCYEYVKSTEHKIKVFILPAKSYTTTDFCSLMQGNLIKDKEWYTVHYLKQILSG
GHKAIMQHNATSEQNIAFECFKLITHFADSFIDSLSRSAFLQLIIDEFSYKDVKVSKLYDIIKNGYNRTDFIPLLFRTGD
LRQADLDKYDAMKSHERVTWNDWQTSRHLDMGSINLTITGYNRSITIIGEDNKLTYAELCLTRKTPENITISGRKLLGSR
HGLKFENMSKIQTYPGNYYITYRKKDRHQFVYQIHSHESITRRNEEHMAIRTRIYNEITPVCVVNVAEVDGDQRILIRSL
DYLNNDIFSLSRIKVGLDEFATIKKAHFSKMVSFEGPPIKTGLLDLTELMKSQDLLNLNYDNIRNSNLISFSKLICCEGS
DNINDGLEFLSDDPMNFTEGEAIHSTPIFNIYYSKRGERHMTYRNAIKLLIERETKIFEEAFTFSENGFISPENLGCLEA
VVSLIKLLKTNEWSTVIDKCIHICLIKNGMDHMYHSFDVPKCFMGNPITRDINWVMFREFINSLPGTDIPPWNVMTENFK
KKCIALINSKFETQRDFSEFTKLMKKEGGRSNIEFD
;
A
2 'polyribonucleotide' ACGAGUGUCGUACCAAG H
3 'polyribonucleotide' UAUCUAUACUUGGUAGUACACUACU T
4 'polyribonucleotide' (GTG)AAUGCUAUAAUAG P
#
# COMPACT_ATOMS: atom_id res chain seq x y z
N MET A 1 -16.06 1.80 -47.57
CA MET A 1 -15.29 2.69 -46.72
C MET A 1 -16.20 3.68 -46.01
N ASP A 2 -15.60 4.58 -45.23
CA ASP A 2 -16.36 5.59 -44.50
C ASP A 2 -15.46 6.79 -44.27
N TYR A 3 -16.08 7.95 -44.05
CA TYR A 3 -15.33 9.16 -43.77
C TYR A 3 -14.70 9.11 -42.38
N GLN A 4 -15.44 8.64 -41.38
CA GLN A 4 -14.95 8.62 -40.01
C GLN A 4 -13.77 7.66 -39.85
N GLU A 5 -13.83 6.48 -40.46
CA GLU A 5 -12.71 5.56 -40.39
C GLU A 5 -11.48 6.14 -41.08
N TYR A 6 -11.68 6.82 -42.21
CA TYR A 6 -10.58 7.51 -42.87
C TYR A 6 -9.95 8.55 -41.95
N GLN A 7 -10.79 9.35 -41.28
CA GLN A 7 -10.27 10.40 -40.41
C GLN A 7 -9.49 9.81 -39.23
N GLN A 8 -10.02 8.77 -38.60
CA GLN A 8 -9.30 8.19 -37.47
C GLN A 8 -8.01 7.50 -37.91
N PHE A 9 -8.02 6.88 -39.09
CA PHE A 9 -6.78 6.26 -39.58
C PHE A 9 -5.72 7.30 -39.89
N LEU A 10 -6.12 8.40 -40.53
CA LEU A 10 -5.16 9.49 -40.86
C LEU A 10 -4.55 10.00 -39.56
N ALA A 11 -5.38 10.24 -38.53
CA ALA A 11 -4.89 10.74 -37.24
C ALA A 11 -3.93 9.73 -36.61
N ARG A 12 -4.25 8.44 -36.70
CA ARG A 12 -3.38 7.39 -36.10
C ARG A 12 -2.01 7.42 -36.78
N ILE A 13 -1.99 7.56 -38.10
CA ILE A 13 -0.69 7.56 -38.85
C ILE A 13 0.13 8.77 -38.40
N ASN A 14 -0.50 9.94 -38.27
CA ASN A 14 0.22 11.18 -37.86
C ASN A 14 0.75 11.01 -36.44
N THR A 15 -0.04 10.42 -35.54
CA THR A 15 0.38 10.22 -34.12
C THR A 15 1.58 9.27 -34.05
N ALA A 16 1.65 8.26 -34.91
CA ALA A 16 2.70 7.22 -34.84
C ALA A 16 4.15 7.71 -34.74
N ARG A 17 4.78 7.61 -33.56
CA ARG A 17 6.21 7.86 -33.42
C ARG A 17 7.05 6.59 -33.34
N ASP A 18 6.49 5.49 -32.84
CA ASP A 18 7.23 4.25 -32.68
C ASP A 18 6.99 3.34 -33.86
N ALA A 19 7.50 2.10 -33.79
CA ALA A 19 7.26 1.10 -34.82
C ALA A 19 6.15 0.12 -34.44
N CYS A 20 5.92 -0.09 -33.15
CA CYS A 20 4.83 -0.95 -32.73
C CYS A 20 3.49 -0.39 -33.17
N VAL A 21 3.29 0.92 -33.00
CA VAL A 21 2.05 1.54 -33.44
C VAL A 21 1.93 1.50 -34.96
N ALA A 22 3.04 1.63 -35.68
CA ALA A 22 2.99 1.52 -37.14
C ALA A 22 2.59 0.12 -37.57
N LYS A 23 3.12 -0.91 -36.91
CA LYS A 23 2.72 -2.28 -37.24
C LYS A 23 1.26 -2.53 -36.88
N ASP A 24 0.80 -1.95 -35.77
CA ASP A 24 -0.60 -2.06 -35.41
C ASP A 24 -1.50 -1.41 -36.47
N ILE A 25 -1.10 -0.25 -36.97
CA ILE A 25 -1.86 0.40 -38.03
C ILE A 25 -1.84 -0.46 -39.30
N ASP A 26 -0.70 -1.07 -39.62
CA ASP A 26 -0.65 -1.93 -40.80
C ASP A 26 -1.62 -3.10 -40.67
N VAL A 27 -1.57 -3.80 -39.54
CA VAL A 27 -2.40 -5.00 -39.39
C VAL A 27 -3.87 -4.62 -39.30
N ASP A 28 -4.20 -3.51 -38.63
CA ASP A 28 -5.59 -3.13 -38.55
C ASP A 28 -6.13 -2.60 -39.88
N LEU A 29 -5.27 -1.99 -40.69
CA LEU A 29 -5.65 -1.63 -42.05
C LEU A 29 -5.93 -2.87 -42.89
N LEU A 30 -5.08 -3.89 -42.76
CA LEU A 30 -5.25 -5.12 -43.56
C LEU A 30 -6.53 -5.84 -43.15
N MET A 31 -6.82 -5.91 -41.85
CA MET A 31 -8.10 -6.51 -41.39
C MET A 31 -9.28 -5.65 -41.86
N ALA A 32 -9.12 -4.33 -41.89
CA ALA A 32 -10.20 -3.45 -42.40
C ALA A 32 -10.45 -3.78 -43.87
N ARG A 33 -9.38 -4.00 -44.64
CA ARG A 33 -9.53 -4.36 -46.07
C ARG A 33 -10.25 -5.70 -46.17
N LYS A 34 -10.08 -6.57 -45.16
CA LYS A 34 -10.77 -7.85 -45.18
C LYS A 34 -12.23 -7.70 -44.77
N ASP A 35 -12.50 -6.89 -43.75
CA ASP A 35 -13.87 -6.67 -43.29
C ASP A 35 -14.70 -5.98 -44.36
N TYR A 36 -14.12 -4.99 -45.05
CA TYR A 36 -14.82 -4.31 -46.13
C TYR A 36 -15.16 -5.30 -47.25
N PHE A 37 -14.18 -6.12 -47.64
CA PHE A 37 -14.44 -7.13 -48.66
C PHE A 37 -15.56 -8.07 -48.25
N GLY A 38 -15.50 -8.57 -47.01
CA GLY A 38 -16.52 -9.48 -46.55
C GLY A 38 -17.91 -8.85 -46.52
N ARG A 39 -17.96 -7.60 -46.06
CA ARG A 39 -19.24 -6.86 -45.99
C ARG A 39 -19.81 -6.76 -47.41
N GLU A 40 -19.04 -6.23 -48.36
CA GLU A 40 -19.55 -6.02 -49.73
C GLU A 40 -19.90 -7.37 -50.37
N LEU A 41 -19.05 -8.38 -50.21
CA LEU A 41 -19.32 -9.68 -50.89
C LEU A 41 -20.62 -10.25 -50.33
N CYS A 42 -20.82 -10.17 -49.02
CA CYS A 42 -22.08 -10.66 -48.40
C CYS A 42 -23.25 -9.83 -48.93
N LYS A 43 -23.13 -8.50 -48.91
CA LYS A 43 -24.17 -7.67 -49.52
C LYS A 43 -24.56 -8.20 -50.89
N SER A 44 -23.56 -8.60 -51.69
CA SER A 44 -23.81 -9.08 -53.03
C SER A 44 -24.04 -10.58 -53.12
N LEU A 45 -23.84 -11.32 -52.03
CA LEU A 45 -24.03 -12.77 -52.04
C LEU A 45 -25.40 -13.21 -51.56
N ASN A 46 -26.29 -12.27 -51.24
CA ASN A 46 -27.64 -12.57 -50.75
C ASN A 46 -27.61 -13.43 -49.49
N ILE A 47 -26.58 -13.28 -48.67
CA ILE A 47 -26.38 -14.10 -47.48
C ILE A 47 -26.14 -13.19 -46.29
N GLU A 48 -26.38 -13.74 -45.10
CA GLU A 48 -26.16 -12.99 -43.87
C GLU A 48 -24.67 -12.75 -43.66
N TYR A 49 -24.36 -11.61 -43.03
CA TYR A 49 -22.98 -11.22 -42.79
C TYR A 49 -22.49 -11.85 -41.51
N ARG A 50 -21.50 -12.74 -41.65
CA ARG A 50 -20.89 -13.38 -40.46
C ARG A 50 -19.42 -12.94 -40.40
N ASN A 51 -18.78 -13.11 -39.25
CA ASN A 51 -17.40 -12.68 -39.03
C ASN A 51 -16.78 -13.58 -37.95
N ASP A 52 -16.01 -14.56 -38.40
CA ASP A 52 -15.34 -15.50 -37.50
C ASP A 52 -16.33 -16.18 -36.56
N VAL A 53 -17.45 -16.62 -37.13
CA VAL A 53 -18.47 -17.28 -36.32
C VAL A 53 -17.92 -18.59 -35.78
N PRO A 54 -18.18 -18.95 -34.52
CA PRO A 54 -17.70 -20.24 -34.01
C PRO A 54 -18.33 -21.40 -34.75
N PHE A 55 -17.58 -22.50 -34.84
CA PHE A 55 -18.05 -23.69 -35.55
C PHE A 55 -19.19 -24.38 -34.80
N ILE A 56 -19.12 -24.36 -33.46
CA ILE A 56 -20.18 -24.96 -32.65
C ILE A 56 -21.49 -24.22 -32.88
N ASP A 57 -21.44 -22.90 -33.04
CA ASP A 57 -22.64 -22.15 -33.38
C ASP A 57 -23.19 -22.55 -34.73
N ILE A 58 -22.30 -22.84 -35.68
CA ILE A 58 -22.73 -23.30 -36.99
C ILE A 58 -23.48 -24.62 -36.87
N ILE A 59 -22.91 -25.57 -36.11
CA ILE A 59 -23.56 -26.86 -35.94
C ILE A 59 -24.91 -26.69 -35.25
N LEU A 60 -24.97 -25.83 -34.22
CA LEU A 60 -26.24 -25.59 -33.54
C LEU A 60 -27.27 -24.98 -34.47
N ASP A 61 -26.84 -24.09 -35.37
CA ASP A 61 -27.79 -23.46 -36.28
C ASP A 61 -28.33 -24.46 -37.30
N ILE A 62 -27.44 -25.23 -37.93
CA ILE A 62 -27.91 -26.16 -38.95
C ILE A 62 -28.75 -27.29 -38.36
N ARG A 63 -28.44 -27.75 -37.15
CA ARG A 63 -29.24 -28.78 -36.52
C ARG A 63 -29.24 -28.59 -35.00
N PRO A 64 -30.23 -27.89 -34.45
CA PRO A 64 -30.24 -27.62 -33.01
C PRO A 64 -30.67 -28.79 -32.15
N GLU A 65 -31.06 -29.91 -32.75
CA GLU A 65 -31.56 -31.06 -32.01
C GLU A 65 -30.45 -31.97 -31.49
N VAL A 66 -29.21 -31.64 -31.77
CA VAL A 66 -28.06 -32.43 -31.33
C VAL A 66 -27.59 -31.91 -29.98
N ASP A 67 -26.96 -32.77 -29.20
CA ASP A 67 -26.38 -32.37 -27.93
C ASP A 67 -25.13 -31.54 -28.17
N PRO A 68 -25.07 -30.29 -27.71
CA PRO A 68 -23.86 -29.47 -27.90
C PRO A 68 -22.72 -29.78 -26.96
N LEU A 69 -22.80 -30.87 -26.18
CA LEU A 69 -21.70 -31.29 -25.34
C LEU A 69 -20.96 -32.51 -25.87
N THR A 70 -21.62 -33.37 -26.63
CA THR A 70 -20.94 -34.49 -27.28
C THR A 70 -20.13 -34.04 -28.48
N ILE A 71 -20.36 -32.83 -28.97
CA ILE A 71 -19.65 -32.32 -30.15
C ILE A 71 -18.29 -31.80 -29.72
N ASP A 72 -17.24 -32.24 -30.40
CA ASP A 72 -15.91 -31.71 -30.14
C ASP A 72 -15.81 -30.28 -30.68
N ALA A 73 -14.93 -29.50 -30.06
CA ALA A 73 -14.75 -28.11 -30.45
C ALA A 73 -13.43 -27.99 -31.21
N PRO A 74 -13.45 -27.86 -32.53
CA PRO A 74 -12.21 -27.72 -33.28
C PRO A 74 -11.68 -26.30 -33.21
N HIS A 75 -10.37 -26.17 -33.44
CA HIS A 75 -9.72 -24.86 -33.40
C HIS A 75 -10.19 -23.93 -34.50
N ILE A 76 -10.90 -24.45 -35.50
CA ILE A 76 -11.36 -23.63 -36.62
C ILE A 76 -12.32 -22.57 -36.11
N THR A 77 -12.22 -21.37 -36.68
CA THR A 77 -13.18 -20.29 -36.46
C THR A 77 -13.66 -19.81 -37.83
N PRO A 78 -14.64 -20.51 -38.42
CA PRO A 78 -15.06 -20.18 -39.78
C PRO A 78 -15.53 -18.74 -39.90
N ASP A 79 -15.16 -18.09 -41.01
CA ASP A 79 -15.54 -16.67 -41.21
C ASP A 79 -17.06 -16.56 -41.42
N ASN A 80 -17.60 -17.28 -42.40
CA ASN A 80 -19.05 -17.26 -42.69
C ASN A 80 -19.47 -18.70 -42.97
N TYR A 81 -20.76 -19.00 -42.92
CA TYR A 81 -21.20 -20.37 -43.29
C TYR A 81 -22.44 -20.27 -44.19
N LEU A 82 -22.81 -21.39 -44.83
CA LEU A 82 -23.99 -21.37 -45.68
C LEU A 82 -24.53 -22.79 -45.78
N TYR A 83 -25.79 -22.98 -45.42
CA TYR A 83 -26.44 -24.28 -45.46
C TYR A 83 -27.53 -24.28 -46.51
N ILE A 84 -27.47 -25.25 -47.42
CA ILE A 84 -28.49 -25.39 -48.47
C ILE A 84 -28.46 -26.83 -48.98
N ASN A 85 -29.64 -27.42 -49.12
CA ASN A 85 -29.81 -28.78 -49.66
C ASN A 85 -28.94 -29.79 -48.92
N ASN A 86 -29.07 -29.77 -47.59
CA ASN A 86 -28.25 -30.58 -46.66
C ASN A 86 -26.79 -30.57 -47.08
N VAL A 87 -26.31 -29.39 -47.46
CA VAL A 87 -24.94 -29.16 -47.90
C VAL A 87 -24.43 -27.91 -47.19
N LEU A 88 -23.26 -28.00 -46.55
CA LEU A 88 -22.74 -26.92 -45.72
C LEU A 88 -21.42 -26.42 -46.31
N TYR A 89 -21.36 -25.12 -46.58
CA TYR A 89 -20.15 -24.45 -47.03
C TYR A 89 -19.56 -23.62 -45.90
N ILE A 90 -18.26 -23.81 -45.66
CA ILE A 90 -17.50 -23.04 -44.67
C ILE A 90 -16.86 -21.89 -45.45
N ILE A 91 -17.54 -20.76 -45.50
CA ILE A 91 -17.11 -19.63 -46.31
C ILE A 91 -15.97 -18.91 -45.63
N ASP A 92 -14.95 -18.56 -46.41
CA ASP A 92 -13.81 -17.78 -45.98
C ASP A 92 -13.67 -16.55 -46.88
N TYR A 93 -12.79 -15.64 -46.48
CA TYR A 93 -12.56 -14.42 -47.25
C TYR A 93 -11.08 -14.09 -47.24
N LYS A 94 -10.47 -14.02 -48.42
CA LYS A 94 -9.06 -13.71 -48.57
C LYS A 94 -8.88 -12.58 -49.58
N VAL A 95 -8.04 -11.60 -49.24
CA VAL A 95 -7.72 -10.48 -50.17
C VAL A 95 -6.27 -10.65 -50.58
N SER A 96 -5.75 -11.86 -50.47
CA SER A 96 -4.34 -12.15 -50.84
C SER A 96 -4.16 -12.12 -52.36
N VAL A 97 -2.98 -11.74 -52.83
CA VAL A 97 -2.70 -11.73 -54.31
C VAL A 97 -2.14 -13.10 -54.71
N SER A 98 -1.97 -14.02 -53.76
CA SER A 98 -1.53 -15.39 -54.12
C SER A 98 -2.37 -16.43 -53.38
N ASN A 99 -2.31 -17.68 -53.83
CA ASN A 99 -3.06 -18.78 -53.16
C ASN A 99 -2.16 -19.32 -52.05
N GLU A 100 -1.03 -18.65 -51.79
CA GLU A 100 -0.05 -19.14 -50.79
C GLU A 100 -0.71 -19.31 -49.42
N SER A 101 -1.61 -18.41 -49.03
CA SER A 101 -2.35 -18.56 -47.75
C SER A 101 -3.67 -19.29 -48.00
N SER A 102 -4.35 -18.98 -49.11
CA SER A 102 -5.63 -19.59 -49.44
C SER A 102 -5.56 -21.11 -49.31
N VAL A 103 -4.57 -21.73 -49.96
CA VAL A 103 -4.48 -23.19 -49.90
C VAL A 103 -4.10 -23.66 -48.50
N ILE A 104 -3.26 -22.90 -47.79
CA ILE A 104 -2.92 -23.27 -46.42
C ILE A 104 -4.17 -23.30 -45.56
N THR A 105 -5.01 -22.26 -45.66
CA THR A 105 -6.23 -22.20 -44.89
C THR A 105 -7.20 -23.30 -45.28
N TYR A 106 -7.32 -23.58 -46.59
CA TYR A 106 -8.23 -24.64 -47.03
C TYR A 106 -7.80 -25.99 -46.48
N ASP A 107 -6.50 -26.29 -46.55
CA ASP A 107 -6.03 -27.57 -46.02
C ASP A 107 -6.19 -27.66 -44.51
N LYS A 108 -5.94 -26.56 -43.79
CA LYS A 108 -6.16 -26.56 -42.36
C LYS A 108 -7.62 -26.82 -42.03
N TYR A 109 -8.53 -26.16 -42.76
CA TYR A 109 -9.96 -26.35 -42.52
C TYR A 109 -10.37 -27.79 -42.82
N TYR A 110 -9.88 -28.35 -43.92
CA TYR A 110 -10.17 -29.74 -44.23
C TYR A 110 -9.71 -30.67 -43.10
N GLU A 111 -8.46 -30.49 -42.67
CA GLU A 111 -7.90 -31.33 -41.62
C GLU A 111 -8.71 -31.22 -40.33
N LEU A 112 -9.15 -30.01 -39.99
CA LEU A 112 -9.85 -29.80 -38.73
C LEU A 112 -11.34 -30.13 -38.80
N THR A 113 -11.91 -30.28 -40.00
CA THR A 113 -13.35 -30.43 -40.10
C THR A 113 -13.82 -31.78 -40.65
N ARG A 114 -12.95 -32.58 -41.26
CA ARG A 114 -13.44 -33.84 -41.83
C ARG A 114 -13.94 -34.80 -40.75
N ASP A 115 -13.28 -34.83 -39.59
CA ASP A 115 -13.71 -35.72 -38.51
C ASP A 115 -15.13 -35.39 -38.08
N ILE A 116 -15.40 -34.11 -37.84
CA ILE A 116 -16.74 -33.70 -37.42
C ILE A 116 -17.73 -33.91 -38.55
N SER A 117 -17.32 -33.71 -39.81
CA SER A 117 -18.21 -33.98 -40.92
C SER A 117 -18.64 -35.43 -40.96
N ASP A 118 -17.70 -36.34 -40.70
CA ASP A 118 -17.97 -37.76 -40.73
C ASP A 118 -18.71 -38.27 -39.49
N ARG A 119 -18.58 -37.60 -38.35
CA ARG A 119 -19.32 -38.03 -37.18
C ARG A 119 -20.79 -37.64 -37.26
N LEU A 120 -21.13 -36.56 -37.96
CA LEU A 120 -22.52 -36.18 -38.19
C LEU A 120 -23.08 -36.79 -39.47
N SER A 121 -22.24 -37.38 -40.31
CA SER A 121 -22.66 -38.05 -41.54
C SER A 121 -23.49 -37.13 -42.42
N ILE A 122 -23.04 -35.88 -42.54
CA ILE A 122 -23.71 -34.90 -43.40
C ILE A 122 -22.67 -34.25 -44.31
N PRO A 123 -23.01 -33.98 -45.57
CA PRO A 123 -22.03 -33.39 -46.49
C PRO A 123 -21.70 -31.93 -46.19
N ILE A 124 -20.45 -31.65 -45.85
CA ILE A 124 -20.00 -30.28 -45.66
C ILE A 124 -18.81 -30.02 -46.58
N GLU A 125 -18.65 -28.76 -46.96
CA GLU A 125 -17.61 -28.35 -47.89
C GLU A 125 -16.90 -27.13 -47.32
N ILE A 126 -15.83 -26.72 -47.99
CA ILE A 126 -15.07 -25.53 -47.63
C ILE A 126 -14.93 -24.66 -48.87
N VAL A 127 -15.28 -23.39 -48.74
CA VAL A 127 -15.24 -22.45 -49.85
C VAL A 127 -14.29 -21.31 -49.49
N ILE A 128 -13.35 -21.02 -50.37
CA ILE A 128 -12.41 -19.93 -50.20
C ILE A 128 -12.64 -18.93 -51.32
N ILE A 129 -12.82 -17.66 -50.95
CA ILE A 129 -13.00 -16.61 -51.92
C ILE A 129 -11.79 -15.69 -51.88
N ARG A 130 -10.96 -15.81 -52.92
CA ARG A 130 -9.75 -14.96 -53.00
C ARG A 130 -10.02 -13.82 -53.96
N ILE A 131 -9.66 -12.60 -53.58
CA ILE A 131 -9.79 -11.43 -54.44
C ILE A 131 -8.44 -10.73 -54.53
N ASP A 132 -8.03 -10.37 -55.74
CA ASP A 132 -6.77 -9.60 -55.88
C ASP A 132 -7.11 -8.14 -55.59
N PRO A 133 -6.37 -7.44 -54.70
CA PRO A 133 -6.65 -6.02 -54.49
C PRO A 133 -6.39 -5.20 -55.76
N VAL A 134 -5.29 -5.47 -56.47
CA VAL A 134 -4.93 -4.69 -57.69
C VAL A 134 -5.99 -4.88 -58.78
N SER A 135 -6.42 -6.13 -59.03
CA SER A 135 -7.50 -6.42 -60.02
C SER A 135 -8.60 -7.16 -59.27
N ARG A 136 -9.85 -6.71 -59.35
CA ARG A 136 -10.90 -7.33 -58.51
C ARG A 136 -11.36 -8.65 -59.15
N ASP A 137 -10.49 -9.66 -59.12
CA ASP A 137 -10.83 -10.99 -59.68
C ASP A 137 -11.35 -11.85 -58.54
N LEU A 138 -12.32 -12.72 -58.82
CA LEU A 138 -12.84 -13.62 -57.80
C LEU A 138 -12.35 -15.02 -58.10
N HIS A 139 -11.69 -15.66 -57.13
CA HIS A 139 -11.22 -17.03 -57.25
C HIS A 139 -11.93 -17.88 -56.21
N ILE A 140 -12.62 -18.93 -56.67
CA ILE A 140 -13.32 -19.86 -55.81
C ILE A 140 -12.84 -21.27 -56.17
N ASN A 141 -12.47 -22.05 -55.15
CA ASN A 141 -11.97 -23.39 -55.38
C ASN A 141 -13.06 -24.45 -55.35
N SER A 142 -14.10 -24.22 -54.55
CA SER A 142 -15.20 -25.22 -54.42
C SER A 142 -16.00 -25.28 -55.72
N ASP A 143 -15.96 -26.43 -56.39
CA ASP A 143 -16.68 -26.60 -57.69
C ASP A 143 -18.18 -26.46 -57.46
N ARG A 144 -18.71 -27.06 -56.40
CA ARG A 144 -20.18 -27.03 -56.13
C ARG A 144 -20.60 -25.60 -55.80
N PHE A 145 -19.76 -24.86 -55.05
CA PHE A 145 -20.08 -23.46 -54.78
C PHE A 145 -20.15 -22.66 -56.08
N LYS A 146 -19.25 -22.92 -57.02
CA LYS A 146 -19.32 -22.25 -58.31
C LYS A 146 -20.60 -22.59 -59.05
N GLU A 147 -21.03 -23.86 -58.99
CA GLU A 147 -22.30 -24.23 -59.60
C GLU A 147 -23.46 -23.55 -58.90
N LEU A 148 -23.39 -23.38 -57.58
CA LEU A 148 -24.46 -22.73 -56.84
C LEU A 148 -24.57 -21.25 -57.21
N TYR A 149 -23.43 -20.56 -57.31
CA TYR A 149 -23.37 -19.13 -57.58
C TYR A 149 -22.47 -18.89 -58.78
N PRO A 150 -22.97 -19.13 -60.00
CA PRO A 150 -22.15 -18.89 -61.20
C PRO A 150 -22.09 -17.45 -61.63
N THR A 151 -23.01 -16.60 -61.17
CA THR A 151 -23.11 -15.22 -61.63
C THR A 151 -23.05 -14.28 -60.41
N ILE A 152 -21.84 -13.81 -60.09
CA ILE A 152 -21.66 -12.82 -59.04
C ILE A 152 -20.75 -11.72 -59.56
N VAL A 153 -21.12 -10.47 -59.31
CA VAL A 153 -20.34 -9.31 -59.73
C VAL A 153 -20.08 -8.43 -58.52
N VAL A 154 -18.90 -7.83 -58.49
CA VAL A 154 -18.48 -7.00 -57.36
C VAL A 154 -18.09 -5.62 -57.89
N ASP A 155 -18.45 -4.60 -57.13
CA ASP A 155 -18.23 -3.21 -57.55
C ASP A 155 -17.42 -2.45 -56.51
N ILE A 156 -16.31 -3.05 -56.05
CA ILE A 156 -15.51 -2.45 -55.00
C ILE A 156 -14.21 -1.90 -55.57
N ASN A 157 -13.47 -1.17 -54.74
CA ASN A 157 -12.19 -0.61 -55.14
C ASN A 157 -11.29 -0.56 -53.91
N PHE A 158 -9.99 -0.51 -54.14
CA PHE A 158 -8.99 -0.49 -53.08
C PHE A 158 -8.01 0.66 -53.28
N ASN A 159 -8.55 1.85 -53.57
CA ASN A 159 -7.70 3.03 -53.72
C ASN A 159 -7.43 3.71 -52.39
N GLN A 160 -8.45 3.84 -51.54
CA GLN A 160 -8.23 4.45 -50.23
C GLN A 160 -7.28 3.60 -49.38
N PHE A 161 -7.48 2.28 -49.39
CA PHE A 161 -6.61 1.41 -48.61
C PHE A 161 -5.17 1.47 -49.11
N PHE A 162 -5.01 1.39 -50.43
CA PHE A 162 -3.65 1.42 -51.02
C PHE A 162 -2.99 2.74 -50.62
N ASP A 163 -3.73 3.84 -50.77
CA ASP A 163 -3.12 5.16 -50.49
C ASP A 163 -2.67 5.21 -49.03
N LEU A 164 -3.53 4.78 -48.10
CA LEU A 164 -3.17 4.88 -46.66
C LEU A 164 -1.98 3.98 -46.36
N LYS A 165 -1.98 2.77 -46.94
CA LYS A 165 -0.88 1.84 -46.63
C LYS A 165 0.42 2.49 -47.12
N GLN A 166 0.41 3.07 -48.31
CA GLN A 166 1.65 3.69 -48.88
C GLN A 166 2.06 4.89 -48.05
N LEU A 167 1.10 5.68 -47.57
CA LEU A 167 1.41 6.86 -46.71
C LEU A 167 2.11 6.38 -45.44
N LEU A 168 1.61 5.30 -44.82
CA LEU A 168 2.29 4.75 -43.62
C LEU A 168 3.67 4.22 -44.00
N TYR A 169 3.79 3.53 -45.14
CA TYR A 169 5.07 2.87 -45.52
C TYR A 169 6.09 3.92 -45.96
N GLU A 170 5.63 5.05 -46.50
CA GLU A 170 6.58 6.11 -46.81
C GLU A 170 6.93 6.96 -45.61
N LYS A 171 6.04 7.05 -44.61
CA LYS A 171 6.40 7.72 -43.37
C LYS A 171 7.44 6.91 -42.60
N PHE A 172 7.33 5.59 -42.62
CA PHE A 172 8.24 4.71 -41.90
C PHE A 172 9.14 3.91 -42.84
N GLY A 173 9.38 4.44 -44.04
CA GLY A 173 10.24 3.75 -45.00
C GLY A 173 11.69 3.68 -44.56
N ASP A 174 12.18 4.72 -43.90
CA ASP A 174 13.56 4.77 -43.45
C ASP A 174 13.81 3.97 -42.17
N ASP A 175 12.77 3.45 -41.54
CA ASP A 175 12.91 2.71 -40.30
C ASP A 175 13.31 1.27 -40.59
N GLU A 176 14.26 0.77 -39.81
CA GLU A 176 14.67 -0.63 -39.91
C GLU A 176 13.77 -1.55 -39.10
N GLU A 177 13.42 -1.13 -37.88
CA GLU A 177 12.57 -1.97 -37.03
C GLU A 177 11.18 -2.13 -37.62
N PHE A 178 10.62 -1.07 -38.20
CA PHE A 178 9.30 -1.16 -38.83
C PHE A 178 9.32 -2.14 -40.00
N LEU A 179 10.35 -2.06 -40.84
CA LEU A 179 10.46 -2.97 -41.97
C LEU A 179 10.63 -4.41 -41.49
N LEU A 180 11.47 -4.60 -40.47
CA LEU A 180 11.67 -5.93 -39.91
C LEU A 180 10.37 -6.49 -39.33
N LYS A 181 9.54 -5.63 -38.73
CA LYS A 181 8.26 -6.06 -38.20
C LYS A 181 7.30 -6.44 -39.31
N VAL A 182 7.14 -5.57 -40.31
CA VAL A 182 6.16 -5.82 -41.36
C VAL A 182 6.58 -6.96 -42.28
N ALA A 183 7.86 -7.32 -42.28
CA ALA A 183 8.29 -8.48 -43.05
C ALA A 183 7.69 -9.78 -42.53
N HIS A 184 7.15 -9.78 -41.31
CA HIS A 184 6.55 -10.98 -40.72
C HIS A 184 5.17 -10.69 -40.17
N GLY A 185 4.61 -11.65 -39.42
CA GLY A 185 3.25 -11.56 -38.93
C GLY A 185 3.03 -10.53 -37.83
N ASP A 186 1.91 -10.67 -37.12
CA ASP A 186 1.53 -9.72 -36.08
C ASP A 186 2.32 -9.86 -34.79
N PHE A 187 2.92 -11.02 -34.55
CA PHE A 187 3.80 -11.20 -33.39
C PHE A 187 5.15 -10.58 -33.73
N THR A 188 5.39 -9.38 -33.20
CA THR A 188 6.57 -8.62 -33.55
C THR A 188 7.73 -8.97 -32.64
N LEU A 189 8.90 -9.15 -33.22
CA LEU A 189 10.12 -9.47 -32.50
C LEU A 189 11.20 -8.49 -32.97
N THR A 190 11.83 -7.79 -32.04
CA THR A 190 12.76 -6.73 -32.38
C THR A 190 14.08 -7.36 -32.83
N ALA A 191 15.04 -6.54 -33.23
CA ALA A 191 16.33 -7.03 -33.69
C ALA A 191 17.07 -7.72 -32.56
N PRO A 192 17.89 -8.72 -32.87
CA PRO A 192 18.59 -9.46 -31.81
C PRO A 192 19.56 -8.58 -31.04
N TRP A 193 19.74 -8.92 -29.77
CA TRP A 193 20.66 -8.22 -28.89
C TRP A 193 22.10 -8.67 -29.08
N CYS A 194 22.33 -9.70 -29.87
CA CYS A 194 23.69 -10.16 -30.15
C CYS A 194 23.66 -10.88 -31.49
N LYS A 195 24.85 -11.01 -32.09
CA LYS A 195 24.96 -11.60 -33.42
C LYS A 195 25.39 -13.07 -33.40
N THR A 196 26.03 -13.52 -32.33
CA THR A 196 26.44 -14.91 -32.23
C THR A 196 26.08 -15.45 -30.85
N GLY A 197 25.92 -16.77 -30.74
CA GLY A 197 25.50 -17.37 -29.45
C GLY A 197 26.70 -17.82 -28.63
N CYS A 198 26.50 -18.75 -27.70
CA CYS A 198 27.66 -19.28 -26.95
C CYS A 198 27.86 -20.76 -27.27
N PRO A 199 28.94 -21.21 -27.98
CA PRO A 199 29.17 -22.64 -28.18
C PRO A 199 29.64 -23.32 -26.88
N GLU A 200 30.15 -22.54 -25.93
CA GLU A 200 30.68 -23.07 -24.65
C GLU A 200 29.57 -23.63 -23.76
N PHE A 201 28.33 -23.16 -23.92
CA PHE A 201 27.21 -23.57 -23.05
C PHE A 201 27.00 -25.08 -23.19
N TRP A 202 27.09 -25.59 -24.41
CA TRP A 202 26.83 -27.04 -24.66
C TRP A 202 27.84 -27.93 -23.95
N LYS A 203 29.05 -27.44 -23.70
CA LYS A 203 30.11 -28.27 -23.08
C LYS A 203 30.26 -27.95 -21.58
N HIS A 204 29.37 -27.13 -21.02
CA HIS A 204 29.52 -26.71 -19.59
C HIS A 204 29.29 -27.90 -18.66
N PRO A 205 30.05 -28.10 -17.54
CA PRO A 205 29.76 -29.20 -16.62
C PRO A 205 28.37 -29.12 -16.01
N ILE A 206 27.90 -27.91 -15.69
CA ILE A 206 26.57 -27.75 -15.12
C ILE A 206 25.51 -28.16 -16.14
N TYR A 207 25.68 -27.76 -17.40
CA TYR A 207 24.72 -28.14 -18.41
C TYR A 207 24.74 -29.64 -18.65
N LYS A 208 25.92 -30.26 -18.63
CA LYS A 208 25.99 -31.71 -18.81
C LYS A 208 25.29 -32.44 -17.67
N GLU A 209 25.48 -31.96 -16.43
CA GLU A 209 24.78 -32.55 -15.30
C GLU A 209 23.27 -32.38 -15.44
N PHE A 210 22.83 -31.20 -15.88
CA PHE A 210 21.40 -30.96 -16.06
C PHE A 210 20.82 -31.83 -17.17
N LYS A 211 21.57 -32.04 -18.24
CA LYS A 211 21.08 -32.81 -19.38
C LYS A 211 21.04 -34.30 -19.08
N MET A 212 22.07 -34.82 -18.41
CA MET A 212 22.08 -36.25 -18.11
C MET A 212 21.09 -36.64 -17.02
N SER A 213 20.49 -35.67 -16.34
CA SER A 213 19.49 -35.96 -15.32
C SER A 213 18.09 -36.09 -15.88
N MET A 214 17.89 -35.78 -17.16
CA MET A 214 16.59 -35.83 -17.80
C MET A 214 16.49 -37.05 -18.70
N PRO A 215 15.27 -37.52 -18.95
CA PRO A 215 15.08 -38.57 -19.95
C PRO A 215 15.45 -38.08 -21.35
N VAL A 216 15.77 -39.03 -22.22
CA VAL A 216 16.26 -38.68 -23.56
C VAL A 216 15.27 -37.80 -24.33
N PRO A 217 13.97 -38.10 -24.38
CA PRO A 217 13.06 -37.18 -25.07
C PRO A 217 13.06 -35.79 -24.48
N GLU A 218 13.20 -35.66 -23.16
CA GLU A 218 13.28 -34.33 -22.56
C GLU A 218 14.54 -33.60 -22.98
N ARG A 219 15.66 -34.32 -23.11
CA ARG A 219 16.88 -33.70 -23.62
C ARG A 219 16.68 -33.20 -25.04
N ARG A 220 16.03 -34.02 -25.88
CA ARG A 220 15.76 -33.60 -27.25
C ARG A 220 14.88 -32.36 -27.27
N LEU A 221 13.86 -32.33 -26.42
CA LEU A 221 12.96 -31.18 -26.37
C LEU A 221 13.69 -29.92 -25.92
N PHE A 222 14.55 -30.04 -24.90
CA PHE A 222 15.29 -28.87 -24.44
C PHE A 222 16.22 -28.35 -25.54
N GLU A 223 16.94 -29.24 -26.21
CA GLU A 223 17.87 -28.80 -27.23
C GLU A 223 17.16 -28.23 -28.45
N GLU A 224 15.97 -28.73 -28.76
CA GLU A 224 15.19 -28.16 -29.85
C GLU A 224 14.53 -26.85 -29.46
N SER A 225 14.22 -26.66 -28.18
CA SER A 225 13.62 -25.42 -27.72
C SER A 225 14.63 -24.29 -27.63
N VAL A 226 15.87 -24.60 -27.25
CA VAL A 226 16.89 -23.56 -27.19
C VAL A 226 17.15 -22.98 -28.57
N LYS A 227 17.19 -23.84 -29.59
CA LYS A 227 17.52 -23.42 -30.95
C LYS A 227 16.30 -22.95 -31.75
N PHE A 228 15.13 -22.94 -31.13
CA PHE A 228 13.93 -22.48 -31.83
C PHE A 228 13.98 -20.97 -32.05
N ASN A 229 13.62 -20.54 -33.24
CA ASN A 229 13.60 -19.13 -33.61
C ASN A 229 12.16 -18.75 -33.95
N ALA A 230 11.50 -18.04 -33.04
CA ALA A 230 10.11 -17.65 -33.27
C ALA A 230 9.96 -16.65 -34.41
N TYR A 231 11.04 -16.02 -34.84
CA TYR A 231 11.01 -15.05 -35.93
C TYR A 231 11.25 -15.72 -37.27
N GLU A 232 11.57 -17.01 -37.28
CA GLU A 232 11.90 -17.69 -38.56
C GLU A 232 11.02 -18.93 -38.71
N SER A 233 10.26 -19.27 -37.68
CA SER A 233 9.30 -20.41 -37.76
C SER A 233 8.01 -19.97 -38.44
N GLU A 234 7.18 -20.94 -38.84
CA GLU A 234 5.90 -20.62 -39.50
C GLU A 234 5.01 -19.85 -38.52
N ARG A 235 4.98 -20.26 -37.25
CA ARG A 235 4.16 -19.56 -36.23
C ARG A 235 5.04 -19.35 -34.99
N TRP A 236 4.73 -18.32 -34.19
CA TRP A 236 5.58 -18.01 -33.01
C TRP A 236 5.41 -19.09 -31.95
N ASN A 237 4.25 -19.72 -31.90
CA ASN A 237 3.97 -20.68 -30.83
C ASN A 237 4.12 -22.12 -31.28
N THR A 238 4.88 -22.36 -32.36
CA THR A 238 5.06 -23.73 -32.82
C THR A 238 5.78 -24.58 -31.79
N ASN A 239 6.80 -24.03 -31.14
CA ASN A 239 7.55 -24.78 -30.15
C ASN A 239 6.75 -25.01 -28.88
N LEU A 240 6.06 -23.98 -28.39
CA LEU A 240 5.30 -24.11 -27.15
C LEU A 240 4.13 -25.07 -27.32
N VAL A 241 3.45 -25.01 -28.46
CA VAL A 241 2.31 -25.90 -28.69
C VAL A 241 2.79 -27.35 -28.80
N LYS A 242 3.89 -27.58 -29.51
CA LYS A 242 4.39 -28.95 -29.65
C LYS A 242 4.78 -29.54 -28.30
N ILE A 243 5.49 -28.77 -27.49
CA ILE A 243 5.93 -29.28 -26.19
C ILE A 243 4.75 -29.45 -25.25
N ARG A 244 3.77 -28.54 -25.33
CA ARG A 244 2.56 -28.69 -24.52
C ARG A 244 1.81 -29.96 -24.89
N GLU A 245 1.72 -30.27 -26.18
CA GLU A 245 1.06 -31.48 -26.62
C GLU A 245 1.83 -32.74 -26.23
N TYR A 246 3.17 -32.68 -26.25
CA TYR A 246 3.95 -33.86 -25.90
C TYR A 246 3.75 -34.26 -24.44
N THR A 247 3.66 -33.28 -23.54
CA THR A 247 3.54 -33.54 -22.11
C THR A 247 2.11 -33.48 -21.62
N LYS A 248 1.13 -33.42 -22.53
CA LYS A 248 -0.26 -33.27 -22.10
C LYS A 248 -0.77 -34.48 -21.35
N LYS A 249 -0.42 -35.69 -21.77
CA LYS A 249 -0.97 -36.88 -21.12
C LYS A 249 -0.50 -36.99 -19.68
N ASP A 250 0.78 -36.72 -19.41
CA ASP A 250 1.27 -36.80 -18.05
C ASP A 250 0.66 -35.72 -17.18
N TYR A 251 0.48 -34.52 -17.72
CA TYR A 251 -0.16 -33.45 -16.97
C TYR A 251 -1.60 -33.82 -16.62
N SER A 252 -2.34 -34.36 -17.60
CA SER A 252 -3.71 -34.76 -17.34
C SER A 252 -3.78 -35.87 -16.31
N GLU A 253 -2.89 -36.86 -16.40
CA GLU A 253 -2.88 -37.94 -15.42
C GLU A 253 -2.57 -37.42 -14.03
N HIS A 254 -1.61 -36.51 -13.89
CA HIS A 254 -1.29 -35.95 -12.59
C HIS A 254 -2.46 -35.16 -12.04
N ILE A 255 -3.10 -34.33 -12.86
CA ILE A 255 -4.22 -33.53 -12.39
C ILE A 255 -5.37 -34.42 -11.95
N SER A 256 -5.70 -35.44 -12.75
CA SER A 256 -6.80 -36.33 -12.40
C SER A 256 -6.50 -37.16 -11.16
N LYS A 257 -5.26 -37.64 -11.04
CA LYS A 257 -4.91 -38.43 -9.87
C LYS A 257 -4.95 -37.60 -8.61
N SER A 258 -4.50 -36.34 -8.68
CA SER A 258 -4.58 -35.48 -7.51
C SER A 258 -6.02 -35.11 -7.20
N ALA A 259 -6.86 -34.94 -8.21
CA ALA A 259 -8.25 -34.59 -7.98
C ALA A 259 -9.02 -35.76 -7.36
N LYS A 260 -8.69 -36.99 -7.78
CA LYS A 260 -9.39 -38.16 -7.25
C LYS A 260 -9.10 -38.42 -5.79
N ASN A 261 -8.13 -37.73 -5.20
CA ASN A 261 -7.82 -37.89 -3.78
C ASN A 261 -8.87 -37.28 -2.87
N ILE A 262 -9.83 -36.51 -3.41
CA ILE A 262 -10.84 -35.89 -2.58
C ILE A 262 -11.73 -36.93 -1.90
N PHE A 263 -11.88 -38.11 -2.50
CA PHE A 263 -12.63 -39.18 -1.86
C PHE A 263 -11.79 -39.96 -0.86
N LEU A 264 -10.47 -39.76 -0.84
CA LEU A 264 -9.59 -40.42 0.10
C LEU A 264 -9.29 -39.58 1.33
N ALA A 265 -9.76 -38.34 1.37
CA ALA A 265 -9.57 -37.51 2.56
C ALA A 265 -10.47 -37.99 3.69
N SER A 266 -10.03 -37.73 4.91
CA SER A 266 -10.75 -38.18 6.09
C SER A 266 -11.35 -37.04 6.91
N GLY A 267 -10.99 -35.80 6.63
CA GLY A 267 -11.46 -34.68 7.41
C GLY A 267 -10.68 -34.43 8.68
N PHE A 268 -9.61 -35.19 8.93
CA PHE A 268 -8.80 -35.05 10.13
C PHE A 268 -7.53 -34.28 9.76
N TYR A 269 -7.65 -32.96 9.77
CA TYR A 269 -6.52 -32.09 9.49
C TYR A 269 -5.87 -31.64 10.80
N LYS A 270 -4.81 -30.86 10.68
CA LYS A 270 -4.09 -30.38 11.86
C LYS A 270 -4.89 -29.27 12.53
N GLN A 271 -5.51 -29.59 13.66
CA GLN A 271 -6.24 -28.60 14.43
C GLN A 271 -5.42 -28.16 15.63
N PRO A 272 -5.31 -26.86 15.87
CA PRO A 272 -4.51 -26.37 17.00
C PRO A 272 -5.31 -26.34 18.31
N ASN A 273 -5.83 -27.50 18.70
CA ASN A 273 -6.56 -27.60 19.95
C ASN A 273 -5.58 -27.65 21.12
N LYS A 274 -6.11 -27.60 22.35
CA LYS A 274 -5.26 -27.45 23.52
C LYS A 274 -4.35 -28.65 23.74
N ASN A 275 -4.82 -29.85 23.42
CA ASN A 275 -4.00 -31.04 23.61
C ASN A 275 -2.76 -31.02 22.73
N GLU A 276 -2.93 -30.67 21.46
CA GLU A 276 -1.79 -30.60 20.55
C GLU A 276 -0.80 -29.53 20.97
N ILE A 277 -1.31 -28.37 21.42
CA ILE A 277 -0.43 -27.32 21.89
C ILE A 277 0.34 -27.78 23.11
N SER A 278 -0.32 -28.51 24.01
CA SER A 278 0.37 -29.00 25.21
C SER A 278 1.47 -29.99 24.84
N GLU A 279 1.21 -30.91 23.92
CA GLU A 279 2.24 -31.86 23.50
C GLU A 279 3.41 -31.14 22.84
N GLY A 280 3.11 -30.17 21.96
CA GLY A 280 4.18 -29.40 21.35
C GLY A 280 4.99 -28.63 22.37
N TRP A 281 4.32 -28.08 23.39
CA TRP A 281 5.03 -27.37 24.44
C TRP A 281 5.95 -28.30 25.23
N THR A 282 5.49 -29.52 25.50
CA THR A 282 6.34 -30.48 26.21
C THR A 282 7.58 -30.81 25.39
N LEU A 283 7.40 -31.05 24.09
CA LEU A 283 8.56 -31.32 23.24
C LEU A 283 9.50 -30.11 23.18
N MET A 284 8.94 -28.91 23.12
CA MET A 284 9.76 -27.71 23.12
C MET A 284 10.57 -27.60 24.41
N VAL A 285 9.94 -27.89 25.55
CA VAL A 285 10.64 -27.80 26.82
C VAL A 285 11.80 -28.79 26.86
N GLU A 286 11.57 -30.01 26.37
CA GLU A 286 12.68 -30.98 26.32
C GLU A 286 13.81 -30.47 25.44
N ARG A 287 13.48 -29.96 24.26
CA ARG A 287 14.54 -29.49 23.32
C ARG A 287 15.31 -28.32 23.92
N VAL A 288 14.61 -27.36 24.54
CA VAL A 288 15.28 -26.19 25.09
C VAL A 288 16.13 -26.57 26.30
N GLN A 289 15.64 -27.49 27.13
CA GLN A 289 16.46 -28.01 28.22
C GLN A 289 17.71 -28.68 27.69
N ASP A 290 17.62 -29.35 26.54
CA ASP A 290 18.81 -29.94 25.96
C ASP A 290 19.79 -28.88 25.46
N GLN A 291 19.28 -27.82 24.82
CA GLN A 291 20.14 -26.85 24.16
C GLN A 291 20.67 -25.75 25.06
N ARG A 292 20.14 -25.60 26.27
CA ARG A 292 20.53 -24.51 27.16
C ARG A 292 20.78 -25.05 28.56
N GLU A 293 21.46 -24.24 29.36
CA GLU A 293 21.65 -24.55 30.78
C GLU A 293 20.53 -23.89 31.57
N ILE A 294 19.64 -24.71 32.12
CA ILE A 294 18.48 -24.21 32.84
C ILE A 294 18.84 -24.02 34.30
N SER A 295 18.55 -22.84 34.83
CA SER A 295 18.83 -22.50 36.22
C SER A 295 17.52 -22.21 36.94
N LYS A 296 17.27 -22.93 38.03
CA LYS A 296 16.08 -22.73 38.83
C LYS A 296 16.30 -21.75 39.97
N SER A 297 17.52 -21.26 40.16
CA SER A 297 17.79 -20.33 41.24
C SER A 297 17.49 -18.89 40.81
N LEU A 298 17.09 -18.08 41.78
CA LEU A 298 16.64 -16.73 41.48
C LEU A 298 17.78 -15.77 41.19
N HIS A 299 18.92 -15.89 41.87
CA HIS A 299 19.96 -14.88 41.72
C HIS A 299 20.72 -15.01 40.41
N ASP A 300 20.27 -15.88 39.51
CA ASP A 300 20.82 -15.95 38.16
C ASP A 300 20.07 -15.08 37.17
N GLN A 301 19.05 -14.37 37.63
CA GLN A 301 18.26 -13.54 36.73
C GLN A 301 19.05 -12.30 36.31
N LYS A 302 18.93 -11.96 35.04
CA LYS A 302 19.45 -10.72 34.52
C LYS A 302 18.44 -9.60 34.73
N PRO A 303 18.87 -8.34 34.75
CA PRO A 303 17.93 -7.25 34.97
C PRO A 303 16.89 -7.17 33.85
N SER A 304 15.61 -7.21 34.25
CA SER A 304 14.55 -6.95 33.28
C SER A 304 14.61 -5.52 32.77
N ILE A 305 14.80 -4.58 33.68
CA ILE A 305 15.07 -3.18 33.36
C ILE A 305 16.33 -2.78 34.10
N HIS A 306 17.25 -2.12 33.40
CA HIS A 306 18.55 -1.77 33.97
C HIS A 306 18.45 -0.44 34.72
N PHE A 307 17.67 -0.47 35.80
CA PHE A 307 17.33 0.75 36.53
C PHE A 307 16.62 0.36 37.82
N ILE A 308 16.78 1.20 38.83
CA ILE A 308 15.94 1.17 40.03
C ILE A 308 15.48 2.59 40.30
N TRP A 309 14.33 2.73 40.96
CA TRP A 309 13.71 4.03 41.06
C TRP A 309 12.99 4.17 42.40
N GLY A 310 12.91 5.41 42.87
CA GLY A 310 12.13 5.73 44.05
C GLY A 310 11.55 7.11 43.90
N ALA A 311 10.43 7.34 44.59
CA ALA A 311 9.73 8.62 44.47
C ALA A 311 10.57 9.75 45.02
N HIS A 312 10.37 10.94 44.47
CA HIS A 312 11.11 12.11 44.91
C HIS A 312 10.61 12.58 46.28
N ASN A 313 11.49 13.27 46.99
CA ASN A 313 11.16 13.79 48.31
C ASN A 313 10.74 15.25 48.18
N PRO A 314 9.47 15.58 48.44
CA PRO A 314 9.06 16.99 48.36
C PRO A 314 9.71 17.88 49.40
N GLY A 315 10.03 17.34 50.57
CA GLY A 315 10.66 18.13 51.61
C GLY A 315 12.07 18.58 51.27
N ASN A 316 12.83 17.68 50.67
CA ASN A 316 14.24 18.00 50.39
C ASN A 316 14.36 18.98 49.22
N SER A 317 15.45 19.73 49.17
CA SER A 317 15.75 20.68 48.12
C SER A 317 16.24 19.97 46.88
N ASN A 318 16.03 20.60 45.73
CA ASN A 318 16.45 20.07 44.44
C ASN A 318 17.76 20.70 43.96
N ASN A 319 18.59 21.18 44.88
CA ASN A 319 19.86 21.80 44.54
C ASN A 319 20.92 20.72 44.35
N ALA A 320 21.75 20.88 43.32
CA ALA A 320 22.74 19.86 43.00
C ALA A 320 23.72 19.67 44.14
N THR A 321 24.20 20.77 44.75
CA THR A 321 25.16 20.64 45.84
C THR A 321 24.51 20.05 47.09
N PHE A 322 23.27 20.47 47.39
CA PHE A 322 22.58 19.92 48.55
C PHE A 322 22.28 18.44 48.35
N LYS A 323 21.87 18.05 47.14
CA LYS A 323 21.67 16.64 46.85
C LYS A 323 22.97 15.85 46.96
N LEU A 324 24.08 16.45 46.50
CA LEU A 324 25.37 15.78 46.62
C LEU A 324 25.76 15.58 48.08
N ILE A 325 25.54 16.60 48.91
CA ILE A 325 25.84 16.48 50.33
C ILE A 325 24.98 15.41 50.98
N LEU A 326 23.68 15.38 50.65
CA LEU A 326 22.79 14.37 51.22
C LEU A 326 23.22 12.98 50.80
N LEU A 327 23.57 12.79 49.53
CA LEU A 327 24.03 11.50 49.06
C LEU A 327 25.32 11.07 49.76
N SER A 328 26.25 12.00 49.93
CA SER A 328 27.49 11.69 50.62
C SER A 328 27.25 11.29 52.07
N LYS A 329 26.36 12.01 52.76
CA LYS A 329 26.05 11.64 54.14
C LYS A 329 25.36 10.28 54.21
N SER A 330 24.46 9.99 53.28
CA SER A 330 23.76 8.72 53.29
C SER A 330 24.69 7.55 53.00
N LEU A 331 25.66 7.74 52.09
CA LEU A 331 26.57 6.64 51.77
C LEU A 331 27.47 6.28 52.93
N GLN A 332 27.97 7.27 53.67
CA GLN A 332 28.88 6.99 54.78
C GLN A 332 28.17 6.35 55.96
N SER A 333 26.90 6.67 56.17
CA SER A 333 26.17 6.17 57.33
C SER A 333 25.48 4.83 57.07
N ILE A 334 25.95 4.06 56.09
CA ILE A 334 25.37 2.75 55.84
C ILE A 334 25.64 1.85 57.04
N LYS A 335 24.59 1.21 57.54
CA LYS A 335 24.68 0.33 58.70
C LYS A 335 24.62 -1.12 58.26
N GLY A 336 25.58 -1.92 58.71
CA GLY A 336 25.65 -3.32 58.42
C GLY A 336 27.00 -3.70 57.87
N ILE A 337 27.13 -4.96 57.48
CA ILE A 337 28.35 -5.49 56.87
C ILE A 337 27.96 -6.37 55.69
N SER A 338 28.66 -6.19 54.58
CA SER A 338 28.41 -6.98 53.37
C SER A 338 29.72 -7.05 52.59
N THR A 339 29.63 -7.46 51.32
CA THR A 339 30.83 -7.62 50.52
C THR A 339 31.41 -6.27 50.11
N TYR A 340 30.55 -5.29 49.81
CA TYR A 340 31.00 -3.99 49.30
C TYR A 340 30.55 -2.83 50.20
N THR A 341 30.14 -3.11 51.43
CA THR A 341 29.70 -2.04 52.32
C THR A 341 30.83 -1.06 52.61
N GLU A 342 32.03 -1.57 52.88
CA GLU A 342 33.17 -0.69 53.15
C GLU A 342 33.52 0.16 51.94
N ALA A 343 33.47 -0.44 50.74
CA ALA A 343 33.76 0.32 49.54
C ALA A 343 32.73 1.43 49.32
N PHE A 344 31.45 1.15 49.56
CA PHE A 344 30.43 2.18 49.41
C PHE A 344 30.60 3.30 50.44
N LYS A 345 30.92 2.94 51.69
CA LYS A 345 31.16 3.97 52.69
C LYS A 345 32.39 4.81 52.34
N SER A 346 33.44 4.18 51.82
CA SER A 346 34.61 4.93 51.39
C SER A 346 34.29 5.86 50.22
N LEU A 347 33.45 5.39 49.29
CA LEU A 347 33.01 6.26 48.19
C LEU A 347 32.25 7.45 48.73
N GLY A 348 31.37 7.23 49.72
CA GLY A 348 30.68 8.34 50.34
C GLY A 348 31.62 9.31 51.02
N LYS A 349 32.68 8.78 51.65
CA LYS A 349 33.67 9.64 52.30
C LYS A 349 34.41 10.50 51.28
N MET A 350 34.86 9.89 50.18
CA MET A 350 35.69 10.61 49.21
C MET A 350 34.87 11.50 48.29
N MET A 351 33.62 11.81 48.63
CA MET A 351 32.84 12.81 47.92
C MET A 351 32.25 13.84 48.87
N ASP A 352 32.59 13.78 50.16
CA ASP A 352 32.13 14.77 51.11
C ASP A 352 32.78 16.12 50.84
N ILE A 353 32.08 17.19 51.19
CA ILE A 353 32.62 18.54 51.06
C ILE A 353 32.43 19.29 52.36
N GLY A 354 31.64 18.70 53.27
CA GLY A 354 31.40 19.36 54.55
C GLY A 354 30.62 20.63 54.40
N ASP A 355 31.09 21.69 55.05
CA ASP A 355 30.45 23.00 54.99
C ASP A 355 30.98 23.84 53.84
N LYS A 356 31.88 23.31 53.02
CA LYS A 356 32.44 24.06 51.91
C LYS A 356 31.61 23.91 50.65
N ALA A 357 30.30 24.12 50.77
CA ALA A 357 29.44 24.08 49.59
C ALA A 357 29.63 25.31 48.73
N ILE A 358 29.78 26.48 49.37
CA ILE A 358 30.00 27.72 48.62
C ILE A 358 31.31 27.64 47.85
N GLU A 359 32.38 27.18 48.52
CA GLU A 359 33.67 27.04 47.86
C GLU A 359 33.59 26.06 46.69
N TYR A 360 32.86 24.96 46.88
CA TYR A 360 32.66 24.00 45.79
C TYR A 360 31.96 24.65 44.60
N GLU A 361 30.91 25.44 44.87
CA GLU A 361 30.19 26.08 43.78
C GLU A 361 31.05 27.09 43.04
N GLU A 362 31.82 27.91 43.76
CA GLU A 362 32.69 28.87 43.10
C GLU A 362 33.78 28.16 42.29
N PHE A 363 34.34 27.08 42.83
CA PHE A 363 35.34 26.34 42.08
C PHE A 363 34.76 25.75 40.79
N CYS A 364 33.56 25.19 40.88
CA CYS A 364 32.91 24.63 39.69
C CYS A 364 32.63 25.73 38.66
N MET A 365 32.15 26.88 39.12
CA MET A 365 31.88 27.99 38.21
C MET A 365 33.17 28.48 37.54
N SER A 366 34.25 28.58 38.32
CA SER A 366 35.52 29.00 37.73
C SER A 366 36.01 28.00 36.69
N LEU A 367 35.86 26.71 36.98
CA LEU A 367 36.26 25.70 36.00
C LEU A 367 35.44 25.80 34.72
N LYS A 368 34.12 25.97 34.86
CA LYS A 368 33.26 25.98 33.68
C LYS A 368 33.30 27.29 32.92
N SER A 369 33.79 28.37 33.54
CA SER A 369 33.83 29.66 32.85
C SER A 369 34.90 29.68 31.77
N LYS A 370 36.10 29.21 32.12
CA LYS A 370 37.24 29.27 31.15
C LYS A 370 37.07 28.23 30.05
N ALA A 371 36.45 27.09 30.35
CA ALA A 371 36.31 26.01 29.40
C ALA A 371 35.35 26.39 28.28
N LEU A 383 44.28 17.64 34.43
CA LEU A 383 43.82 18.63 35.41
C LEU A 383 44.41 18.36 36.79
N GLU A 384 44.21 19.29 37.70
CA GLU A 384 44.72 19.20 39.07
C GLU A 384 43.53 19.17 40.02
N PRO A 385 43.29 18.06 40.71
CA PRO A 385 42.20 18.02 41.69
C PRO A 385 42.41 19.04 42.80
N LYS A 386 41.32 19.65 43.24
CA LYS A 386 41.35 20.68 44.27
C LYS A 386 40.75 20.12 45.55
N GLN A 387 41.57 19.97 46.58
CA GLN A 387 41.13 19.46 47.87
C GLN A 387 40.11 20.38 48.49
N ILE A 388 38.85 19.94 48.56
CA ILE A 388 37.82 20.77 49.20
C ILE A 388 37.68 20.36 50.66
N ASN A 389 37.21 19.14 50.90
CA ASN A 389 37.18 18.58 52.25
C ASN A 389 37.11 17.07 52.10
N ASN A 390 38.26 16.40 52.25
CA ASN A 390 38.37 14.96 52.02
C ASN A 390 37.92 14.56 50.62
N ALA A 391 37.85 15.50 49.69
CA ALA A 391 37.41 15.23 48.32
C ALA A 391 38.39 15.84 47.34
N LEU A 392 38.79 15.05 46.34
CA LEU A 392 39.68 15.53 45.28
C LEU A 392 38.82 15.89 44.08
N VAL A 393 38.21 17.07 44.14
CA VAL A 393 37.28 17.49 43.11
C VAL A 393 38.05 17.88 41.85
N LEU A 394 37.68 17.26 40.73
CA LEU A 394 38.24 17.58 39.43
C LEU A 394 37.32 18.44 38.58
N TRP A 395 36.02 18.34 38.79
CA TRP A 395 35.01 19.04 38.02
C TRP A 395 33.72 19.01 38.82
N GLU A 396 32.66 19.57 38.24
CA GLU A 396 31.36 19.47 38.89
C GLU A 396 30.92 18.02 38.95
N GLN A 397 30.79 17.49 40.17
CA GLN A 397 30.36 16.13 40.46
C GLN A 397 31.32 15.06 39.95
N GLN A 398 32.55 15.42 39.59
CA GLN A 398 33.59 14.46 39.25
C GLN A 398 34.61 14.43 40.37
N PHE A 399 34.90 13.25 40.89
CA PHE A 399 35.78 13.10 42.03
C PHE A 399 36.89 12.10 41.72
N MET A 400 37.99 12.22 42.45
CA MET A 400 39.14 11.34 42.28
C MET A 400 39.21 10.37 43.45
N ILE A 401 39.51 9.11 43.15
CA ILE A 401 39.61 8.07 44.15
C ILE A 401 40.73 8.42 45.12
N ASN A 402 40.37 8.69 46.38
CA ASN A 402 41.33 9.06 47.40
C ASN A 402 41.87 7.77 48.04
N ASN A 403 43.15 7.50 47.84
CA ASN A 403 43.74 6.27 48.37
C ASN A 403 43.82 6.27 49.88
N ASP A 404 43.82 7.45 50.52
CA ASP A 404 43.88 7.51 51.97
C ASP A 404 42.54 7.20 52.62
N LEU A 405 41.44 7.34 51.88
CA LEU A 405 40.10 7.11 52.43
C LEU A 405 39.55 5.73 52.13
N ILE A 406 40.15 4.99 51.20
CA ILE A 406 39.68 3.65 50.84
C ILE A 406 40.84 2.67 50.93
N ASP A 407 40.55 1.48 51.44
CA ASP A 407 41.54 0.42 51.50
C ASP A 407 41.83 -0.11 50.10
N LYS A 408 43.08 -0.52 49.88
CA LYS A 408 43.46 -1.03 48.58
C LYS A 408 42.67 -2.28 48.21
N SER A 409 42.49 -3.19 49.17
CA SER A 409 41.71 -4.40 48.91
C SER A 409 40.27 -4.05 48.57
N GLU A 410 39.69 -3.10 49.32
CA GLU A 410 38.32 -2.69 49.04
C GLU A 410 38.20 -2.04 47.67
N LYS A 411 39.17 -1.21 47.29
CA LYS A 411 39.13 -0.58 45.98
C LYS A 411 39.24 -1.61 44.86
N LEU A 412 40.14 -2.58 45.02
CA LEU A 412 40.26 -3.63 44.01
C LEU A 412 38.99 -4.45 43.91
N LYS A 413 38.38 -4.77 45.06
CA LYS A 413 37.13 -5.51 45.06
C LYS A 413 36.01 -4.73 44.38
N LEU A 414 35.93 -3.42 44.63
CA LEU A 414 34.86 -2.63 44.04
C LEU A 414 35.06 -2.42 42.55
N PHE A 415 36.29 -2.22 42.10
CA PHE A 415 36.51 -1.90 40.70
C PHE A 415 36.73 -3.12 39.82
N LYS A 416 36.96 -4.29 40.40
CA LYS A 416 37.14 -5.51 39.60
C LYS A 416 35.94 -6.44 39.70
N ASN A 417 35.54 -6.82 40.91
CA ASN A 417 34.44 -7.75 41.07
C ASN A 417 33.08 -7.10 40.85
N PHE A 418 32.91 -5.85 41.28
CA PHE A 418 31.63 -5.17 41.20
C PHE A 418 31.39 -4.53 39.84
N CYS A 419 32.42 -3.93 39.25
CA CYS A 419 32.29 -3.18 38.00
C CYS A 419 32.91 -3.87 36.80
N GLY A 420 33.72 -4.89 37.00
CA GLY A 420 34.36 -5.56 35.87
C GLY A 420 35.43 -4.75 35.18
N ILE A 421 35.94 -3.70 35.83
CA ILE A 421 36.95 -2.84 35.23
C ILE A 421 38.31 -3.51 35.44
N GLY A 422 38.81 -4.18 34.41
CA GLY A 422 40.13 -4.77 34.46
C GLY A 422 40.23 -6.08 35.22
N LYS A 423 39.11 -6.66 35.64
CA LYS A 423 39.16 -7.95 36.31
C LYS A 423 39.67 -9.04 35.38
N HIS A 424 39.33 -8.96 34.10
CA HIS A 424 39.73 -9.96 33.13
C HIS A 424 41.23 -9.89 32.86
N LYS A 425 41.70 -10.84 32.06
CA LYS A 425 43.04 -10.82 31.51
C LYS A 425 42.96 -10.50 30.04
N GLN A 426 43.94 -9.74 29.53
CA GLN A 426 43.91 -9.30 28.15
C GLN A 426 43.96 -10.50 27.21
N PHE A 427 43.53 -10.26 25.97
CA PHE A 427 43.46 -11.34 24.99
C PHE A 427 44.83 -11.95 24.71
N LYS A 428 45.88 -11.14 24.74
CA LYS A 428 47.23 -11.64 24.51
C LYS A 428 47.71 -12.57 25.62
N ASN A 429 47.02 -12.59 26.77
CA ASN A 429 47.44 -13.40 27.90
C ASN A 429 46.50 -14.56 28.22
N LYS A 430 45.32 -14.62 27.62
CA LYS A 430 44.42 -15.73 27.88
C LYS A 430 45.04 -17.03 27.41
N MET A 431 44.77 -18.10 28.16
CA MET A 431 45.31 -19.41 27.89
C MET A 431 44.17 -20.42 27.76
N LEU A 432 44.55 -21.70 27.65
CA LEU A 432 43.57 -22.76 27.44
C LEU A 432 42.60 -22.90 28.61
N GLU A 433 43.06 -22.64 29.82
CA GLU A 433 42.23 -22.79 31.02
C GLU A 433 41.36 -21.56 31.29
N ASP A 434 41.49 -20.50 30.49
CA ASP A 434 40.73 -19.28 30.72
C ASP A 434 39.54 -19.12 29.77
N LEU A 435 39.54 -19.80 28.63
CA LEU A 435 38.39 -19.73 27.74
C LEU A 435 37.19 -20.41 28.37
N GLU A 436 36.02 -19.81 28.22
CA GLU A 436 34.80 -20.32 28.81
C GLU A 436 34.07 -21.21 27.81
N VAL A 437 33.73 -22.42 28.23
CA VAL A 437 32.91 -23.34 27.44
C VAL A 437 31.73 -23.77 28.28
N SER A 438 30.53 -23.40 27.84
CA SER A 438 29.29 -23.72 28.54
C SER A 438 28.13 -23.30 27.66
N LYS A 439 26.99 -23.82 27.98
CA LYS A 439 25.79 -23.42 27.25
C LYS A 439 25.22 -22.14 27.84
N PRO A 440 24.48 -21.36 27.05
CA PRO A 440 23.84 -20.16 27.60
C PRO A 440 22.89 -20.52 28.73
N LYS A 441 23.02 -19.81 29.85
CA LYS A 441 22.21 -20.08 31.02
C LYS A 441 20.96 -19.21 31.00
N ILE A 442 19.80 -19.87 31.11
CA ILE A 442 18.51 -19.18 31.15
C ILE A 442 17.71 -19.71 32.33
N LEU A 443 16.73 -18.92 32.75
CA LEU A 443 15.86 -19.30 33.85
C LEU A 443 14.83 -20.33 33.38
N ASP A 444 14.40 -21.18 34.31
CA ASP A 444 13.39 -22.19 34.04
C ASP A 444 12.04 -21.51 33.86
N PHE A 445 11.61 -21.34 32.61
CA PHE A 445 10.37 -20.59 32.38
C PHE A 445 9.14 -21.39 32.80
N ASP A 446 9.21 -22.71 32.75
CA ASP A 446 8.08 -23.56 33.12
C ASP A 446 8.11 -23.97 34.58
N ASP A 447 9.07 -23.48 35.35
CA ASP A 447 9.10 -23.75 36.78
C ASP A 447 8.01 -22.98 37.51
N ALA A 448 7.46 -23.60 38.56
CA ALA A 448 6.40 -22.95 39.31
C ALA A 448 6.93 -21.83 40.20
N ASN A 449 8.03 -22.08 40.91
CA ASN A 449 8.59 -21.06 41.79
C ASN A 449 9.13 -19.87 41.01
N MET A 450 9.76 -20.12 39.86
CA MET A 450 10.25 -19.01 39.04
C MET A 450 9.09 -18.16 38.54
N TYR A 451 8.00 -18.79 38.11
CA TYR A 451 6.84 -18.01 37.68
C TYR A 451 6.23 -17.23 38.83
N LEU A 452 6.17 -17.83 40.02
CA LEU A 452 5.67 -17.09 41.17
C LEU A 452 6.56 -15.90 41.51
N ALA A 453 7.88 -16.06 41.39
CA ALA A 453 8.79 -14.94 41.62
C ALA A 453 8.58 -13.84 40.60
N SER A 454 8.38 -14.21 39.33
CA SER A 454 8.12 -13.22 38.30
C SER A 454 6.81 -12.48 38.58
N LEU A 455 5.78 -13.22 38.99
CA LEU A 455 4.51 -12.61 39.33
C LEU A 455 4.65 -11.67 40.52
N THR A 456 5.45 -12.05 41.52
CA THR A 456 5.71 -11.17 42.65
C THR A 456 6.40 -9.89 42.20
N MET A 457 7.39 -10.00 41.31
CA MET A 457 8.06 -8.81 40.80
C MET A 457 7.07 -7.89 40.09
N MET A 458 6.20 -8.47 39.24
CA MET A 458 5.23 -7.65 38.54
C MET A 458 4.24 -6.99 39.49
N GLU A 459 3.78 -7.72 40.50
CA GLU A 459 2.83 -7.16 41.46
C GLU A 459 3.46 -6.02 42.26
N GLN A 460 4.71 -6.19 42.69
CA GLN A 460 5.38 -5.12 43.42
C GLN A 460 5.61 -3.91 42.53
N SER A 461 5.96 -4.13 41.27
CA SER A 461 6.14 -3.01 40.34
C SER A 461 4.84 -2.24 40.17
N LYS A 462 3.72 -2.96 40.00
CA LYS A 462 2.44 -2.28 39.86
C LYS A 462 2.04 -1.57 41.15
N LYS A 463 2.35 -2.15 42.31
CA LYS A 463 2.00 -1.52 43.57
C LYS A 463 2.76 -0.21 43.77
N ILE A 464 4.04 -0.18 43.41
CA ILE A 464 4.81 1.04 43.64
C ILE A 464 4.62 2.07 42.54
N LEU A 465 4.48 1.66 41.28
CA LEU A 465 4.51 2.59 40.16
C LEU A 465 3.14 3.14 39.81
N SER A 466 2.06 2.65 40.41
CA SER A 466 0.72 3.12 40.11
C SER A 466 0.28 4.26 41.01
N LYS A 467 1.15 4.73 41.90
CA LYS A 467 0.81 5.85 42.76
C LYS A 467 0.84 7.15 41.96
N SER A 468 0.50 8.25 42.63
CA SER A 468 0.47 9.56 42.00
C SER A 468 1.73 10.35 42.33
N ASN A 469 2.17 11.18 41.39
CA ASN A 469 3.45 11.93 41.55
C ASN A 469 3.31 13.11 42.50
N GLY A 470 2.08 13.52 42.85
CA GLY A 470 1.96 14.71 43.66
C GLY A 470 2.31 15.97 42.91
N LEU A 471 2.28 15.94 41.59
CA LEU A 471 2.57 17.11 40.76
C LEU A 471 1.42 17.38 39.82
N LYS A 472 1.60 18.34 38.91
CA LYS A 472 0.59 18.64 37.91
C LYS A 472 1.16 18.39 36.53
N PRO A 473 0.45 17.63 35.67
CA PRO A 473 0.97 17.34 34.33
C PRO A 473 1.08 18.60 33.50
N ASP A 474 2.30 18.95 33.11
CA ASP A 474 2.54 20.14 32.30
C ASP A 474 3.83 19.90 31.51
N ASN A 475 3.68 19.59 30.23
CA ASN A 475 4.84 19.28 29.39
C ASN A 475 4.55 19.78 27.98
N PHE A 476 5.48 19.48 27.06
CA PHE A 476 5.36 19.96 25.69
C PHE A 476 4.15 19.36 24.99
N ILE A 477 3.93 18.06 25.18
CA ILE A 477 2.84 17.39 24.47
C ILE A 477 1.50 18.02 24.83
N LEU A 478 1.24 18.19 26.13
CA LEU A 478 0.00 18.82 26.56
C LEU A 478 -0.10 20.23 26.03
N ASN A 479 0.85 21.09 26.39
CA ASN A 479 0.78 22.51 26.06
C ASN A 479 0.73 22.78 24.57
N GLU A 480 1.13 21.82 23.73
CA GLU A 480 1.12 22.03 22.29
C GLU A 480 -0.05 21.38 21.58
N PHE A 481 -0.52 20.20 22.01
CA PHE A 481 -1.53 19.47 21.26
C PHE A 481 -2.71 19.00 22.11
N GLY A 482 -2.89 19.54 23.31
CA GLY A 482 -3.98 19.08 24.15
C GLY A 482 -5.35 19.43 23.58
N SER A 483 -5.47 20.61 22.98
CA SER A 483 -6.74 20.99 22.38
C SER A 483 -7.13 20.03 21.28
N ARG A 484 -6.20 19.71 20.38
CA ARG A 484 -6.52 18.81 19.28
C ARG A 484 -6.79 17.40 19.78
N ILE A 485 -6.01 16.91 20.74
CA ILE A 485 -6.25 15.57 21.25
C ILE A 485 -7.61 15.47 21.94
N LYS A 486 -7.96 16.49 22.74
CA LYS A 486 -9.24 16.47 23.43
C LYS A 486 -10.40 16.61 22.46
N ASP A 487 -10.25 17.44 21.41
CA ASP A 487 -11.32 17.56 20.44
C ASP A 487 -11.54 16.25 19.68
N ALA A 488 -10.46 15.57 19.29
CA ALA A 488 -10.62 14.32 18.56
C ALA A 488 -11.27 13.25 19.42
N ASN A 489 -10.85 13.11 20.68
CA ASN A 489 -11.43 12.13 21.58
C ASN A 489 -11.07 12.53 22.99
N LYS A 490 -12.08 12.84 23.81
CA LYS A 490 -11.83 13.24 25.19
C LYS A 490 -11.26 12.09 26.02
N GLU A 491 -11.63 10.86 25.69
CA GLU A 491 -11.11 9.72 26.46
C GLU A 491 -9.61 9.54 26.27
N THR A 492 -9.09 9.80 25.07
CA THR A 492 -7.65 9.74 24.87
C THR A 492 -6.94 10.80 25.70
N TYR A 493 -7.50 12.00 25.76
CA TYR A 493 -6.93 13.06 26.60
C TYR A 493 -6.93 12.65 28.07
N ASP A 494 -8.04 12.06 28.53
CA ASP A 494 -8.10 11.60 29.91
C ASP A 494 -7.08 10.49 30.17
N ASN A 495 -6.92 9.57 29.22
CA ASN A 495 -5.98 8.48 29.38
C ASN A 495 -4.55 9.00 29.50
N MET A 496 -4.15 9.89 28.60
CA MET A 496 -2.79 10.40 28.65
C MET A 496 -2.57 11.28 29.88
N HIS A 497 -3.60 12.02 30.31
CA HIS A 497 -3.47 12.82 31.52
C HIS A 497 -3.32 11.94 32.75
N LYS A 498 -4.04 10.82 32.79
CA LYS A 498 -3.84 9.85 33.87
C LYS A 498 -2.45 9.23 33.81
N ILE A 499 -1.94 8.96 32.62
CA ILE A 499 -0.59 8.41 32.49
C ILE A 499 0.43 9.37 33.07
N PHE A 500 0.28 10.67 32.76
CA PHE A 500 1.26 11.65 33.23
C PHE A 500 1.27 11.79 34.75
N GLU A 501 0.20 11.38 35.43
CA GLU A 501 0.10 11.53 36.87
C GLU A 501 0.67 10.36 37.65
N THR A 502 1.07 9.29 36.97
CA THR A 502 1.45 8.06 37.63
C THR A 502 2.96 8.00 37.85
N GLY A 503 3.36 7.02 38.67
CA GLY A 503 4.78 6.79 38.89
C GLY A 503 5.48 6.15 37.71
N TYR A 504 4.72 5.53 36.80
CA TYR A 504 5.33 4.97 35.60
C TYR A 504 5.98 6.06 34.76
N TRP A 505 5.24 7.14 34.52
CA TRP A 505 5.76 8.21 33.69
C TRP A 505 6.98 8.87 34.33
N GLN A 506 6.90 9.15 35.62
CA GLN A 506 8.04 9.76 36.31
C GLN A 506 9.24 8.83 36.30
N CYS A 507 9.02 7.53 36.51
CA CYS A 507 10.13 6.58 36.51
C CYS A 507 10.82 6.54 35.15
N ILE A 508 10.04 6.42 34.07
CA ILE A 508 10.68 6.28 32.77
C ILE A 508 11.30 7.60 32.32
N SER A 509 10.68 8.74 32.65
CA SER A 509 11.29 10.03 32.32
C SER A 509 12.58 10.24 33.09
N ASP A 510 12.60 9.85 34.37
CA ASP A 510 13.81 9.96 35.16
C ASP A 510 14.91 9.08 34.60
N PHE A 511 14.56 7.86 34.17
CA PHE A 511 15.56 6.98 33.60
C PHE A 511 16.13 7.55 32.31
N SER A 512 15.26 8.11 31.46
CA SER A 512 15.75 8.72 30.22
C SER A 512 16.67 9.91 30.50
N THR A 513 16.25 10.80 31.40
CA THR A 513 17.06 11.98 31.72
C THR A 513 18.38 11.58 32.38
N LEU A 514 18.34 10.61 33.28
CA LEU A 514 19.57 10.15 33.93
C LEU A 514 20.52 9.51 32.93
N MET A 515 19.98 8.73 31.98
CA MET A 515 20.84 8.16 30.95
C MET A 515 21.47 9.24 30.09
N LYS A 516 20.70 10.28 29.77
CA LYS A 516 21.27 11.38 28.99
C LYS A 516 22.40 12.06 29.78
N ASN A 517 22.22 12.24 31.08
CA ASN A 517 23.24 12.93 31.91
C ASN A 517 24.44 12.03 32.10
N ILE A 518 24.24 10.70 32.15
CA ILE A 518 25.37 9.77 32.22
C ILE A 518 26.17 9.80 30.92
N LEU A 519 25.48 9.80 29.78
CA LEU A 519 26.17 9.85 28.50
C LEU A 519 26.92 11.15 28.31
N SER A 520 26.35 12.27 28.77
CA SER A 520 26.97 13.57 28.55
C SER A 520 28.28 13.74 29.32
N VAL A 521 28.56 12.90 30.31
CA VAL A 521 29.77 13.03 31.12
C VAL A 521 30.70 11.83 30.95
N SER A 522 30.48 11.02 29.92
CA SER A 522 31.28 9.82 29.70
C SER A 522 32.35 10.03 28.64
N GLN A 523 32.93 11.23 28.59
CA GLN A 523 33.93 11.56 27.57
C GLN A 523 35.34 11.59 28.13
N TYR A 524 35.58 12.36 29.19
CA TYR A 524 36.89 12.49 29.80
C TYR A 524 36.83 11.88 31.19
N ASN A 525 37.22 10.60 31.29
CA ASN A 525 37.23 9.88 32.56
C ASN A 525 38.58 9.20 32.72
N ARG A 526 39.38 9.69 33.66
CA ARG A 526 40.64 9.03 33.95
C ARG A 526 40.39 7.74 34.75
N HIS A 527 41.41 6.89 34.79
CA HIS A 527 41.27 5.55 35.35
C HIS A 527 41.07 5.53 36.84
N ASN A 528 41.26 6.65 37.55
CA ASN A 528 41.17 6.66 39.01
C ASN A 528 40.14 7.67 39.50
N THR A 529 39.12 7.94 38.69
CA THR A 529 38.08 8.89 39.02
C THR A 529 36.72 8.24 38.93
N PHE A 530 35.70 8.96 39.39
CA PHE A 530 34.32 8.55 39.19
C PHE A 530 33.47 9.80 39.10
N ARG A 531 32.25 9.64 38.60
CA ARG A 531 31.34 10.77 38.42
C ARG A 531 30.00 10.49 39.04
N ILE A 532 29.29 11.55 39.40
CA ILE A 532 27.93 11.46 39.93
C ILE A 532 27.00 12.15 38.95
N ALA A 533 25.99 11.44 38.48
CA ALA A 533 24.98 11.99 37.60
C ALA A 533 23.64 12.06 38.34
N MET A 534 22.92 13.15 38.10
CA MET A 534 21.64 13.39 38.76
C MET A 534 20.59 13.71 37.70
N CYS A 535 19.33 13.74 38.15
CA CYS A 535 18.20 14.00 37.28
C CYS A 535 17.22 14.90 38.03
N ALA A 536 16.01 15.04 37.48
CA ALA A 536 14.98 15.85 38.12
C ALA A 536 14.48 15.25 39.43
N ASN A 537 14.84 14.00 39.72
CA ASN A 537 14.43 13.35 40.94
C ASN A 537 15.54 13.52 41.98
N ASN A 538 15.21 14.11 43.12
CA ASN A 538 16.20 14.40 44.14
C ASN A 538 16.53 13.20 45.02
N ASN A 539 16.07 12.01 44.66
CA ASN A 539 16.38 10.80 45.40
C ASN A 539 17.07 9.75 44.56
N VAL A 540 17.26 9.98 43.26
CA VAL A 540 17.85 9.02 42.35
C VAL A 540 19.14 9.62 41.79
N PHE A 541 20.25 8.92 42.00
CA PHE A 541 21.56 9.34 41.49
C PHE A 541 22.18 8.15 40.76
N ALA A 542 23.28 8.43 40.08
CA ALA A 542 24.05 7.38 39.43
C ALA A 542 25.53 7.63 39.62
N ILE A 543 26.27 6.57 39.92
CA ILE A 543 27.73 6.61 39.91
C ILE A 543 28.19 6.07 38.57
N VAL A 544 28.93 6.90 37.84
CA VAL A 544 29.50 6.52 36.55
C VAL A 544 30.96 6.19 36.77
N PHE A 545 31.34 4.97 36.41
CA PHE A 545 32.67 4.43 36.64
C PHE A 545 33.56 4.65 35.41
N PRO A 546 34.88 4.72 35.61
CA PRO A 546 35.77 5.06 34.50
C PRO A 546 35.75 3.99 33.42
N SER A 547 35.74 4.43 32.17
CA SER A 547 35.75 3.53 31.03
C SER A 547 36.33 4.27 29.83
N ALA A 548 36.22 3.67 28.66
CA ALA A 548 36.72 4.31 27.45
C ALA A 548 35.83 5.48 27.07
N ASP A 549 36.35 6.36 26.22
CA ASP A 549 35.57 7.49 25.73
C ASP A 549 34.36 6.97 24.96
N ILE A 550 33.19 7.50 25.29
CA ILE A 550 31.94 6.94 24.77
C ILE A 550 31.86 7.11 23.26
N LYS A 551 32.50 8.13 22.70
CA LYS A 551 32.42 8.39 21.28
C LYS A 551 33.41 7.57 20.46
N THR A 552 34.09 6.60 21.07
CA THR A 552 35.03 5.75 20.38
C THR A 552 34.33 4.49 19.90
N LYS A 553 35.11 3.60 19.28
CA LYS A 553 34.55 2.43 18.61
C LYS A 553 34.09 1.39 19.63
N LYS A 554 32.81 1.05 19.57
CA LYS A 554 32.22 0.00 20.42
C LYS A 554 32.49 0.26 21.89
N ALA A 555 32.42 1.53 22.28
CA ALA A 555 32.63 1.89 23.68
C ALA A 555 31.36 1.68 24.49
N THR A 556 31.54 1.39 25.77
CA THR A 556 30.45 1.15 26.70
C THR A 556 30.48 2.19 27.81
N VAL A 557 29.42 2.19 28.61
CA VAL A 557 29.31 3.05 29.79
C VAL A 557 28.91 2.17 30.96
N VAL A 558 29.52 2.43 32.13
CA VAL A 558 29.33 1.63 33.33
C VAL A 558 28.74 2.52 34.40
N TYR A 559 27.57 2.15 34.90
CA TYR A 559 26.91 2.98 35.89
C TYR A 559 26.25 2.12 36.95
N SER A 560 25.96 2.75 38.09
CA SER A 560 25.26 2.09 39.19
C SER A 560 24.26 3.09 39.77
N ILE A 561 22.99 2.70 39.85
CA ILE A 561 21.94 3.58 40.31
C ILE A 561 21.84 3.52 41.83
N ILE A 562 21.61 4.66 42.47
CA ILE A 562 21.43 4.77 43.91
C ILE A 562 20.12 5.49 44.17
N VAL A 563 19.32 4.96 45.10
CA VAL A 563 18.04 5.55 45.45
C VAL A 563 17.97 5.69 46.96
N LEU A 564 17.60 6.89 47.42
CA LEU A 564 17.35 7.13 48.84
C LEU A 564 15.84 7.13 49.05
N HIS A 565 15.35 6.24 49.91
CA HIS A 565 13.93 6.15 50.17
C HIS A 565 13.64 6.07 51.67
N LYS A 566 12.57 6.75 52.08
CA LYS A 566 12.25 6.84 53.50
C LYS A 566 11.92 5.49 54.10
N GLU A 567 11.16 4.67 53.39
CA GLU A 567 10.72 3.38 53.91
C GLU A 567 11.22 2.27 53.00
N GLU A 568 11.54 1.13 53.60
CA GLU A 568 11.94 -0.04 52.83
C GLU A 568 10.75 -0.55 52.03
N GLU A 569 11.05 -1.38 51.02
CA GLU A 569 10.08 -1.98 50.12
C GLU A 569 9.41 -0.96 49.20
N ASN A 570 9.70 0.33 49.40
CA ASN A 570 9.26 1.37 48.46
C ASN A 570 10.35 1.65 47.44
N ILE A 571 10.83 0.60 46.79
CA ILE A 571 11.85 0.69 45.77
C ILE A 571 11.35 -0.09 44.55
N PHE A 572 11.52 0.52 43.37
CA PHE A 572 11.21 -0.18 42.13
C PHE A 572 12.39 -1.05 41.77
N ASN A 573 12.21 -2.36 41.85
CA ASN A 573 13.30 -3.33 41.67
C ASN A 573 12.93 -4.32 40.58
N PRO A 574 13.24 -4.01 39.32
CA PRO A 574 12.99 -4.94 38.22
C PRO A 574 14.13 -5.95 38.03
N GLY A 575 14.51 -6.62 39.11
CA GLY A 575 15.58 -7.58 39.05
C GLY A 575 16.97 -7.01 38.95
N CYS A 576 17.16 -5.77 39.37
CA CYS A 576 18.44 -5.09 39.25
C CYS A 576 19.09 -4.74 40.57
N LEU A 577 18.37 -4.86 41.69
CA LEU A 577 18.90 -4.41 42.97
C LEU A 577 20.08 -5.24 43.41
N HIS A 578 21.08 -4.56 43.97
CA HIS A 578 22.19 -5.24 44.65
C HIS A 578 21.99 -5.28 46.15
N GLY A 579 21.50 -4.19 46.75
CA GLY A 579 21.24 -4.21 48.17
C GLY A 579 20.54 -2.98 48.70
N THR A 580 19.67 -3.18 49.69
CA THR A 580 19.02 -2.09 50.41
C THR A 580 19.58 -2.08 51.82
N PHE A 581 20.24 -0.98 52.16
CA PHE A 581 20.92 -0.88 53.48
C PHE A 581 20.33 0.29 54.26
N LYS A 582 20.24 0.15 55.59
CA LYS A 582 19.72 1.26 56.43
C LYS A 582 20.78 2.36 56.53
N CYS A 583 20.35 3.62 56.49
CA CYS A 583 21.29 4.77 56.65
C CYS A 583 20.59 5.79 57.55
N MET A 584 21.22 6.93 57.83
CA MET A 584 20.53 7.98 58.56
C MET A 584 19.32 8.46 57.77
N ASN A 585 18.18 8.56 58.45
CA ASN A 585 16.94 9.03 57.85
C ASN A 585 16.54 8.17 56.64
N GLY A 586 16.35 6.88 56.91
CA GLY A 586 15.80 6.00 55.90
C GLY A 586 16.74 4.94 55.36
N TYR A 587 16.53 4.54 54.12
CA TYR A 587 17.26 3.46 53.49
C TYR A 587 17.88 3.96 52.19
N ILE A 588 18.98 3.31 51.81
CA ILE A 588 19.68 3.58 50.56
C ILE A 588 19.78 2.26 49.80
N SER A 589 19.30 2.29 48.56
CA SER A 589 19.34 1.10 47.68
C SER A 589 20.38 1.31 46.59
N ILE A 590 21.24 0.32 46.37
CA ILE A 590 22.25 0.34 45.33
C ILE A 590 22.01 -0.82 44.40
N SER A 591 22.07 -0.56 43.10
CA SER A 591 21.92 -1.58 42.08
C SER A 591 23.29 -2.07 41.62
N ARG A 592 23.27 -3.19 40.89
CA ARG A 592 24.50 -3.74 40.37
C ARG A 592 25.03 -2.86 39.24
N ALA A 593 26.34 -2.96 39.00
CA ALA A 593 26.95 -2.23 37.91
C ALA A 593 26.39 -2.72 36.59
N ILE A 594 26.05 -1.77 35.72
CA ILE A 594 25.46 -2.05 34.42
C ILE A 594 26.37 -1.46 33.34
N ARG A 595 26.71 -2.28 32.36
CA ARG A 595 27.52 -1.87 31.22
C ARG A 595 26.64 -1.89 29.97
N LEU A 596 26.59 -0.76 29.27
CA LEU A 596 25.73 -0.64 28.11
C LEU A 596 26.47 0.01 26.96
N ASP A 597 26.05 -0.30 25.75
CA ASP A 597 26.61 0.29 24.55
C ASP A 597 25.64 1.33 23.97
N LYS A 598 26.07 1.98 22.90
CA LYS A 598 25.40 3.21 22.45
C LYS A 598 23.97 2.95 21.97
N GLU A 599 23.73 1.85 21.27
CA GLU A 599 22.38 1.58 20.77
C GLU A 599 21.39 1.36 21.92
N ARG A 600 21.81 0.62 22.93
CA ARG A 600 20.95 0.35 24.10
C ARG A 600 20.71 1.65 24.88
N CYS A 601 21.70 2.53 24.99
CA CYS A 601 21.53 3.83 25.62
C CYS A 601 20.57 4.70 24.83
N GLN A 602 20.65 4.65 23.50
CA GLN A 602 19.71 5.38 22.66
C GLN A 602 18.29 4.89 22.87
N ARG A 603 18.11 3.57 22.95
CA ARG A 603 16.78 3.01 23.21
C ARG A 603 16.25 3.49 24.55
N ILE A 604 17.10 3.51 25.57
CA ILE A 604 16.68 3.98 26.89
C ILE A 604 16.28 5.45 26.82
N VAL A 605 17.05 6.26 26.10
CA VAL A 605 16.76 7.69 26.01
C VAL A 605 15.43 7.93 25.30
N SER A 606 15.18 7.19 24.23
CA SER A 606 13.95 7.38 23.45
C SER A 606 12.77 6.56 23.97
N SER A 607 12.96 5.82 25.06
CA SER A 607 11.87 5.01 25.61
C SER A 607 10.58 5.76 25.94
N PRO A 608 10.58 6.96 26.52
CA PRO A 608 9.29 7.54 26.95
C PRO A 608 8.25 7.67 25.85
N GLY A 609 8.66 8.05 24.64
CA GLY A 609 7.71 8.11 23.54
C GLY A 609 7.14 6.76 23.19
N LEU A 610 7.98 5.72 23.18
CA LEU A 610 7.50 4.37 22.93
C LEU A 610 6.53 3.92 24.00
N PHE A 611 6.83 4.23 25.27
CA PHE A 611 5.93 3.85 26.36
C PHE A 611 4.59 4.53 26.24
N LEU A 612 4.58 5.83 25.95
CA LEU A 612 3.32 6.55 25.80
C LEU A 612 2.51 6.01 24.62
N THR A 613 3.18 5.78 23.49
CA THR A 613 2.49 5.26 22.32
C THR A 613 1.89 3.89 22.60
N THR A 614 2.66 3.01 23.24
CA THR A 614 2.16 1.67 23.54
C THR A 614 0.98 1.72 24.49
N CYS A 615 1.08 2.52 25.55
CA CYS A 615 0.00 2.60 26.52
C CYS A 615 -1.28 3.14 25.88
N LEU A 616 -1.15 4.15 25.03
CA LEU A 616 -2.34 4.71 24.39
C LEU A 616 -2.90 3.82 23.29
N LEU A 617 -2.06 3.01 22.64
CA LEU A 617 -2.54 2.10 21.61
C LEU A 617 -3.28 0.91 22.22
N PHE A 618 -2.73 0.34 23.31
CA PHE A 618 -3.36 -0.84 23.90
C PHE A 618 -4.66 -0.51 24.62
N LYS A 619 -4.89 0.76 25.00
CA LYS A 619 -6.08 1.09 25.81
C LYS A 619 -7.18 1.73 24.95
N HIS A 620 -6.87 2.08 23.71
CA HIS A 620 -7.82 2.82 22.89
C HIS A 620 -9.17 2.13 22.81
N ASP A 621 -10.21 2.84 23.28
CA ASP A 621 -11.60 2.41 23.16
C ASP A 621 -11.83 1.02 23.75
N ASN A 622 -11.36 0.82 24.99
CA ASN A 622 -11.56 -0.48 25.66
C ASN A 622 -11.82 -0.18 27.16
N PRO A 623 -13.08 0.00 27.62
CA PRO A 623 -13.34 0.23 29.05
C PRO A 623 -13.06 -0.97 29.93
N THR A 624 -12.97 -2.18 29.35
CA THR A 624 -12.74 -3.37 30.15
C THR A 624 -11.30 -3.54 30.58
N LEU A 625 -10.38 -2.77 29.99
CA LEU A 625 -8.97 -2.85 30.34
C LEU A 625 -8.64 -1.85 31.43
N VAL A 626 -7.74 -2.23 32.32
CA VAL A 626 -7.27 -1.37 33.39
C VAL A 626 -5.97 -0.72 32.96
N MET A 627 -5.87 0.59 33.16
CA MET A 627 -4.69 1.32 32.70
C MET A 627 -3.42 0.88 33.43
N SER A 628 -3.55 0.43 34.68
CA SER A 628 -2.36 0.04 35.44
C SER A 628 -1.68 -1.18 34.84
N ASP A 629 -2.46 -2.20 34.45
CA ASP A 629 -1.88 -3.39 33.84
C ASP A 629 -1.21 -3.07 32.52
N ILE A 630 -1.86 -2.24 31.69
CA ILE A 630 -1.28 -1.84 30.42
C ILE A 630 0.02 -1.08 30.66
N MET A 631 0.03 -0.18 31.62
CA MET A 631 1.24 0.59 31.91
C MET A 631 2.36 -0.30 32.42
N ASN A 632 2.03 -1.29 33.25
CA ASN A 632 3.03 -2.22 33.76
C ASN A 632 3.68 -3.00 32.62
N PHE A 633 2.83 -3.60 31.77
CA PHE A 633 3.36 -4.35 30.62
C PHE A 633 4.16 -3.47 29.70
N SER A 634 3.69 -2.24 29.45
CA SER A 634 4.37 -1.35 28.52
C SER A 634 5.69 -0.85 29.07
N ILE A 635 5.77 -0.57 30.36
CA ILE A 635 7.06 -0.15 30.90
C ILE A 635 8.06 -1.30 30.86
N TYR A 636 7.58 -2.54 31.04
CA TYR A 636 8.53 -3.64 30.97
C TYR A 636 8.94 -3.97 29.53
N THR A 637 8.08 -3.69 28.55
CA THR A 637 8.42 -3.97 27.16
C THR A 637 9.09 -2.81 26.44
N SER A 638 9.02 -1.60 26.98
CA SER A 638 9.62 -0.44 26.35
C SER A 638 11.03 -0.16 26.83
N LEU A 639 11.35 -0.57 28.05
CA LEU A 639 12.68 -0.40 28.62
C LEU A 639 13.52 -1.67 28.51
N SER A 640 13.13 -2.59 27.64
CA SER A 640 13.88 -3.82 27.45
C SER A 640 14.84 -3.64 26.29
N ILE A 641 16.11 -3.97 26.52
CA ILE A 641 17.17 -3.73 25.54
C ILE A 641 17.98 -5.00 25.33
N THR A 642 17.38 -6.15 25.59
CA THR A 642 18.06 -7.44 25.49
C THR A 642 17.25 -8.37 24.59
N LYS A 643 17.92 -9.43 24.14
CA LYS A 643 17.33 -10.39 23.19
C LYS A 643 16.34 -11.34 23.88
N SER A 644 16.14 -11.19 25.19
CA SER A 644 15.28 -12.11 25.92
C SER A 644 13.82 -11.95 25.52
N VAL A 645 13.35 -10.72 25.35
CA VAL A 645 11.96 -10.51 24.96
C VAL A 645 11.75 -10.50 23.46
N LEU A 646 12.80 -10.24 22.68
CA LEU A 646 12.69 -10.40 21.23
C LEU A 646 12.42 -11.85 20.88
N SER A 647 13.12 -12.77 21.54
CA SER A 647 12.92 -14.20 21.32
C SER A 647 11.51 -14.66 21.63
N LEU A 648 10.69 -13.81 22.23
CA LEU A 648 9.28 -14.10 22.49
C LEU A 648 8.34 -13.29 21.63
N THR A 649 8.62 -12.00 21.42
CA THR A 649 7.76 -11.17 20.58
C THR A 649 7.76 -11.64 19.14
N GLU A 650 8.92 -12.02 18.60
CA GLU A 650 8.94 -12.44 17.19
C GLU A 650 8.09 -13.68 16.95
N PRO A 651 8.21 -14.77 17.73
CA PRO A 651 7.40 -15.96 17.44
C PRO A 651 5.98 -15.91 17.98
N ALA A 652 5.66 -15.01 18.90
CA ALA A 652 4.31 -14.96 19.46
C ALA A 652 3.28 -14.65 18.40
N ARG A 653 3.59 -13.72 17.49
CA ARG A 653 2.73 -13.41 16.36
C ARG A 653 2.25 -14.69 15.68
N TYR A 654 3.20 -15.46 15.15
CA TYR A 654 2.86 -16.66 14.39
C TYR A 654 2.20 -17.71 15.26
N MET A 655 2.70 -17.89 16.50
CA MET A 655 2.12 -18.92 17.36
C MET A 655 0.65 -18.67 17.63
N ILE A 656 0.31 -17.45 18.05
CA ILE A 656 -1.06 -17.16 18.40
C ILE A 656 -1.95 -17.10 17.16
N MET A 657 -1.45 -16.54 16.06
CA MET A 657 -2.25 -16.51 14.83
C MET A 657 -2.54 -17.91 14.32
N ASN A 658 -1.56 -18.81 14.38
CA ASN A 658 -1.77 -20.19 13.94
C ASN A 658 -2.62 -20.99 14.90
N SER A 659 -2.57 -20.69 16.20
CA SER A 659 -3.46 -21.35 17.14
C SER A 659 -4.90 -20.90 16.96
N LEU A 660 -5.10 -19.64 16.56
CA LEU A 660 -6.46 -19.15 16.32
C LEU A 660 -7.03 -19.65 14.99
N ALA A 661 -6.18 -20.21 14.12
CA ALA A 661 -6.60 -20.55 12.77
C ALA A 661 -7.48 -21.81 12.77
N ILE A 662 -8.17 -22.02 11.65
CA ILE A 662 -8.94 -23.24 11.44
C ILE A 662 -8.00 -24.45 11.44
N SER A 663 -6.92 -24.36 10.67
CA SER A 663 -5.93 -25.43 10.60
C SER A 663 -4.57 -24.79 10.44
N SER A 664 -3.59 -25.31 11.18
CA SER A 664 -2.24 -24.80 11.11
C SER A 664 -1.29 -25.88 11.61
N ASN A 665 -0.01 -25.68 11.34
CA ASN A 665 1.03 -26.62 11.72
C ASN A 665 1.79 -26.11 12.94
N VAL A 666 1.06 -25.47 13.87
CA VAL A 666 1.70 -24.78 14.98
C VAL A 666 2.29 -25.74 15.99
N LYS A 667 1.74 -26.95 16.11
CA LYS A 667 2.28 -27.91 17.08
C LYS A 667 3.73 -28.26 16.76
N ASP A 668 4.01 -28.56 15.48
CA ASP A 668 5.38 -28.88 15.10
C ASP A 668 6.28 -27.67 15.14
N TYR A 669 5.73 -26.47 14.90
CA TYR A 669 6.53 -25.26 15.04
C TYR A 669 6.97 -25.08 16.48
N ILE A 670 6.05 -25.27 17.43
CA ILE A 670 6.41 -25.16 18.84
C ILE A 670 7.40 -26.25 19.21
N ALA A 671 7.17 -27.48 18.74
CA ALA A 671 8.01 -28.59 19.15
C ALA A 671 9.41 -28.52 18.55
N GLU A 672 9.57 -27.85 17.41
CA GLU A 672 10.84 -27.90 16.69
C GLU A 672 11.54 -26.56 16.53
N LYS A 673 10.82 -25.47 16.32
CA LYS A 673 11.45 -24.19 16.01
C LYS A 673 11.36 -23.16 17.12
N PHE A 674 10.25 -23.11 17.85
CA PHE A 674 10.11 -22.16 18.94
C PHE A 674 11.14 -22.47 20.02
N SER A 675 11.79 -21.42 20.52
CA SER A 675 12.82 -21.57 21.55
C SER A 675 12.89 -20.28 22.33
N PRO A 676 12.17 -20.19 23.45
CA PRO A 676 12.28 -19.00 24.30
C PRO A 676 13.67 -18.87 24.90
N TYR A 677 14.08 -17.63 25.11
CA TYR A 677 15.40 -17.28 25.61
C TYR A 677 15.19 -16.43 26.85
N THR A 678 14.96 -17.07 27.99
CA THR A 678 14.44 -16.41 29.17
C THR A 678 15.54 -16.23 30.20
N LYS A 679 16.23 -15.10 30.10
CA LYS A 679 17.26 -14.74 31.06
C LYS A 679 16.75 -13.84 32.17
N THR A 680 15.62 -13.17 31.96
CA THR A 680 15.06 -12.24 32.93
C THR A 680 13.69 -12.75 33.40
N LEU A 681 13.24 -12.21 34.53
CA LEU A 681 11.96 -12.64 35.10
C LEU A 681 10.79 -12.22 34.23
N PHE A 682 10.85 -11.04 33.63
CA PHE A 682 9.80 -10.62 32.72
C PHE A 682 9.71 -11.55 31.52
N SER A 683 10.82 -12.16 31.12
CA SER A 683 10.77 -13.16 30.06
C SER A 683 9.94 -14.36 30.48
N VAL A 684 10.08 -14.81 31.73
CA VAL A 684 9.27 -15.91 32.23
C VAL A 684 7.80 -15.51 32.25
N TYR A 685 7.51 -14.29 32.72
CA TYR A 685 6.13 -13.82 32.74
C TYR A 685 5.53 -13.79 31.34
N MET A 686 6.28 -13.27 30.39
CA MET A 686 5.76 -13.16 29.03
C MET A 686 5.64 -14.52 28.37
N THR A 687 6.53 -15.45 28.70
CA THR A 687 6.38 -16.82 28.20
C THR A 687 5.10 -17.45 28.70
N ARG A 688 4.78 -17.25 29.97
CA ARG A 688 3.51 -17.76 30.49
C ARG A 688 2.32 -17.12 29.81
N LEU A 689 2.41 -15.81 29.56
CA LEU A 689 1.32 -15.12 28.86
C LEU A 689 1.11 -15.70 27.46
N ILE A 690 2.21 -15.94 26.74
CA ILE A 690 2.12 -16.50 25.40
C ILE A 690 1.54 -17.91 25.45
N LYS A 691 1.95 -18.70 26.44
CA LYS A 691 1.44 -20.05 26.57
C LYS A 691 -0.07 -20.05 26.82
N ASN A 692 -0.54 -19.17 27.70
CA ASN A 692 -1.97 -19.09 27.97
C ASN A 692 -2.73 -18.62 26.74
N ALA A 693 -2.17 -17.66 26.00
CA ALA A 693 -2.82 -17.18 24.78
C ALA A 693 -2.95 -18.31 23.76
N CYS A 694 -1.89 -19.09 23.58
CA CYS A 694 -1.94 -20.21 22.65
C CYS A 694 -2.95 -21.27 23.10
N PHE A 695 -3.06 -21.49 24.42
CA PHE A 695 -4.04 -22.44 24.92
C PHE A 695 -5.46 -21.97 24.67
N ASP A 696 -5.72 -20.67 24.83
CA ASP A 696 -7.09 -20.16 24.74
C ASP A 696 -7.50 -19.77 23.32
N ALA A 697 -6.55 -19.67 22.38
CA ALA A 697 -6.87 -19.16 21.05
C ALA A 697 -7.95 -19.99 20.37
N TYR A 698 -7.77 -21.31 20.33
CA TYR A 698 -8.71 -22.13 19.57
C TYR A 698 -10.08 -22.18 20.21
N ASP A 699 -10.15 -22.37 21.53
CA ASP A 699 -11.46 -22.50 22.13
C ASP A 699 -12.15 -21.16 22.31
N GLN A 700 -11.49 -20.04 22.01
CA GLN A 700 -12.20 -18.78 21.87
C GLN A 700 -12.34 -18.31 20.43
N ARG A 701 -11.81 -19.07 19.48
CA ARG A 701 -12.07 -18.77 18.06
C ARG A 701 -13.55 -18.69 17.75
N GLN A 702 -14.35 -19.58 18.34
CA GLN A 702 -15.77 -19.65 18.03
C GLN A 702 -16.56 -18.44 18.49
N ARG A 703 -15.91 -17.41 19.07
CA ARG A 703 -16.61 -16.23 19.53
C ARG A 703 -16.60 -15.10 18.52
N VAL A 704 -16.02 -15.30 17.34
CA VAL A 704 -16.05 -14.28 16.30
C VAL A 704 -17.27 -14.50 15.44
N GLN A 705 -17.94 -13.40 15.08
CA GLN A 705 -19.19 -13.47 14.34
C GLN A 705 -19.15 -12.49 13.18
N LEU A 706 -19.80 -12.86 12.09
CA LEU A 706 -19.85 -12.02 10.92
C LEU A 706 -20.95 -10.97 11.04
N ARG A 707 -20.66 -9.78 10.53
CA ARG A 707 -21.65 -8.71 10.44
C ARG A 707 -22.67 -9.05 9.36
N ASP A 708 -23.89 -8.56 9.55
CA ASP A 708 -24.90 -8.70 8.50
C ASP A 708 -24.45 -7.95 7.25
N ILE A 709 -24.55 -8.62 6.11
CA ILE A 709 -24.04 -8.08 4.86
C ILE A 709 -25.16 -7.37 4.12
N TYR A 710 -24.97 -6.09 3.85
CA TYR A 710 -25.91 -5.29 3.07
C TYR A 710 -25.30 -5.09 1.69
N LEU A 711 -25.82 -5.82 0.70
CA LEU A 711 -25.31 -5.75 -0.66
C LEU A 711 -26.41 -5.25 -1.59
N SER A 712 -26.00 -4.56 -2.65
CA SER A 712 -26.96 -3.88 -3.52
C SER A 712 -26.61 -4.05 -4.99
N ASP A 713 -26.07 -5.21 -5.36
CA ASP A 713 -25.86 -5.59 -6.76
C ASP A 713 -24.74 -4.78 -7.40
N TYR A 714 -24.25 -3.74 -6.72
CA TYR A 714 -23.18 -2.92 -7.27
C TYR A 714 -22.08 -2.69 -6.23
N ASP A 715 -22.45 -2.76 -4.95
CA ASP A 715 -21.48 -2.58 -3.87
C ASP A 715 -22.04 -3.22 -2.61
N ILE A 716 -21.15 -3.45 -1.65
CA ILE A 716 -21.50 -4.02 -0.36
C ILE A 716 -21.40 -2.91 0.67
N THR A 717 -22.54 -2.46 1.17
CA THR A 717 -22.58 -1.32 2.09
C THR A 717 -22.12 -1.70 3.49
N GLN A 718 -22.39 -2.93 3.92
CA GLN A 718 -22.08 -3.35 5.27
C GLN A 718 -21.46 -4.75 5.22
N LYS A 719 -20.35 -4.92 5.91
CA LYS A 719 -19.61 -6.19 5.89
C LYS A 719 -18.63 -6.19 7.04
N GLY A 720 -17.89 -7.29 7.16
CA GLY A 720 -16.83 -7.41 8.14
C GLY A 720 -17.19 -8.31 9.30
N ILE A 721 -16.37 -8.20 10.35
CA ILE A 721 -16.54 -8.98 11.58
C ILE A 721 -17.29 -8.13 12.59
N LYS A 722 -18.23 -8.75 13.30
CA LYS A 722 -18.93 -8.05 14.36
C LYS A 722 -17.97 -7.64 15.47
N ASP A 723 -18.22 -6.47 16.05
CA ASP A 723 -17.36 -5.92 17.10
C ASP A 723 -18.03 -6.16 18.45
N ASN A 724 -17.81 -7.37 18.98
CA ASN A 724 -18.27 -7.74 20.31
C ASN A 724 -17.07 -8.12 21.15
N ARG A 725 -16.98 -7.55 22.35
CA ARG A 725 -15.84 -7.80 23.24
C ARG A 725 -16.07 -9.11 23.97
N GLU A 726 -15.80 -10.21 23.27
CA GLU A 726 -15.91 -11.54 23.83
C GLU A 726 -14.57 -12.27 23.91
N LEU A 727 -13.60 -11.92 23.08
CA LEU A 727 -12.30 -12.57 23.13
C LEU A 727 -11.54 -12.15 24.38
N THR A 728 -10.66 -13.03 24.85
CA THR A 728 -9.89 -12.79 26.05
C THR A 728 -8.59 -12.09 25.70
N SER A 729 -8.29 -11.01 26.42
CA SER A 729 -7.08 -10.25 26.17
C SER A 729 -5.83 -11.07 26.51
N ILE A 730 -4.75 -10.80 25.79
CA ILE A 730 -3.55 -11.62 25.86
C ILE A 730 -2.60 -11.15 26.95
N TRP A 731 -2.10 -9.93 26.82
CA TRP A 731 -0.99 -9.46 27.65
C TRP A 731 -1.41 -8.94 29.00
N PHE A 732 -2.72 -8.79 29.25
CA PHE A 732 -3.22 -8.22 30.48
C PHE A 732 -4.72 -8.49 30.56
N PRO A 733 -5.28 -8.58 31.77
CA PRO A 733 -6.68 -9.01 31.91
C PRO A 733 -7.65 -8.04 31.25
N GLY A 734 -8.73 -8.60 30.72
CA GLY A 734 -9.75 -7.83 30.05
C GLY A 734 -10.36 -8.56 28.88
N SER A 735 -11.22 -7.89 28.13
CA SER A 735 -11.85 -8.44 26.94
C SER A 735 -11.57 -7.54 25.75
N VAL A 736 -11.41 -8.16 24.58
CA VAL A 736 -11.10 -7.44 23.35
C VAL A 736 -11.95 -7.98 22.21
N THR A 737 -12.10 -7.17 21.17
CA THR A 737 -12.76 -7.63 19.95
C THR A 737 -11.74 -8.38 19.10
N LEU A 738 -12.16 -8.82 17.91
CA LEU A 738 -11.22 -9.53 17.04
C LEU A 738 -10.13 -8.59 16.53
N LYS A 739 -10.50 -7.36 16.16
CA LYS A 739 -9.49 -6.41 15.69
C LYS A 739 -8.50 -6.06 16.78
N GLU A 740 -8.99 -5.88 18.01
CA GLU A 740 -8.11 -5.56 19.15
C GLU A 740 -7.26 -6.80 19.49
N TYR A 741 -7.79 -8.00 19.27
CA TYR A 741 -7.03 -9.23 19.45
C TYR A 741 -5.88 -9.31 18.46
N LEU A 742 -6.15 -9.04 17.19
CA LEU A 742 -5.10 -9.06 16.18
C LEU A 742 -4.07 -7.97 16.43
N THR A 743 -4.52 -6.80 16.90
CA THR A 743 -3.59 -5.74 17.23
C THR A 743 -2.66 -6.16 18.37
N GLN A 744 -3.22 -6.82 19.39
CA GLN A 744 -2.38 -7.31 20.49
C GLN A 744 -1.42 -8.38 20.02
N ILE A 745 -1.83 -9.21 19.04
CA ILE A 745 -0.94 -10.24 18.53
C ILE A 745 0.21 -9.62 17.76
N TYR A 746 -0.09 -8.67 16.88
CA TYR A 746 0.89 -8.17 15.92
C TYR A 746 1.68 -6.97 16.41
N LEU A 747 1.27 -6.35 17.51
CA LEU A 747 1.87 -5.08 17.90
C LEU A 747 3.22 -5.25 18.60
N PRO A 748 3.39 -6.15 19.57
CA PRO A 748 4.69 -6.24 20.25
C PRO A 748 5.85 -6.58 19.35
N PHE A 749 5.59 -7.12 18.15
CA PHE A 749 6.66 -7.38 17.20
C PHE A 749 7.38 -6.10 16.77
N TYR A 750 6.72 -4.95 16.88
CA TYR A 750 7.30 -3.68 16.46
C TYR A 750 7.86 -2.86 17.61
N PHE A 751 7.80 -3.36 18.84
CA PHE A 751 8.53 -2.72 19.94
C PHE A 751 10.03 -2.98 19.81
N ASN A 752 10.40 -4.09 19.19
CA ASN A 752 11.76 -4.61 19.30
C ASN A 752 12.79 -3.65 18.72
N ALA A 753 13.95 -3.61 19.36
CA ALA A 753 15.05 -2.77 18.91
C ALA A 753 15.76 -3.40 17.72
N LYS A 754 16.16 -2.57 16.77
CA LYS A 754 16.88 -3.02 15.60
C LYS A 754 18.37 -2.99 15.88
N GLY A 755 19.06 -4.08 15.53
CA GLY A 755 20.50 -4.12 15.67
C GLY A 755 21.00 -4.46 17.05
N LEU A 756 20.39 -5.43 17.72
CA LEU A 756 20.90 -5.95 18.98
C LEU A 756 21.85 -7.12 18.78
N HIS A 757 22.08 -7.53 17.54
CA HIS A 757 23.00 -8.61 17.25
C HIS A 757 24.44 -8.11 17.34
N GLU A 758 25.31 -8.97 17.86
CA GLU A 758 26.74 -8.69 17.91
C GLU A 758 27.43 -9.35 16.72
N LYS A 759 28.26 -8.59 16.01
CA LYS A 759 28.90 -9.11 14.81
C LYS A 759 29.68 -10.38 15.11
N HIS A 760 30.35 -10.42 16.26
CA HIS A 760 31.19 -11.55 16.63
C HIS A 760 30.42 -12.86 16.55
N HIS A 761 29.18 -12.87 17.04
CA HIS A 761 28.39 -14.09 17.05
C HIS A 761 27.47 -14.21 15.84
N VAL A 762 26.91 -13.11 15.37
CA VAL A 762 25.94 -13.18 14.28
C VAL A 762 26.61 -13.57 12.97
N MET A 763 27.86 -13.12 12.76
CA MET A 763 28.55 -13.52 11.53
C MET A 763 28.79 -15.01 11.48
N VAL A 764 29.23 -15.59 12.61
CA VAL A 764 29.43 -17.04 12.67
C VAL A 764 28.11 -17.76 12.50
N ASP A 765 27.03 -17.24 13.10
CA ASP A 765 25.73 -17.87 12.97
C ASP A 765 25.28 -17.92 11.51
N LEU A 766 25.39 -16.79 10.81
CA LEU A 766 24.96 -16.75 9.41
C LEU A 766 25.82 -17.63 8.52
N ALA A 767 27.14 -17.62 8.73
CA ALA A 767 28.01 -18.49 7.96
C ALA A 767 27.66 -19.95 8.21
N LYS A 768 27.40 -20.30 9.47
CA LYS A 768 27.00 -21.67 9.79
C LYS A 768 25.72 -22.06 9.10
N THR A 769 24.73 -21.16 9.07
CA THR A 769 23.46 -21.47 8.41
C THR A 769 23.68 -21.73 6.92
N ILE A 770 24.40 -20.83 6.24
CA ILE A 770 24.60 -20.99 4.81
C ILE A 770 25.38 -22.26 4.51
N LEU A 771 26.45 -22.50 5.26
CA LEU A 771 27.28 -23.67 5.01
C LEU A 771 26.56 -24.97 5.35
N GLU A 772 25.71 -24.96 6.37
CA GLU A 772 24.92 -26.15 6.70
C GLU A 772 23.95 -26.49 5.57
N ILE A 773 23.27 -25.47 5.03
CA ILE A 773 22.38 -25.72 3.90
C ILE A 773 23.16 -26.26 2.71
N GLU A 774 24.31 -25.65 2.42
CA GLU A 774 25.09 -26.09 1.27
C GLU A 774 25.61 -27.52 1.44
N CYS A 775 26.09 -27.87 2.63
CA CYS A 775 26.59 -29.22 2.87
C CYS A 775 25.47 -30.24 2.80
N GLU A 776 24.29 -29.91 3.33
CA GLU A 776 23.16 -30.81 3.23
C GLU A 776 22.76 -31.05 1.78
N GLN A 777 22.74 -29.99 0.97
CA GLN A 777 22.44 -30.16 -0.44
C GLN A 777 23.51 -30.98 -1.15
N ARG A 778 24.78 -30.79 -0.77
CA ARG A 778 25.85 -31.54 -1.39
C ARG A 778 25.72 -33.03 -1.11
N GLU A 779 25.46 -33.39 0.15
CA GLU A 779 25.56 -34.79 0.56
C GLU A 779 24.23 -35.52 0.66
N ASN A 780 23.11 -34.86 0.39
CA ASN A 780 21.82 -35.54 0.52
C ASN A 780 20.84 -35.32 -0.61
N ILE A 781 21.08 -34.38 -1.52
CA ILE A 781 20.20 -34.15 -2.65
C ILE A 781 20.87 -34.77 -3.87
N LYS A 782 20.39 -35.94 -4.27
CA LYS A 782 20.95 -36.69 -5.39
C LYS A 782 20.15 -36.49 -6.67
N GLU A 783 18.84 -36.64 -6.61
CA GLU A 783 17.98 -36.49 -7.78
C GLU A 783 17.51 -35.06 -7.91
N ILE A 784 17.45 -34.58 -9.16
CA ILE A 784 16.91 -33.26 -9.43
C ILE A 784 15.41 -33.32 -9.69
N TRP A 785 14.96 -34.34 -10.44
CA TRP A 785 13.57 -34.50 -10.81
C TRP A 785 12.97 -35.70 -10.10
N SER A 786 11.75 -35.52 -9.60
CA SER A 786 11.02 -36.58 -8.92
C SER A 786 9.54 -36.43 -9.26
N THR A 787 8.77 -37.48 -8.96
CA THR A 787 7.34 -37.44 -9.16
C THR A 787 6.53 -37.75 -7.92
N ASN A 788 7.16 -37.89 -6.76
CA ASN A 788 6.47 -38.18 -5.51
C ASN A 788 6.67 -37.07 -4.48
N CYS A 789 6.79 -35.83 -4.97
CA CYS A 789 6.88 -34.64 -4.11
C CYS A 789 8.02 -34.75 -3.11
N THR A 790 9.17 -35.25 -3.56
CA THR A 790 10.36 -35.27 -2.73
C THR A 790 10.87 -33.84 -2.51
N LYS A 791 11.41 -33.60 -1.33
CA LYS A 791 11.88 -32.27 -0.98
C LYS A 791 13.04 -31.85 -1.89
N GLN A 792 13.01 -30.58 -2.30
CA GLN A 792 14.04 -30.00 -3.18
C GLN A 792 14.14 -30.77 -4.49
N THR A 793 13.01 -31.22 -5.01
CA THR A 793 12.92 -31.81 -6.33
C THR A 793 11.72 -31.21 -7.06
N VAL A 794 11.76 -31.30 -8.39
CA VAL A 794 10.73 -30.71 -9.24
C VAL A 794 10.21 -31.80 -10.18
N ASN A 795 8.89 -31.87 -10.32
CA ASN A 795 8.28 -32.74 -11.32
C ASN A 795 8.55 -32.15 -12.69
N LEU A 796 9.31 -32.88 -13.51
CA LEU A 796 9.79 -32.32 -14.77
C LEU A 796 8.64 -32.03 -15.73
N LYS A 797 7.87 -33.05 -16.08
CA LYS A 797 6.85 -32.90 -17.11
C LYS A 797 5.76 -31.93 -16.69
N ILE A 798 5.36 -31.97 -15.42
CA ILE A 798 4.36 -31.02 -14.94
C ILE A 798 4.87 -29.60 -15.04
N LEU A 799 6.13 -29.39 -14.64
CA LEU A 799 6.73 -28.05 -14.75
C LEU A 799 6.75 -27.59 -16.20
N ILE A 800 7.17 -28.45 -17.11
CA ILE A 800 7.28 -28.06 -18.52
C ILE A 800 5.91 -27.72 -19.08
N HIS A 801 4.91 -28.55 -18.80
CA HIS A 801 3.56 -28.30 -19.31
C HIS A 801 2.98 -27.01 -18.74
N SER A 802 3.14 -26.80 -17.43
CA SER A 802 2.61 -25.59 -16.82
C SER A 802 3.29 -24.35 -17.35
N LEU A 803 4.62 -24.40 -17.52
CA LEU A 803 5.35 -23.28 -18.09
C LEU A 803 4.88 -22.99 -19.51
N CYS A 804 4.70 -24.04 -20.32
CA CYS A 804 4.23 -23.85 -21.69
C CYS A 804 2.86 -23.19 -21.71
N LYS A 805 1.95 -23.68 -20.87
CA LYS A 805 0.57 -23.15 -20.82
C LYS A 805 0.58 -21.68 -20.37
N ASN A 806 1.40 -21.35 -19.37
CA ASN A 806 1.45 -19.98 -18.85
C ASN A 806 2.12 -19.04 -19.83
N LEU A 807 3.19 -19.49 -20.50
CA LEU A 807 3.83 -18.64 -21.50
C LEU A 807 2.92 -18.41 -22.70
N LEU A 808 2.17 -19.43 -23.11
CA LEU A 808 1.21 -19.23 -24.18
C LEU A 808 0.14 -18.23 -23.79
N ALA A 809 -0.36 -18.32 -22.56
CA ALA A 809 -1.38 -17.37 -22.11
C ALA A 809 -0.83 -15.95 -22.03
N ASP A 810 0.39 -15.79 -21.49
CA ASP A 810 0.95 -14.46 -21.28
C ASP A 810 1.36 -13.80 -22.59
N THR A 811 2.06 -14.53 -23.46
CA THR A 811 2.56 -13.95 -24.70
C THR A 811 1.44 -13.67 -25.69
N SER A 812 0.32 -14.38 -25.59
CA SER A 812 -0.81 -14.11 -26.49
C SER A 812 -1.51 -12.81 -26.15
N ARG A 813 -1.35 -12.29 -24.94
CA ARG A 813 -2.00 -11.05 -24.54
C ARG A 813 -1.32 -9.80 -25.09
N HIS A 814 -0.07 -9.90 -25.53
CA HIS A 814 0.66 -8.75 -26.04
C HIS A 814 1.46 -9.18 -27.27
N ASN A 815 1.33 -8.40 -28.34
CA ASN A 815 2.08 -8.66 -29.56
C ASN A 815 3.41 -7.92 -29.62
N HIS A 816 3.74 -7.13 -28.61
CA HIS A 816 4.98 -6.36 -28.56
C HIS A 816 5.62 -6.50 -27.19
N LEU A 817 5.67 -7.72 -26.67
CA LEU A 817 6.24 -7.95 -25.34
C LEU A 817 7.73 -7.62 -25.30
N ARG A 818 8.47 -8.00 -26.34
CA ARG A 818 9.89 -7.71 -26.39
C ARG A 818 10.15 -6.21 -26.40
N ASN A 819 9.32 -5.46 -27.15
CA ASN A 819 9.46 -4.02 -27.16
C ASN A 819 9.14 -3.41 -25.80
N ARG A 820 8.14 -3.96 -25.10
CA ARG A 820 7.85 -3.47 -23.76
C ARG A 820 9.04 -3.71 -22.83
N ILE A 821 9.67 -4.88 -22.93
CA ILE A 821 10.85 -5.16 -22.12
C ILE A 821 11.97 -4.18 -22.44
N GLU A 822 12.20 -3.93 -23.73
CA GLU A 822 13.31 -3.07 -24.13
C GLU A 822 13.07 -1.62 -23.74
N ASN A 823 11.86 -1.12 -23.95
CA ASN A 823 11.57 0.28 -23.68
C ASN A 823 11.45 0.55 -22.18
N ARG A 824 10.79 -0.33 -21.44
CA ARG A 824 10.58 -0.09 -20.02
C ARG A 824 11.87 -0.15 -19.22
N ASN A 825 12.90 -0.81 -19.74
CA ASN A 825 14.13 -1.04 -18.98
C ASN A 825 15.36 -0.42 -19.65
N ASN A 826 15.17 0.46 -20.63
CA ASN A 826 16.27 1.18 -21.28
C ASN A 826 17.31 0.23 -21.86
N PHE A 827 16.84 -0.87 -22.47
CA PHE A 827 17.76 -1.84 -23.04
C PHE A 827 18.57 -1.27 -24.20
N ARG A 828 17.97 -0.39 -25.01
CA ARG A 828 18.66 0.22 -26.13
C ARG A 828 19.36 1.53 -25.77
N ARG A 829 19.21 2.00 -24.55
CA ARG A 829 19.82 3.25 -24.12
C ARG A 829 21.21 2.99 -23.55
N SER A 830 21.87 4.06 -23.12
CA SER A 830 23.20 3.93 -22.54
C SER A 830 23.13 3.38 -21.13
N ILE A 831 24.24 2.78 -20.69
CA ILE A 831 24.30 2.19 -19.36
C ILE A 831 24.24 3.25 -18.26
N THR A 832 24.63 4.49 -18.57
CA THR A 832 24.68 5.55 -17.57
C THR A 832 23.30 6.14 -17.28
N THR A 833 22.28 5.79 -18.05
CA THR A 833 20.93 6.29 -17.83
C THR A 833 20.09 5.36 -16.97
N ILE A 834 20.63 4.23 -16.55
CA ILE A 834 19.91 3.30 -15.68
C ILE A 834 20.30 3.58 -14.24
N SER A 835 19.30 3.79 -13.39
CA SER A 835 19.56 4.23 -12.02
C SER A 835 20.29 3.17 -11.22
N THR A 836 19.91 1.90 -11.36
CA THR A 836 20.51 0.85 -10.55
C THR A 836 21.99 0.65 -10.87
N PHE A 837 22.45 1.09 -12.03
CA PHE A 837 23.84 0.94 -12.42
C PHE A 837 24.71 2.15 -12.08
N THR A 838 24.11 3.23 -11.60
CA THR A 838 24.83 4.44 -11.26
C THR A 838 24.50 4.91 -9.86
N SER A 839 24.23 3.99 -8.95
CA SER A 839 23.77 4.32 -7.61
C SER A 839 24.94 4.38 -6.63
N SER A 840 24.65 4.82 -5.41
CA SER A 840 25.62 4.86 -4.33
C SER A 840 25.61 3.59 -3.51
N LYS A 841 24.97 2.53 -3.98
CA LYS A 841 24.97 1.26 -3.29
C LYS A 841 26.35 0.61 -3.40
N SER A 842 26.55 -0.44 -2.62
CA SER A 842 27.84 -1.11 -2.54
C SER A 842 27.87 -2.30 -3.48
N CYS A 843 29.02 -2.47 -4.14
CA CYS A 843 29.29 -3.63 -4.98
C CYS A 843 30.67 -4.15 -4.62
N LEU A 844 31.02 -5.30 -5.19
CA LEU A 844 32.23 -6.01 -4.83
C LEU A 844 33.26 -5.90 -5.94
N LYS A 845 34.54 -5.92 -5.54
CA LYS A 845 35.65 -5.90 -6.47
C LYS A 845 36.62 -7.00 -6.08
N ILE A 846 37.07 -7.77 -7.07
CA ILE A 846 38.02 -8.85 -6.87
C ILE A 846 39.32 -8.45 -7.54
N GLY A 847 40.42 -8.56 -6.80
CA GLY A 847 41.72 -8.19 -7.33
C GLY A 847 42.84 -8.32 -6.32
N ASP A 848 43.77 -7.37 -6.34
CA ASP A 848 44.90 -7.34 -5.40
C ASP A 848 44.86 -6.00 -4.68
N PHE A 849 44.36 -5.99 -3.44
CA PHE A 849 44.19 -4.76 -2.69
C PHE A 849 45.01 -4.78 -1.42
N ARG A 850 46.28 -5.19 -1.53
CA ARG A 850 47.17 -5.19 -0.37
C ARG A 850 47.35 -3.78 0.17
N LYS A 851 47.59 -2.81 -0.72
CA LYS A 851 47.86 -1.44 -0.29
C LYS A 851 46.64 -0.83 0.38
N GLU A 852 45.45 -1.03 -0.20
CA GLU A 852 44.26 -0.40 0.33
C GLU A 852 43.84 -0.99 1.68
N LYS A 853 43.96 -2.30 1.84
CA LYS A 853 43.47 -2.97 3.04
C LYS A 853 44.48 -3.03 4.16
N GLU A 854 45.77 -2.89 3.87
CA GLU A 854 46.80 -2.91 4.92
C GLU A 854 46.73 -1.60 5.69
N LEU A 855 46.11 -1.63 6.86
CA LEU A 855 45.98 -0.44 7.69
C LEU A 855 46.36 -0.74 9.14
N ARG A 869 56.25 -3.65 14.71
CA ARG A 869 56.04 -4.76 15.63
C ARG A 869 55.19 -5.84 14.98
N LYS A 870 55.46 -7.09 15.34
CA LYS A 870 54.75 -8.24 14.79
C LYS A 870 54.03 -9.00 15.90
N MET A 871 52.90 -9.60 15.55
CA MET A 871 52.13 -10.43 16.45
C MET A 871 51.80 -11.74 15.75
N ARG A 872 51.67 -12.79 16.55
CA ARG A 872 51.36 -14.14 16.00
C ARG A 872 49.89 -14.44 16.25
N LEU A 873 49.32 -15.35 15.46
CA LEU A 873 47.93 -15.74 15.61
C LEU A 873 47.73 -16.57 16.87
N ALA A 874 46.52 -16.49 17.43
CA ALA A 874 46.16 -17.28 18.58
C ALA A 874 45.88 -18.73 18.24
N ASN A 875 45.45 -19.01 17.01
CA ASN A 875 45.16 -20.37 16.58
C ASN A 875 46.46 -21.14 16.38
N PRO A 876 46.67 -22.26 17.07
CA PRO A 876 47.93 -23.00 16.90
C PRO A 876 48.12 -23.57 15.49
N MET A 877 47.05 -23.73 14.72
CA MET A 877 47.15 -24.30 13.38
C MET A 877 47.72 -23.31 12.36
N PHE A 878 47.91 -22.04 12.75
CA PHE A 878 48.39 -21.04 11.80
C PHE A 878 49.62 -20.31 12.35
N VAL A 879 50.41 -20.97 13.17
CA VAL A 879 51.56 -20.35 13.83
C VAL A 879 52.83 -21.03 13.33
N THR A 880 53.74 -20.23 12.78
CA THR A 880 55.04 -20.73 12.35
C THR A 880 55.94 -20.93 13.57
N ASP A 881 56.89 -21.86 13.44
CA ASP A 881 57.81 -22.14 14.54
C ASP A 881 58.67 -20.93 14.91
N GLU A 882 58.93 -20.03 13.95
CA GLU A 882 59.71 -18.83 14.21
C GLU A 882 58.88 -17.69 14.77
N GLN A 883 57.56 -17.86 14.90
CA GLN A 883 56.70 -16.83 15.45
C GLN A 883 56.25 -17.10 16.88
N VAL A 884 56.66 -18.23 17.46
CA VAL A 884 56.22 -18.56 18.83
C VAL A 884 56.74 -17.52 19.82
N CYS A 885 57.99 -17.10 19.67
CA CYS A 885 58.59 -16.09 20.54
C CYS A 885 58.08 -14.69 20.17
N LEU A 886 56.76 -14.53 20.28
CA LEU A 886 56.10 -13.26 20.01
C LEU A 886 54.91 -13.13 20.94
N GLU A 887 54.14 -12.07 20.76
CA GLU A 887 52.94 -11.83 21.54
C GLU A 887 51.71 -12.12 20.70
N VAL A 888 50.67 -12.64 21.35
CA VAL A 888 49.41 -12.90 20.66
C VAL A 888 48.67 -11.60 20.44
N GLY A 889 48.03 -11.47 19.28
CA GLY A 889 47.29 -10.27 18.97
C GLY A 889 46.03 -10.60 18.17
N HIS A 890 45.11 -9.63 18.18
CA HIS A 890 43.91 -9.75 17.36
C HIS A 890 44.30 -9.78 15.88
N CYS A 891 43.70 -10.71 15.13
CA CYS A 891 44.03 -10.84 13.73
C CYS A 891 43.59 -9.60 12.96
N ASN A 892 44.38 -9.25 11.94
CA ASN A 892 44.04 -8.17 11.03
C ASN A 892 44.34 -8.65 9.62
N TYR A 893 44.31 -7.72 8.66
CA TYR A 893 44.46 -8.10 7.26
C TYR A 893 45.82 -8.71 6.98
N GLU A 894 46.89 -8.20 7.60
CA GLU A 894 48.23 -8.69 7.31
C GLU A 894 48.40 -10.14 7.75
N MET A 895 48.04 -10.44 9.01
CA MET A 895 48.20 -11.80 9.49
C MET A 895 47.24 -12.76 8.79
N LEU A 896 46.03 -12.31 8.46
CA LEU A 896 45.11 -13.14 7.70
C LEU A 896 45.67 -13.46 6.32
N ARG A 897 46.23 -12.46 5.65
CA ARG A 897 46.83 -12.68 4.33
C ARG A 897 48.00 -13.64 4.43
N ASN A 898 48.82 -13.51 5.48
CA ASN A 898 49.98 -14.38 5.62
C ASN A 898 49.59 -15.80 6.00
N ALA A 899 48.48 -15.98 6.71
CA ALA A 899 48.10 -17.28 7.24
C ALA A 899 47.23 -18.10 6.29
N MET A 900 46.77 -17.52 5.18
CA MET A 900 45.90 -18.22 4.24
C MET A 900 46.58 -18.38 2.90
N PRO A 901 46.84 -19.62 2.44
CA PRO A 901 47.51 -19.80 1.15
C PRO A 901 46.67 -19.38 -0.04
N ASN A 902 45.43 -19.89 -0.12
CA ASN A 902 44.55 -19.65 -1.26
C ASN A 902 43.57 -18.52 -0.99
N TYR A 903 43.99 -17.50 -0.26
CA TYR A 903 43.14 -16.37 0.04
C TYR A 903 42.95 -15.52 -1.20
N THR A 904 41.69 -15.27 -1.57
CA THR A 904 41.38 -14.37 -2.68
C THR A 904 41.09 -12.99 -2.11
N ASP A 905 41.70 -11.97 -2.68
CA ASP A 905 41.54 -10.62 -2.17
C ASP A 905 40.32 -9.96 -2.80
N TYR A 906 39.67 -9.10 -2.02
CA TYR A 906 38.45 -8.43 -2.45
C TYR A 906 38.33 -7.13 -1.68
N ILE A 907 37.47 -6.25 -2.16
CA ILE A 907 37.14 -5.00 -1.49
C ILE A 907 35.72 -4.61 -1.90
N SER A 908 35.13 -3.70 -1.15
CA SER A 908 33.79 -3.20 -1.45
C SER A 908 33.88 -1.75 -1.90
N THR A 909 33.27 -1.44 -3.03
CA THR A 909 33.25 -0.08 -3.55
C THR A 909 31.82 0.35 -3.82
N LYS A 910 31.63 1.51 -4.41
CA LYS A 910 30.31 1.99 -4.77
C LYS A 910 29.99 1.65 -6.22
N VAL A 911 28.70 1.55 -6.51
CA VAL A 911 28.27 1.15 -7.85
C VAL A 911 28.69 2.19 -8.88
N PHE A 912 28.47 3.47 -8.59
CA PHE A 912 28.85 4.51 -9.54
C PHE A 912 30.36 4.58 -9.73
N ASP A 913 31.13 4.39 -8.64
CA ASP A 913 32.58 4.40 -8.76
C ASP A 913 33.07 3.20 -9.56
N ARG A 914 32.45 2.05 -9.38
CA ARG A 914 32.81 0.88 -10.17
C ARG A 914 32.50 1.11 -11.65
N LEU A 915 31.37 1.73 -11.95
CA LEU A 915 31.05 2.08 -13.33
C LEU A 915 32.07 3.06 -13.90
N TYR A 916 32.47 4.05 -13.12
CA TYR A 916 33.50 4.98 -13.55
C TYR A 916 34.80 4.26 -13.88
N GLU A 917 35.22 3.34 -13.01
CA GLU A 917 36.46 2.62 -13.24
C GLU A 917 36.36 1.72 -14.47
N LEU A 918 35.21 1.07 -14.67
CA LEU A 918 35.04 0.22 -15.83
C LEU A 918 35.04 1.02 -17.12
N LEU A 919 34.40 2.19 -17.12
CA LEU A 919 34.44 3.05 -18.31
C LEU A 919 35.84 3.57 -18.56
N ASP A 920 36.58 3.92 -17.50
CA ASP A 920 37.93 4.48 -17.67
C ASP A 920 38.88 3.44 -18.25
N LYS A 921 38.74 2.18 -17.85
CA LYS A 921 39.61 1.11 -18.31
C LYS A 921 39.10 0.43 -19.57
N LYS A 922 38.10 1.00 -20.23
CA LYS A 922 37.57 0.58 -21.51
C LYS A 922 36.88 -0.78 -21.47
N VAL A 923 36.58 -1.31 -20.29
CA VAL A 923 35.82 -2.55 -20.22
C VAL A 923 34.40 -2.32 -20.71
N LEU A 924 33.79 -1.21 -20.32
CA LEU A 924 32.48 -0.82 -20.81
C LEU A 924 32.62 0.32 -21.81
N THR A 925 31.80 0.26 -22.86
CA THR A 925 31.85 1.21 -23.96
C THR A 925 30.55 2.01 -24.01
N ASP A 926 30.37 2.77 -25.09
CA ASP A 926 29.19 3.60 -25.26
C ASP A 926 28.11 2.88 -26.05
N LYS A 927 28.20 1.56 -26.18
CA LYS A 927 27.20 0.76 -26.87
C LYS A 927 25.94 0.65 -26.01
N PRO A 928 24.82 0.23 -26.62
CA PRO A 928 23.60 0.02 -25.82
C PRO A 928 23.83 -0.99 -24.72
N VAL A 929 23.12 -0.79 -23.61
CA VAL A 929 23.41 -1.57 -22.41
C VAL A 929 23.12 -3.05 -22.61
N ILE A 930 22.13 -3.39 -23.45
CA ILE A 930 21.80 -4.80 -23.62
C ILE A 930 22.90 -5.54 -24.35
N GLU A 931 23.55 -4.90 -25.32
CA GLU A 931 24.67 -5.54 -26.01
C GLU A 931 25.85 -5.74 -25.06
N GLN A 932 26.13 -4.76 -24.21
CA GLN A 932 27.19 -4.92 -23.22
C GLN A 932 26.87 -6.04 -22.24
N ILE A 933 25.61 -6.14 -21.82
CA ILE A 933 25.21 -7.23 -20.93
C ILE A 933 25.38 -8.57 -21.61
N MET A 934 24.99 -8.67 -22.87
CA MET A 934 25.14 -9.92 -23.60
C MET A 934 26.60 -10.32 -23.76
N ASP A 935 27.49 -9.34 -24.03
CA ASP A 935 28.91 -9.65 -24.09
C ASP A 935 29.47 -10.04 -22.72
N MET A 936 28.99 -9.41 -21.66
CA MET A 936 29.50 -9.71 -20.32
C MET A 936 29.04 -11.08 -19.85
N MET A 937 27.89 -11.55 -20.34
CA MET A 937 27.40 -12.86 -19.93
C MET A 937 28.36 -13.97 -20.32
N ILE A 938 29.15 -13.77 -21.37
CA ILE A 938 30.16 -14.75 -21.77
C ILE A 938 31.57 -14.31 -21.41
N ASP A 939 31.82 -13.02 -21.21
CA ASP A 939 33.15 -12.58 -20.81
C ASP A 939 33.43 -12.82 -19.33
N HIS A 940 32.43 -12.62 -18.47
CA HIS A 940 32.59 -12.81 -17.03
C HIS A 940 32.15 -14.23 -16.67
N LYS A 941 33.09 -15.09 -16.30
CA LYS A 941 32.76 -16.52 -16.04
C LYS A 941 32.78 -16.87 -14.56
N LYS A 942 33.56 -16.16 -13.76
CA LYS A 942 33.70 -16.49 -12.34
C LYS A 942 32.98 -15.44 -11.52
N PHE A 943 32.01 -15.88 -10.71
CA PHE A 943 31.19 -14.98 -9.90
C PHE A 943 31.53 -15.14 -8.44
N TYR A 944 31.78 -14.03 -7.75
CA TYR A 944 32.12 -14.01 -6.34
C TYR A 944 31.12 -13.16 -5.58
N PHE A 945 30.72 -13.64 -4.41
CA PHE A 945 29.79 -12.93 -3.54
C PHE A 945 30.32 -12.93 -2.12
N THR A 946 29.99 -11.88 -1.38
CA THR A 946 30.23 -11.83 0.05
C THR A 946 28.90 -11.62 0.74
N PHE A 947 28.89 -11.71 2.07
CA PHE A 947 27.64 -11.55 2.80
C PHE A 947 27.86 -10.73 4.06
N PHE A 948 26.77 -10.16 4.56
CA PHE A 948 26.75 -9.43 5.81
C PHE A 948 25.39 -9.63 6.47
N ASN A 949 25.33 -9.32 7.77
CA ASN A 949 24.09 -9.49 8.51
C ASN A 949 23.20 -8.28 8.31
N LYS A 950 21.93 -8.53 7.99
CA LYS A 950 20.99 -7.44 7.74
C LYS A 950 20.76 -6.62 9.00
N GLY A 951 20.61 -7.28 10.15
CA GLY A 951 20.39 -6.58 11.40
C GLY A 951 18.93 -6.28 11.67
N GLN A 952 18.05 -7.21 11.31
CA GLN A 952 16.62 -7.02 11.50
C GLN A 952 16.21 -7.39 12.93
N LYS A 953 15.03 -6.92 13.32
CA LYS A 953 14.50 -7.07 14.67
C LYS A 953 14.06 -8.47 15.00
N THR A 954 14.26 -9.46 14.13
CA THR A 954 13.86 -10.82 14.46
C THR A 954 14.82 -11.43 15.46
N SER A 955 14.43 -12.59 16.00
CA SER A 955 15.29 -13.30 16.93
C SER A 955 16.53 -13.84 16.23
N LYS A 956 16.44 -14.14 14.93
CA LYS A 956 17.62 -14.61 14.15
C LYS A 956 17.84 -13.69 12.95
N ASP A 957 19.08 -13.30 12.66
CA ASP A 957 19.37 -12.31 11.57
C ASP A 957 19.28 -12.93 10.17
N ARG A 958 19.25 -12.08 9.14
CA ARG A 958 19.16 -12.55 7.73
C ARG A 958 20.45 -12.25 6.98
N GLU A 959 20.94 -13.21 6.20
CA GLU A 959 22.19 -13.02 5.41
C GLU A 959 21.87 -12.20 4.17
N ILE A 960 22.69 -11.21 3.86
CA ILE A 960 22.51 -10.41 2.66
C ILE A 960 23.77 -10.52 1.82
N PHE A 961 23.62 -10.73 0.52
CA PHE A 961 24.73 -11.05 -0.36
C PHE A 961 25.02 -9.86 -1.26
N VAL A 962 26.30 -9.49 -1.33
CA VAL A 962 26.80 -8.44 -2.21
C VAL A 962 27.64 -9.08 -3.29
N GLY A 963 27.38 -8.73 -4.54
CA GLY A 963 28.12 -9.28 -5.66
C GLY A 963 28.84 -8.23 -6.48
N GLU A 964 29.37 -8.62 -7.62
CA GLU A 964 30.15 -7.72 -8.45
C GLU A 964 29.23 -6.93 -9.37
N TYR A 965 29.81 -5.96 -10.08
CA TYR A 965 29.06 -5.14 -11.02
C TYR A 965 28.60 -5.97 -12.23
N GLU A 966 29.48 -6.83 -12.73
CA GLU A 966 29.15 -7.64 -13.90
C GLU A 966 28.01 -8.61 -13.59
N ALA A 967 28.05 -9.22 -12.40
CA ALA A 967 26.92 -10.03 -11.97
C ALA A 967 25.65 -9.21 -11.88
N LYS A 968 25.77 -7.95 -11.46
CA LYS A 968 24.61 -7.07 -11.41
C LYS A 968 24.01 -6.89 -12.80
N MET A 969 24.85 -6.65 -13.82
CA MET A 969 24.33 -6.48 -15.17
C MET A 969 23.66 -7.75 -15.67
N CYS A 970 24.34 -8.90 -15.48
CA CYS A 970 23.81 -10.16 -15.98
C CYS A 970 22.49 -10.50 -15.32
N MET A 971 22.37 -10.27 -14.01
CA MET A 971 21.11 -10.53 -13.33
C MET A 971 20.05 -9.50 -13.68
N TYR A 972 20.46 -8.27 -13.98
CA TYR A 972 19.51 -7.24 -14.37
C TYR A 972 18.78 -7.63 -15.65
N ALA A 973 19.52 -8.14 -16.63
CA ALA A 973 18.87 -8.52 -17.89
C ALA A 973 17.81 -9.59 -17.66
N VAL A 974 18.16 -10.66 -16.96
CA VAL A 974 17.23 -11.77 -16.75
C VAL A 974 16.05 -11.33 -15.91
N GLU A 975 16.30 -10.55 -14.86
CA GLU A 975 15.23 -10.11 -13.99
C GLU A 975 14.24 -9.22 -14.73
N ARG A 976 14.75 -8.32 -15.58
CA ARG A 976 13.85 -7.47 -16.35
C ARG A 976 13.07 -8.26 -17.39
N ILE A 977 13.69 -9.29 -17.99
CA ILE A 977 12.95 -10.14 -18.91
C ILE A 977 11.81 -10.85 -18.20
N ALA A 978 12.07 -11.37 -17.00
CA ALA A 978 11.04 -12.11 -16.28
C ALA A 978 10.03 -11.21 -15.60
N LYS A 979 10.34 -9.93 -15.41
CA LYS A 979 9.44 -9.04 -14.69
C LYS A 979 8.22 -8.65 -15.52
N GLU A 980 8.40 -8.46 -16.82
CA GLU A 980 7.30 -7.96 -17.65
C GLU A 980 6.15 -8.95 -17.78
N ARG A 981 6.40 -10.22 -17.47
CA ARG A 981 5.35 -11.26 -17.55
C ARG A 981 4.62 -11.34 -16.20
N CYS A 982 5.27 -10.95 -15.11
CA CYS A 982 4.65 -10.98 -13.80
C CYS A 982 3.52 -9.95 -13.72
N LYS A 983 2.55 -10.25 -12.86
CA LYS A 983 1.39 -9.39 -12.69
C LYS A 983 1.56 -8.37 -11.58
N LEU A 984 2.79 -8.12 -11.16
CA LEU A 984 3.08 -7.16 -10.10
C LEU A 984 3.17 -5.74 -10.67
N ASN A 985 2.97 -4.77 -9.80
CA ASN A 985 3.03 -3.37 -10.22
C ASN A 985 4.46 -2.97 -10.50
N PRO A 986 4.78 -2.49 -11.71
CA PRO A 986 6.17 -2.11 -12.01
C PRO A 986 6.68 -0.90 -11.25
N ASP A 987 5.80 -0.08 -10.67
CA ASP A 987 6.22 1.12 -9.96
C ASP A 987 6.57 0.87 -8.50
N GLU A 988 6.26 -0.30 -7.96
CA GLU A 988 6.58 -0.62 -6.57
C GLU A 988 7.75 -1.58 -6.50
N MET A 989 8.28 -1.75 -5.29
CA MET A 989 9.39 -2.65 -5.05
C MET A 989 8.92 -3.90 -4.32
N ILE A 990 9.70 -4.97 -4.49
CA ILE A 990 9.42 -6.22 -3.77
C ILE A 990 9.56 -6.00 -2.26
N SER A 991 10.60 -5.28 -1.86
CA SER A 991 10.83 -5.03 -0.43
C SER A 991 9.75 -4.17 0.20
N GLU A 992 9.08 -3.32 -0.59
CA GLU A 992 8.04 -2.43 -0.08
C GLU A 992 6.77 -2.62 -0.90
N PRO A 993 5.96 -3.62 -0.57
CA PRO A 993 4.69 -3.82 -1.28
C PRO A 993 3.74 -2.66 -1.01
N GLY A 994 3.15 -2.13 -2.08
CA GLY A 994 2.27 -0.99 -1.94
C GLY A 994 0.97 -1.33 -1.27
N ASP A 995 0.30 -0.30 -0.76
CA ASP A 995 -1.00 -0.47 -0.13
C ASP A 995 -2.11 -0.73 -1.15
N GLY A 996 -1.79 -0.65 -2.45
CA GLY A 996 -2.78 -1.00 -3.46
C GLY A 996 -3.25 -2.44 -3.34
N LYS A 997 -2.36 -3.33 -2.91
CA LYS A 997 -2.77 -4.71 -2.63
C LYS A 997 -3.89 -4.75 -1.61
N LEU A 998 -3.87 -3.82 -0.65
CA LEU A 998 -4.95 -3.73 0.32
C LEU A 998 -6.30 -3.59 -0.36
N LYS A 999 -6.36 -2.88 -1.48
CA LYS A 999 -7.60 -2.82 -2.25
C LYS A 999 -7.84 -4.11 -3.02
N VAL A 1000 -6.79 -4.68 -3.62
CA VAL A 1000 -6.95 -5.87 -4.45
C VAL A 1000 -7.60 -6.99 -3.64
N LEU A 1001 -7.04 -7.27 -2.47
CA LEU A 1001 -7.63 -8.22 -1.53
C LEU A 1001 -9.13 -7.98 -1.42
N GLU A 1002 -9.51 -6.75 -1.09
CA GLU A 1002 -10.92 -6.42 -0.91
C GLU A 1002 -11.72 -6.85 -2.12
N GLN A 1003 -11.28 -6.45 -3.31
CA GLN A 1003 -12.00 -6.81 -4.53
C GLN A 1003 -12.22 -8.31 -4.57
N LYS A 1004 -11.15 -9.08 -4.41
CA LYS A 1004 -11.27 -10.53 -4.46
C LYS A 1004 -12.32 -10.99 -3.48
N SER A 1005 -12.21 -10.55 -2.22
CA SER A 1005 -13.15 -11.01 -1.21
C SER A 1005 -14.58 -10.68 -1.63
N GLU A 1006 -14.80 -9.45 -2.09
CA GLU A 1006 -16.14 -9.07 -2.52
C GLU A 1006 -16.65 -10.02 -3.57
N GLN A 1007 -15.83 -10.27 -4.60
CA GLN A 1007 -16.23 -11.19 -5.65
C GLN A 1007 -16.64 -12.52 -5.04
N GLU A 1008 -15.78 -13.06 -4.17
CA GLU A 1008 -16.07 -14.36 -3.58
C GLU A 1008 -17.34 -14.32 -2.75
N ILE A 1009 -17.55 -13.22 -2.01
CA ILE A 1009 -18.78 -13.10 -1.25
C ILE A 1009 -19.98 -13.22 -2.19
N ARG A 1010 -19.93 -12.51 -3.32
CA ARG A 1010 -21.01 -12.61 -4.28
C ARG A 1010 -21.16 -14.03 -4.78
N PHE A 1011 -20.05 -14.70 -5.06
CA PHE A 1011 -20.13 -16.08 -5.51
C PHE A 1011 -20.77 -16.96 -4.45
N LEU A 1012 -20.57 -16.63 -3.17
CA LEU A 1012 -21.18 -17.42 -2.12
C LEU A 1012 -22.66 -17.14 -2.00
N VAL A 1013 -23.10 -15.94 -2.38
CA VAL A 1013 -24.50 -15.59 -2.17
C VAL A 1013 -25.36 -16.06 -3.33
N GLU A 1014 -24.91 -15.86 -4.58
CA GLU A 1014 -25.71 -16.26 -5.73
C GLU A 1014 -25.75 -17.78 -5.88
N THR A 1015 -24.63 -18.46 -5.67
CA THR A 1015 -24.54 -19.88 -5.98
C THR A 1015 -25.41 -20.71 -5.04
N THR A 1016 -25.13 -20.65 -3.73
CA THR A 1016 -25.89 -21.44 -2.76
C THR A 1016 -27.38 -21.19 -2.92
N ARG A 1017 -27.78 -19.92 -2.96
CA ARG A 1017 -29.16 -19.56 -3.20
C ARG A 1017 -29.69 -20.25 -4.45
N GLN A 1018 -28.95 -20.15 -5.56
CA GLN A 1018 -29.39 -20.78 -6.79
C GLN A 1018 -29.58 -22.28 -6.63
N LYS A 1019 -28.75 -22.92 -5.82
CA LYS A 1019 -28.86 -24.36 -5.63
C LYS A 1019 -29.85 -24.73 -4.55
N ASN A 1020 -30.33 -23.77 -3.76
CA ASN A 1020 -31.22 -24.07 -2.65
C ASN A 1020 -32.57 -23.38 -2.78
N ARG A 1021 -32.84 -22.78 -3.95
CA ARG A 1021 -34.12 -22.07 -4.18
C ARG A 1021 -35.25 -23.06 -3.99
N GLU A 1022 -35.20 -24.18 -4.72
CA GLU A 1022 -36.25 -25.23 -4.64
C GLU A 1022 -36.44 -25.70 -3.19
N ILE A 1023 -35.33 -25.99 -2.50
CA ILE A 1023 -35.41 -26.50 -1.09
C ILE A 1023 -36.12 -25.47 -0.23
N ASP A 1024 -35.67 -24.21 -0.26
CA ASP A 1024 -36.27 -23.14 0.56
C ASP A 1024 -37.78 -23.04 0.26
N GLU A 1025 -38.15 -22.99 -1.03
CA GLU A 1025 -39.58 -22.86 -1.42
C GLU A 1025 -40.40 -23.98 -0.78
N ALA A 1026 -39.97 -25.23 -0.95
CA ALA A 1026 -40.73 -26.38 -0.41
C ALA A 1026 -40.80 -26.29 1.13
N ILE A 1027 -39.65 -26.04 1.78
CA ILE A 1027 -39.61 -25.97 3.27
C ILE A 1027 -40.58 -24.87 3.74
N GLU A 1028 -40.62 -23.72 3.05
CA GLU A 1028 -41.47 -22.63 3.50
C GLU A 1028 -42.94 -23.00 3.41
N ALA A 1029 -43.34 -23.62 2.30
CA ALA A 1029 -44.73 -24.05 2.16
C ALA A 1029 -45.11 -25.05 3.25
N LEU A 1030 -44.15 -25.78 3.79
CA LEU A 1030 -44.40 -26.75 4.85
C LEU A 1030 -44.19 -26.17 6.24
N ALA A 1031 -43.86 -24.88 6.34
CA ALA A 1031 -43.65 -24.24 7.63
C ALA A 1031 -44.93 -23.68 8.24
N THR A 1032 -46.00 -23.58 7.47
CA THR A 1032 -47.24 -23.01 7.95
C THR A 1032 -48.39 -24.02 7.90
N LEU A 1052 -40.66 -31.37 11.31
CA LEU A 1052 -41.10 -32.60 10.66
C LEU A 1052 -39.90 -33.33 10.06
N GLY A 1053 -39.95 -34.66 10.06
CA GLY A 1053 -38.82 -35.44 9.60
C GLY A 1053 -38.44 -35.13 8.16
N LYS A 1054 -39.44 -34.93 7.31
CA LYS A 1054 -39.16 -34.59 5.92
C LYS A 1054 -38.48 -33.22 5.81
N ILE A 1055 -38.75 -32.31 6.74
CA ILE A 1055 -38.12 -30.99 6.70
C ILE A 1055 -36.61 -31.11 6.87
N GLU A 1056 -36.18 -31.84 7.91
CA GLU A 1056 -34.74 -32.05 8.07
C GLU A 1056 -34.19 -32.96 6.98
N LYS A 1057 -34.99 -33.85 6.42
CA LYS A 1057 -34.52 -34.66 5.30
C LYS A 1057 -34.17 -33.79 4.10
N LEU A 1058 -35.03 -32.81 3.79
CA LEU A 1058 -34.71 -31.86 2.73
C LEU A 1058 -33.53 -30.98 3.11
N SER A 1059 -33.50 -30.51 4.36
CA SER A 1059 -32.49 -29.54 4.78
C SER A 1059 -31.09 -30.12 4.76
N LEU A 1060 -30.94 -31.44 4.89
CA LEU A 1060 -29.63 -32.06 4.77
C LEU A 1060 -29.27 -32.39 3.34
N GLY A 1061 -30.18 -32.18 2.38
CA GLY A 1061 -29.91 -32.41 0.99
C GLY A 1061 -29.65 -31.16 0.17
N LYS A 1062 -29.47 -30.01 0.80
CA LYS A 1062 -29.23 -28.76 0.10
C LYS A 1062 -27.74 -28.46 0.05
N ALA A 1063 -27.33 -27.79 -1.03
CA ALA A 1063 -25.92 -27.49 -1.23
C ALA A 1063 -25.45 -26.48 -0.18
N LYS A 1064 -24.35 -26.80 0.48
CA LYS A 1064 -23.74 -25.93 1.48
C LYS A 1064 -22.51 -25.25 0.89
N GLY A 1065 -22.21 -24.07 1.44
CA GLY A 1065 -21.07 -23.29 1.00
C GLY A 1065 -19.92 -23.33 1.98
N LEU A 1066 -18.71 -23.05 1.48
CA LEU A 1066 -17.50 -23.14 2.29
C LEU A 1066 -16.52 -22.09 1.80
N LYS A 1067 -15.91 -21.38 2.76
CA LYS A 1067 -14.91 -20.37 2.49
C LYS A 1067 -13.60 -20.81 3.12
N MET A 1068 -12.51 -20.74 2.37
CA MET A 1068 -11.20 -21.12 2.87
C MET A 1068 -10.18 -20.06 2.47
N GLU A 1069 -9.29 -19.73 3.40
CA GLU A 1069 -8.18 -18.82 3.12
C GLU A 1069 -6.90 -19.47 3.61
N ILE A 1070 -6.03 -19.83 2.66
CA ILE A 1070 -4.71 -20.35 2.97
C ILE A 1070 -3.76 -19.17 2.88
N ASN A 1071 -3.18 -18.78 4.01
CA ASN A 1071 -2.16 -17.75 4.08
C ASN A 1071 -0.83 -18.46 4.29
N ALA A 1072 -0.01 -18.48 3.25
CA ALA A 1072 1.19 -19.32 3.23
C ALA A 1072 2.43 -18.49 2.94
N ASP A 1073 3.54 -18.94 3.52
CA ASP A 1073 4.87 -18.47 3.17
C ASP A 1073 5.72 -19.69 2.87
N MET A 1074 6.72 -19.52 2.02
CA MET A 1074 7.58 -20.63 1.65
C MET A 1074 8.84 -20.64 2.51
N SER A 1075 9.30 -21.85 2.82
CA SER A 1075 10.46 -22.05 3.67
C SER A 1075 11.72 -22.04 2.83
N LYS A 1076 12.65 -21.14 3.15
CA LYS A 1076 13.93 -21.01 2.44
C LYS A 1076 13.68 -20.84 0.94
N TRP A 1077 13.04 -19.72 0.61
CA TRP A 1077 12.64 -19.46 -0.77
C TRP A 1077 13.83 -19.49 -1.71
N SER A 1078 14.92 -18.81 -1.33
CA SER A 1078 16.07 -18.68 -2.20
C SER A 1078 17.13 -19.74 -1.92
N ALA A 1079 17.17 -20.29 -0.71
CA ALA A 1079 18.23 -21.25 -0.37
C ALA A 1079 17.92 -22.64 -0.89
N GLN A 1080 16.79 -23.21 -0.51
CA GLN A 1080 16.44 -24.58 -0.87
C GLN A 1080 15.50 -24.58 -2.08
N ASP A 1081 16.02 -24.13 -3.21
CA ASP A 1081 15.26 -24.04 -4.45
C ASP A 1081 16.00 -24.78 -5.55
N VAL A 1082 15.24 -25.31 -6.50
CA VAL A 1082 15.80 -26.05 -7.64
C VAL A 1082 16.03 -25.03 -8.75
N PHE A 1083 17.28 -24.57 -8.89
CA PHE A 1083 17.59 -23.56 -9.88
C PHE A 1083 17.41 -24.08 -11.30
N TYR A 1084 17.60 -25.38 -11.51
CA TYR A 1084 17.57 -25.95 -12.85
C TYR A 1084 16.25 -25.68 -13.56
N LYS A 1085 15.15 -25.56 -12.81
CA LYS A 1085 13.86 -25.33 -13.45
C LYS A 1085 13.86 -24.02 -14.22
N TYR A 1086 14.56 -23.00 -13.71
CA TYR A 1086 14.62 -21.72 -14.43
C TYR A 1086 15.26 -21.88 -15.79
N PHE A 1087 16.12 -22.88 -15.96
CA PHE A 1087 16.66 -23.19 -17.28
C PHE A 1087 15.54 -23.32 -18.30
N TRP A 1088 14.51 -24.10 -17.97
CA TRP A 1088 13.41 -24.29 -18.89
C TRP A 1088 12.70 -22.97 -19.17
N LEU A 1089 12.57 -22.13 -18.14
CA LEU A 1089 11.92 -20.83 -18.32
C LEU A 1089 12.65 -20.00 -19.37
N ILE A 1090 13.94 -20.22 -19.56
CA ILE A 1090 14.65 -19.51 -20.60
C ILE A 1090 14.55 -20.23 -21.94
N ALA A 1091 14.53 -21.57 -21.93
CA ALA A 1091 14.48 -22.30 -23.19
C ALA A 1091 13.13 -22.16 -23.86
N LEU A 1092 12.05 -22.10 -23.08
CA LEU A 1092 10.70 -22.04 -23.63
C LEU A 1092 10.24 -20.63 -23.94
N ASP A 1093 11.06 -19.63 -23.68
CA ASP A 1093 10.64 -18.24 -23.90
C ASP A 1093 10.58 -17.97 -25.40
N PRO A 1094 9.43 -17.58 -25.94
CA PRO A 1094 9.33 -17.35 -27.39
C PRO A 1094 9.84 -15.98 -27.84
N ILE A 1095 10.09 -15.06 -26.91
CA ILE A 1095 10.50 -13.71 -27.27
C ILE A 1095 12.02 -13.56 -27.30
N LEU A 1096 12.76 -14.65 -27.27
CA LEU A 1096 14.21 -14.62 -27.30
C LEU A 1096 14.72 -15.34 -28.53
N TYR A 1097 15.86 -14.90 -29.01
CA TYR A 1097 16.55 -15.53 -30.11
C TYR A 1097 17.40 -16.70 -29.61
N PRO A 1098 17.75 -17.64 -30.50
CA PRO A 1098 18.62 -18.74 -30.05
C PRO A 1098 19.94 -18.28 -29.46
N GLN A 1099 20.57 -17.25 -30.03
CA GLN A 1099 21.83 -16.76 -29.48
C GLN A 1099 21.64 -16.14 -28.11
N GLU A 1100 20.57 -15.36 -27.94
CA GLU A 1100 20.29 -14.78 -26.63
C GLU A 1100 20.00 -15.86 -25.60
N LYS A 1101 19.24 -16.88 -25.98
CA LYS A 1101 18.97 -17.99 -25.07
C LYS A 1101 20.26 -18.71 -24.67
N GLU A 1102 21.14 -18.96 -25.64
CA GLU A 1102 22.40 -19.63 -25.34
C GLU A 1102 23.23 -18.81 -24.38
N ARG A 1103 23.32 -17.49 -24.60
CA ARG A 1103 24.12 -16.66 -23.72
C ARG A 1103 23.53 -16.58 -22.32
N ILE A 1104 22.20 -16.46 -22.20
CA ILE A 1104 21.57 -16.41 -20.89
C ILE A 1104 21.76 -17.74 -20.15
N LEU A 1105 21.60 -18.85 -20.85
CA LEU A 1105 21.79 -20.15 -20.20
C LEU A 1105 23.25 -20.37 -19.81
N TYR A 1106 24.19 -19.86 -20.60
CA TYR A 1106 25.58 -19.91 -20.20
C TYR A 1106 25.81 -19.11 -18.93
N PHE A 1107 25.19 -17.94 -18.83
CA PHE A 1107 25.30 -17.16 -17.61
C PHE A 1107 24.74 -17.92 -16.42
N MET A 1108 23.59 -18.58 -16.60
CA MET A 1108 23.00 -19.34 -15.48
C MET A 1108 23.89 -20.51 -15.09
N CYS A 1109 24.50 -21.19 -16.07
CA CYS A 1109 25.42 -22.27 -15.75
C CYS A 1109 26.61 -21.75 -14.96
N ASN A 1110 27.14 -20.58 -15.33
CA ASN A 1110 28.22 -19.99 -14.56
C ASN A 1110 27.77 -19.55 -13.17
N TYR A 1111 26.53 -19.05 -13.06
CA TYR A 1111 25.98 -18.64 -11.77
C TYR A 1111 25.83 -19.82 -10.84
N MET A 1112 25.55 -21.00 -11.38
CA MET A 1112 25.53 -22.18 -10.52
C MET A 1112 26.91 -22.60 -10.05
N ASP A 1113 27.97 -21.89 -10.48
CA ASP A 1113 29.32 -22.15 -10.03
C ASP A 1113 29.87 -21.03 -9.16
N LYS A 1114 29.02 -20.15 -8.64
CA LYS A 1114 29.48 -19.00 -7.89
C LYS A 1114 30.15 -19.42 -6.59
N GLU A 1115 31.04 -18.57 -6.10
CA GLU A 1115 31.75 -18.81 -4.85
C GLU A 1115 31.47 -17.68 -3.88
N LEU A 1116 31.07 -18.03 -2.67
CA LEU A 1116 30.82 -17.07 -1.61
C LEU A 1116 32.11 -16.84 -0.85
N ILE A 1117 32.51 -15.58 -0.71
CA ILE A 1117 33.72 -15.20 0.01
C ILE A 1117 33.34 -14.95 1.47
N LEU A 1118 34.04 -15.61 2.37
CA LEU A 1118 33.83 -15.37 3.79
C LEU A 1118 34.40 -14.02 4.17
N PRO A 1119 33.66 -13.18 4.89
CA PRO A 1119 34.18 -11.86 5.24
C PRO A 1119 35.44 -11.95 6.08
N ASP A 1120 36.32 -10.97 5.93
CA ASP A 1120 37.58 -10.97 6.67
C ASP A 1120 37.34 -10.96 8.17
N GLU A 1121 36.25 -10.34 8.62
CA GLU A 1121 35.97 -10.29 10.05
C GLU A 1121 35.66 -11.67 10.60
N LEU A 1122 34.91 -12.48 9.84
CA LEU A 1122 34.65 -13.85 10.26
C LEU A 1122 35.94 -14.66 10.34
N LEU A 1123 36.84 -14.46 9.38
CA LEU A 1123 38.12 -15.15 9.41
C LEU A 1123 38.96 -14.71 10.61
N PHE A 1124 38.92 -13.42 10.94
CA PHE A 1124 39.58 -12.96 12.16
C PHE A 1124 39.00 -13.67 13.37
N ASN A 1125 37.67 -13.76 13.44
CA ASN A 1125 37.03 -14.43 14.55
C ASN A 1125 37.51 -15.88 14.68
N LEU A 1126 37.58 -16.59 13.56
CA LEU A 1126 37.96 -18.00 13.60
C LEU A 1126 39.47 -18.24 13.67
N LEU A 1127 40.30 -17.23 13.48
CA LEU A 1127 41.74 -17.41 13.55
C LEU A 1127 42.34 -17.05 14.91
N ASP A 1128 41.52 -16.60 15.86
CA ASP A 1128 42.00 -16.33 17.21
C ASP A 1128 41.21 -17.11 18.26
N GLN A 1129 40.99 -18.40 18.01
CA GLN A 1129 40.20 -19.21 18.93
C GLN A 1129 41.06 -19.93 19.95
N LYS A 1130 42.13 -20.58 19.50
CA LYS A 1130 43.09 -21.39 20.26
C LYS A 1130 42.55 -22.77 20.61
N VAL A 1131 41.28 -23.06 20.38
CA VAL A 1131 40.70 -24.37 20.65
C VAL A 1131 39.92 -24.80 19.41
N ALA A 1132 40.15 -26.03 18.96
CA ALA A 1132 39.44 -26.52 17.79
C ALA A 1132 37.98 -26.77 18.14
N TYR A 1133 37.07 -26.25 17.31
CA TYR A 1133 35.66 -26.54 17.46
C TYR A 1133 35.41 -28.01 17.16
N GLN A 1134 34.47 -28.62 17.90
CA GLN A 1134 34.28 -30.06 17.83
C GLN A 1134 33.86 -30.50 16.43
N ASN A 1135 32.75 -29.97 15.93
CA ASN A 1135 32.28 -30.26 14.57
C ASN A 1135 32.19 -28.92 13.85
N ASP A 1136 33.33 -28.49 13.31
CA ASP A 1136 33.39 -27.16 12.66
C ASP A 1136 33.00 -27.31 11.20
N ILE A 1137 31.82 -26.84 10.85
CA ILE A 1137 31.39 -26.86 9.45
C ILE A 1137 32.20 -25.87 8.62
N ILE A 1138 32.54 -24.71 9.20
CA ILE A 1138 33.31 -23.71 8.46
C ILE A 1138 34.69 -24.24 8.11
N ALA A 1139 35.34 -24.91 9.05
CA ALA A 1139 36.65 -25.49 8.77
C ALA A 1139 36.56 -26.60 7.73
N THR A 1140 35.50 -27.41 7.79
CA THR A 1140 35.35 -28.50 6.83
C THR A 1140 35.12 -27.97 5.43
N MET A 1141 34.18 -27.03 5.27
CA MET A 1141 33.83 -26.53 3.94
C MET A 1141 34.88 -25.60 3.35
N THR A 1142 35.88 -25.20 4.13
CA THR A 1142 36.97 -24.36 3.64
C THR A 1142 38.31 -25.07 3.67
N ASN A 1143 38.32 -26.40 3.82
CA ASN A 1143 39.54 -27.20 3.86
C ASN A 1143 40.48 -26.73 4.96
N GLN A 1144 39.95 -26.73 6.19
CA GLN A 1144 40.69 -26.28 7.37
C GLN A 1144 41.21 -24.86 7.19
N LEU A 1145 40.35 -23.99 6.64
CA LEU A 1145 40.69 -22.58 6.38
C LEU A 1145 41.90 -22.46 5.46
N ASN A 1146 41.96 -23.34 4.46
CA ASN A 1146 42.97 -23.18 3.42
C ASN A 1146 42.61 -22.07 2.45
N SER A 1147 41.32 -21.79 2.29
CA SER A 1147 40.84 -20.71 1.44
C SER A 1147 39.71 -20.00 2.18
N ASN A 1148 39.22 -18.90 1.60
CA ASN A 1148 38.11 -18.15 2.19
C ASN A 1148 36.86 -18.21 1.33
N THR A 1149 36.82 -19.06 0.31
CA THR A 1149 35.67 -19.16 -0.58
C THR A 1149 35.04 -20.54 -0.48
N VAL A 1150 33.71 -20.55 -0.49
CA VAL A 1150 32.92 -21.79 -0.48
C VAL A 1150 32.04 -21.80 -1.71
N LEU A 1151 32.02 -22.92 -2.42
CA LEU A 1151 31.22 -23.04 -3.63
C LEU A 1151 29.76 -23.25 -3.26
N ILE A 1152 28.88 -22.40 -3.77
CA ILE A 1152 27.45 -22.44 -3.48
C ILE A 1152 26.73 -22.66 -4.80
N LYS A 1153 26.05 -23.79 -4.94
CA LYS A 1153 25.48 -24.19 -6.22
C LYS A 1153 23.97 -23.94 -6.30
N ARG A 1154 23.19 -24.57 -5.43
CA ARG A 1154 21.74 -24.55 -5.58
C ARG A 1154 21.07 -23.35 -4.91
N ASN A 1155 21.82 -22.57 -4.14
CA ASN A 1155 21.25 -21.44 -3.41
C ASN A 1155 21.47 -20.19 -4.24
N TRP A 1156 20.48 -19.82 -5.05
CA TRP A 1156 20.50 -18.48 -5.63
C TRP A 1156 20.21 -17.47 -4.55
N LEU A 1157 21.02 -16.43 -4.47
CA LEU A 1157 21.13 -15.64 -3.27
C LEU A 1157 19.91 -14.73 -3.08
N GLN A 1158 19.80 -14.20 -1.87
CA GLN A 1158 18.62 -13.46 -1.42
C GLN A 1158 18.28 -12.28 -2.32
N GLY A 1159 17.13 -12.34 -2.98
CA GLY A 1159 16.62 -11.22 -3.74
C GLY A 1159 17.16 -11.07 -5.14
N ASN A 1160 18.00 -11.99 -5.61
CA ASN A 1160 18.55 -11.85 -6.94
C ASN A 1160 17.56 -12.22 -8.03
N PHE A 1161 16.64 -13.14 -7.75
CA PHE A 1161 15.72 -13.70 -8.74
C PHE A 1161 14.28 -13.60 -8.25
N ASN A 1162 13.88 -12.41 -7.80
CA ASN A 1162 12.54 -12.23 -7.24
C ASN A 1162 11.46 -12.52 -8.27
N TYR A 1163 11.58 -11.91 -9.46
CA TYR A 1163 10.50 -11.99 -10.44
C TYR A 1163 10.42 -13.36 -11.10
N THR A 1164 11.56 -13.98 -11.41
CA THR A 1164 11.55 -15.32 -11.98
C THR A 1164 10.91 -16.32 -11.04
N SER A 1165 11.31 -16.28 -9.77
CA SER A 1165 10.74 -17.16 -8.78
C SER A 1165 9.25 -16.90 -8.58
N SER A 1166 8.86 -15.62 -8.59
CA SER A 1166 7.44 -15.29 -8.46
C SER A 1166 6.63 -15.84 -9.63
N TYR A 1167 7.18 -15.77 -10.84
CA TYR A 1167 6.47 -16.31 -12.00
C TYR A 1167 6.30 -17.82 -11.90
N VAL A 1168 7.36 -18.52 -11.47
CA VAL A 1168 7.21 -19.97 -11.32
C VAL A 1168 6.23 -20.30 -10.19
N HIS A 1169 6.20 -19.48 -9.14
CA HIS A 1169 5.21 -19.68 -8.08
C HIS A 1169 3.79 -19.51 -8.60
N SER A 1170 3.58 -18.52 -9.47
CA SER A 1170 2.26 -18.35 -10.06
C SER A 1170 1.89 -19.53 -10.95
N CYS A 1171 2.86 -20.11 -11.66
CA CYS A 1171 2.59 -21.32 -12.42
C CYS A 1171 2.16 -22.46 -11.51
N ALA A 1172 2.84 -22.61 -10.37
CA ALA A 1172 2.46 -23.64 -9.41
C ALA A 1172 1.03 -23.44 -8.91
N MET A 1173 0.67 -22.18 -8.61
CA MET A 1173 -0.70 -21.91 -8.18
C MET A 1173 -1.72 -22.18 -9.28
N SER A 1174 -1.36 -21.94 -10.54
CA SER A 1174 -2.26 -22.30 -11.63
C SER A 1174 -2.50 -23.81 -11.68
N VAL A 1175 -1.44 -24.60 -11.48
CA VAL A 1175 -1.60 -26.05 -11.44
C VAL A 1175 -2.51 -26.46 -10.29
N TYR A 1176 -2.30 -25.86 -9.12
CA TYR A 1176 -3.11 -26.18 -7.95
C TYR A 1176 -4.58 -25.82 -8.19
N LYS A 1177 -4.83 -24.68 -8.85
CA LYS A 1177 -6.19 -24.29 -9.16
C LYS A 1177 -6.84 -25.28 -10.12
N GLU A 1178 -6.10 -25.77 -11.10
CA GLU A 1178 -6.64 -26.80 -11.99
C GLU A 1178 -7.01 -28.06 -11.22
N ILE A 1179 -6.14 -28.47 -10.29
CA ILE A 1179 -6.43 -29.66 -9.47
C ILE A 1179 -7.73 -29.46 -8.70
N LEU A 1180 -7.87 -28.30 -8.06
CA LEU A 1180 -9.07 -28.04 -7.28
C LEU A 1180 -10.31 -28.03 -8.16
N LYS A 1181 -10.22 -27.44 -9.36
CA LYS A 1181 -11.39 -27.40 -10.24
C LYS A 1181 -11.81 -28.80 -10.67
N GLU A 1182 -10.85 -29.66 -11.02
CA GLU A 1182 -11.20 -31.04 -11.34
C GLU A 1182 -11.82 -31.75 -10.15
N ALA A 1183 -11.24 -31.55 -8.97
CA ALA A 1183 -11.76 -32.23 -7.78
C ALA A 1183 -13.19 -31.80 -7.48
N ILE A 1184 -13.47 -30.52 -7.59
CA ILE A 1184 -14.82 -30.05 -7.29
C ILE A 1184 -15.81 -30.47 -8.36
N THR A 1185 -15.43 -30.42 -9.65
CA THR A 1185 -16.37 -30.89 -10.67
C THR A 1185 -16.59 -32.40 -10.57
N LEU A 1186 -15.70 -33.12 -9.88
CA LEU A 1186 -16.03 -34.51 -9.54
C LEU A 1186 -17.24 -34.59 -8.62
N LEU A 1187 -17.45 -33.58 -7.78
CA LEU A 1187 -18.58 -33.53 -6.88
C LEU A 1187 -19.78 -32.79 -7.45
N ASP A 1188 -19.71 -32.37 -8.72
CA ASP A 1188 -20.80 -31.64 -9.37
C ASP A 1188 -21.13 -30.36 -8.61
N GLY A 1189 -20.10 -29.70 -8.09
CA GLY A 1189 -20.25 -28.46 -7.35
C GLY A 1189 -19.70 -27.27 -8.11
N SER A 1190 -19.68 -26.13 -7.41
CA SER A 1190 -19.15 -24.89 -7.94
C SER A 1190 -17.95 -24.45 -7.12
N ILE A 1191 -16.95 -23.89 -7.81
CA ILE A 1191 -15.72 -23.49 -7.14
C ILE A 1191 -15.23 -22.17 -7.73
N LEU A 1192 -14.59 -21.38 -6.89
CA LEU A 1192 -13.93 -20.13 -7.28
C LEU A 1192 -12.62 -20.03 -6.51
N VAL A 1193 -11.50 -20.07 -7.22
CA VAL A 1193 -10.18 -20.03 -6.60
C VAL A 1193 -9.47 -18.77 -7.05
N ASN A 1194 -9.00 -17.99 -6.09
CA ASN A 1194 -8.18 -16.82 -6.33
C ASN A 1194 -6.85 -17.00 -5.62
N SER A 1195 -5.77 -16.51 -6.25
CA SER A 1195 -4.44 -16.69 -5.68
C SER A 1195 -3.62 -15.44 -5.93
N LEU A 1196 -3.20 -14.78 -4.86
CA LEU A 1196 -2.27 -13.67 -4.93
C LEU A 1196 -0.88 -14.16 -4.54
N VAL A 1197 0.10 -13.81 -5.37
CA VAL A 1197 1.46 -14.32 -5.21
C VAL A 1197 2.43 -13.16 -5.22
N HIS A 1198 3.07 -12.91 -4.09
CA HIS A 1198 4.21 -11.99 -3.99
C HIS A 1198 5.48 -12.81 -4.17
N SER A 1199 6.64 -12.28 -3.78
CA SER A 1199 7.90 -13.00 -3.95
C SER A 1199 7.78 -14.46 -3.52
N ASP A 1200 7.54 -14.69 -2.23
CA ASP A 1200 7.19 -16.03 -1.76
C ASP A 1200 5.89 -16.06 -0.97
N ASP A 1201 5.37 -14.92 -0.54
CA ASP A 1201 4.10 -14.89 0.15
C ASP A 1201 2.98 -15.29 -0.79
N ASN A 1202 2.06 -16.10 -0.28
CA ASN A 1202 0.97 -16.63 -1.06
C ASN A 1202 -0.33 -16.49 -0.28
N GLN A 1203 -1.38 -16.08 -0.96
CA GLN A 1203 -2.70 -16.00 -0.34
C GLN A 1203 -3.70 -16.63 -1.31
N THR A 1204 -4.23 -17.79 -0.95
CA THR A 1204 -5.17 -18.52 -1.79
C THR A 1204 -6.54 -18.54 -1.12
N SER A 1205 -7.54 -18.00 -1.79
CA SER A 1205 -8.91 -18.01 -1.29
C SER A 1205 -9.75 -18.93 -2.16
N ILE A 1206 -10.46 -19.85 -1.52
CA ILE A 1206 -11.26 -20.87 -2.18
C ILE A 1206 -12.69 -20.76 -1.69
N THR A 1207 -13.63 -20.60 -2.63
CA THR A 1207 -15.05 -20.63 -2.31
C THR A 1207 -15.66 -21.84 -3.01
N ILE A 1208 -16.36 -22.67 -2.25
CA ILE A 1208 -16.89 -23.93 -2.75
C ILE A 1208 -18.36 -24.06 -2.37
N VAL A 1209 -19.17 -24.58 -3.30
CA VAL A 1209 -20.62 -24.82 -3.02
C VAL A 1209 -20.98 -26.22 -3.51
N GLN A 1210 -21.12 -27.19 -2.59
CA GLN A 1210 -21.49 -28.59 -2.97
C GLN A 1210 -22.44 -29.19 -1.93
N ASP A 1211 -23.27 -30.15 -2.34
CA ASP A 1211 -24.22 -30.83 -1.40
C ASP A 1211 -23.76 -32.24 -1.09
N LYS A 1212 -22.54 -32.62 -1.48
CA LYS A 1212 -22.10 -34.03 -1.32
C LYS A 1212 -21.49 -34.28 0.06
N MET A 1213 -20.19 -34.04 0.23
CA MET A 1213 -19.50 -34.37 1.48
C MET A 1213 -19.45 -33.15 2.38
N GLU A 1214 -19.03 -33.39 3.63
CA GLU A 1214 -18.94 -32.34 4.63
C GLU A 1214 -17.68 -31.51 4.43
N ASN A 1215 -17.64 -30.38 5.12
CA ASN A 1215 -16.65 -29.34 4.82
C ASN A 1215 -15.25 -29.72 5.30
N ASP A 1216 -15.13 -30.46 6.41
CA ASP A 1216 -13.80 -30.75 6.94
C ASP A 1216 -13.01 -31.63 5.98
N LYS A 1217 -13.68 -32.57 5.30
CA LYS A 1217 -12.99 -33.40 4.32
C LYS A 1217 -12.45 -32.55 3.18
N ILE A 1218 -13.24 -31.58 2.73
CA ILE A 1218 -12.80 -30.69 1.65
C ILE A 1218 -11.62 -29.84 2.11
N ILE A 1219 -11.67 -29.34 3.35
CA ILE A 1219 -10.56 -28.54 3.87
C ILE A 1219 -9.29 -29.36 3.93
N ASP A 1220 -9.40 -30.60 4.43
CA ASP A 1220 -8.23 -31.48 4.52
C ASP A 1220 -7.65 -31.76 3.14
N PHE A 1221 -8.52 -32.06 2.17
CA PHE A 1221 -8.05 -32.30 0.81
C PHE A 1221 -7.37 -31.07 0.24
N ALA A 1222 -7.96 -29.90 0.46
CA ALA A 1222 -7.41 -28.66 -0.11
C ALA A 1222 -6.03 -28.38 0.45
N MET A 1223 -5.84 -28.56 1.76
CA MET A 1223 -4.52 -28.32 2.33
C MET A 1223 -3.50 -29.36 1.89
N LYS A 1224 -3.90 -30.64 1.83
CA LYS A 1224 -2.97 -31.65 1.35
C LYS A 1224 -2.53 -31.35 -0.08
N GLU A 1225 -3.48 -30.96 -0.94
CA GLU A 1225 -3.12 -30.66 -2.32
C GLU A 1225 -2.33 -29.38 -2.43
N PHE A 1226 -2.54 -28.41 -1.53
CA PHE A 1226 -1.70 -27.21 -1.55
C PHE A 1226 -0.25 -27.55 -1.23
N GLU A 1227 -0.04 -28.36 -0.18
CA GLU A 1227 1.31 -28.77 0.15
C GLU A 1227 1.94 -29.54 -1.00
N ARG A 1228 1.17 -30.43 -1.62
CA ARG A 1228 1.72 -31.27 -2.70
C ARG A 1228 1.99 -30.42 -3.96
N ALA A 1229 1.18 -29.39 -4.22
CA ALA A 1229 1.41 -28.52 -5.36
C ALA A 1229 2.66 -27.67 -5.15
N CYS A 1230 2.87 -27.19 -3.92
CA CYS A 1230 4.13 -26.49 -3.64
C CYS A 1230 5.33 -27.42 -3.77
N LEU A 1231 5.22 -28.66 -3.30
CA LEU A 1231 6.34 -29.58 -3.39
C LEU A 1231 6.62 -30.00 -4.82
N THR A 1232 5.60 -29.98 -5.68
CA THR A 1232 5.78 -30.38 -7.07
C THR A 1232 6.73 -29.43 -7.81
N PHE A 1233 6.67 -28.13 -7.51
CA PHE A 1233 7.46 -27.14 -8.21
C PHE A 1233 8.73 -26.76 -7.46
N GLY A 1234 9.17 -27.60 -6.53
CA GLY A 1234 10.39 -27.33 -5.79
C GLY A 1234 10.24 -26.40 -4.63
N CYS A 1235 9.01 -26.01 -4.27
CA CYS A 1235 8.76 -25.10 -3.17
C CYS A 1235 8.45 -25.91 -1.91
N GLN A 1236 8.25 -25.22 -0.79
CA GLN A 1236 7.89 -25.88 0.45
C GLN A 1236 7.21 -24.88 1.37
N ALA A 1237 6.03 -25.22 1.86
CA ALA A 1237 5.27 -24.33 2.70
C ALA A 1237 5.89 -24.23 4.08
N ASN A 1238 6.04 -23.01 4.58
CA ASN A 1238 6.63 -22.79 5.89
C ASN A 1238 5.68 -23.26 6.98
N MET A 1239 6.20 -24.06 7.92
CA MET A 1239 5.41 -24.50 9.05
C MET A 1239 5.19 -23.40 10.08
N LYS A 1240 5.85 -22.27 9.92
CA LYS A 1240 5.82 -21.19 10.90
C LYS A 1240 4.80 -20.11 10.57
N LYS A 1241 4.55 -19.84 9.30
CA LYS A 1241 3.67 -18.74 8.90
C LYS A 1241 2.46 -19.17 8.08
N THR A 1242 2.33 -20.45 7.75
CA THR A 1242 1.23 -20.91 6.91
C THR A 1242 0.08 -21.39 7.79
N TYR A 1243 -1.12 -20.87 7.52
CA TYR A 1243 -2.30 -21.29 8.28
C TYR A 1243 -3.53 -21.12 7.41
N VAL A 1244 -4.66 -21.60 7.93
CA VAL A 1244 -5.93 -21.65 7.21
C VAL A 1244 -7.00 -21.01 8.06
N THR A 1245 -7.77 -20.10 7.47
CA THR A 1245 -8.86 -19.44 8.16
C THR A 1245 -10.13 -19.52 7.33
N ASN A 1246 -11.24 -19.13 7.94
CA ASN A 1246 -12.54 -19.04 7.30
C ASN A 1246 -12.83 -17.64 6.78
N CYS A 1247 -12.43 -16.60 7.52
CA CYS A 1247 -12.82 -15.24 7.19
C CYS A 1247 -11.69 -14.25 7.40
N ILE A 1248 -10.44 -14.69 7.31
CA ILE A 1248 -9.30 -13.80 7.51
C ILE A 1248 -8.30 -13.97 6.39
N LYS A 1249 -8.24 -13.00 5.48
CA LYS A 1249 -7.18 -12.96 4.49
C LYS A 1249 -5.99 -12.21 5.06
N GLU A 1250 -4.79 -12.75 4.89
CA GLU A 1250 -3.57 -12.06 5.39
C GLU A 1250 -2.48 -12.03 4.32
N PHE A 1251 -2.50 -11.04 3.43
CA PHE A 1251 -1.42 -10.86 2.49
C PHE A 1251 -0.35 -10.02 3.21
N VAL A 1252 0.62 -9.47 2.47
CA VAL A 1252 1.82 -8.98 3.12
C VAL A 1252 1.48 -7.84 4.07
N SER A 1253 1.48 -8.17 5.37
CA SER A 1253 1.13 -7.26 6.46
C SER A 1253 -0.23 -6.59 6.27
N LEU A 1254 -1.13 -7.19 5.50
CA LEU A 1254 -2.44 -6.60 5.25
C LEU A 1254 -3.53 -7.63 5.46
N PHE A 1255 -4.66 -7.21 6.02
CA PHE A 1255 -5.72 -8.13 6.40
C PHE A 1255 -7.01 -7.78 5.68
N ASN A 1256 -7.82 -8.80 5.46
CA ASN A 1256 -9.18 -8.67 4.97
C ASN A 1256 -10.07 -9.50 5.88
N LEU A 1257 -10.83 -8.82 6.74
CA LEU A 1257 -11.69 -9.50 7.71
C LEU A 1257 -13.09 -9.64 7.13
N TYR A 1258 -13.19 -10.58 6.18
CA TYR A 1258 -14.43 -10.89 5.49
C TYR A 1258 -15.00 -9.65 4.79
N GLY A 1259 -14.23 -9.13 3.84
CA GLY A 1259 -14.62 -8.04 2.99
C GLY A 1259 -14.18 -6.67 3.49
N GLU A 1260 -13.85 -6.56 4.77
CA GLU A 1260 -13.45 -5.28 5.34
C GLU A 1260 -11.93 -5.20 5.38
N PRO A 1261 -11.31 -4.24 4.73
CA PRO A 1261 -9.85 -4.10 4.83
C PRO A 1261 -9.42 -3.76 6.25
N PHE A 1262 -8.23 -4.21 6.61
CA PHE A 1262 -7.73 -4.02 7.95
C PHE A 1262 -6.21 -3.93 7.90
N SER A 1263 -5.67 -3.00 8.69
CA SER A 1263 -4.24 -2.82 8.79
C SER A 1263 -3.90 -2.49 10.23
N ILE A 1264 -2.78 -3.03 10.71
CA ILE A 1264 -2.29 -2.68 12.04
C ILE A 1264 -1.58 -1.35 11.91
N TYR A 1265 -2.32 -0.25 12.06
CA TYR A 1265 -1.73 1.06 11.87
C TYR A 1265 -0.70 1.39 12.94
N GLY A 1266 -0.76 0.71 14.09
CA GLY A 1266 0.19 0.98 15.15
C GLY A 1266 1.63 0.76 14.75
N ARG A 1267 1.87 -0.17 13.82
CA ARG A 1267 3.24 -0.43 13.39
C ARG A 1267 3.84 0.75 12.65
N PHE A 1268 3.02 1.70 12.19
CA PHE A 1268 3.54 2.93 11.63
C PHE A 1268 3.82 3.97 12.70
N LEU A 1269 3.09 3.93 13.81
CA LEU A 1269 3.36 4.85 14.92
C LEU A 1269 4.61 4.42 15.67
N LEU A 1270 4.67 3.14 16.07
CA LEU A 1270 5.81 2.66 16.85
C LEU A 1270 7.10 2.80 16.08
N THR A 1271 7.09 2.45 14.79
CA THR A 1271 8.28 2.61 13.97
C THR A 1271 8.71 4.06 13.88
N SER A 1272 7.78 5.00 14.00
CA SER A 1272 8.15 6.41 13.98
C SER A 1272 8.86 6.85 15.26
N VAL A 1273 8.82 6.04 16.31
CA VAL A 1273 9.50 6.39 17.56
C VAL A 1273 10.87 5.72 17.65
N GLY A 1274 10.94 4.43 17.35
CA GLY A 1274 12.18 3.69 17.50
C GLY A 1274 13.21 3.95 16.43
N ASP A 1275 12.76 4.26 15.22
CA ASP A 1275 13.66 4.44 14.09
C ASP A 1275 13.92 5.93 13.89
N CYS A 1276 15.19 6.33 13.98
CA CYS A 1276 15.59 7.71 13.76
C CYS A 1276 17.02 7.72 13.25
N ALA A 1277 17.25 8.42 12.14
CA ALA A 1277 18.57 8.49 11.55
C ALA A 1277 19.42 9.64 12.10
N TYR A 1278 18.82 10.53 12.89
CA TYR A 1278 19.51 11.67 13.49
C TYR A 1278 20.22 12.52 12.43
N ILE A 1279 19.56 12.67 11.28
CA ILE A 1279 20.09 13.53 10.23
C ILE A 1279 20.00 15.00 10.62
N GLY A 1280 18.87 15.41 11.17
CA GLY A 1280 18.66 16.78 11.58
C GLY A 1280 17.28 16.97 12.16
N PRO A 1281 16.99 18.16 12.67
CA PRO A 1281 15.66 18.39 13.25
C PRO A 1281 14.53 18.27 12.24
N TYR A 1282 14.60 19.03 11.14
CA TYR A 1282 13.53 18.99 10.16
C TYR A 1282 13.44 17.63 9.48
N GLU A 1283 14.58 16.99 9.21
CA GLU A 1283 14.54 15.69 8.53
C GLU A 1283 13.84 14.65 9.39
N ASP A 1284 14.20 14.57 10.67
CA ASP A 1284 13.53 13.64 11.57
C ASP A 1284 12.06 13.97 11.72
N LEU A 1285 11.73 15.25 11.87
CA LEU A 1285 10.33 15.64 12.02
C LEU A 1285 9.53 15.28 10.77
N ALA A 1286 10.10 15.51 9.59
CA ALA A 1286 9.40 15.20 8.35
C ALA A 1286 9.21 13.69 8.19
N SER A 1287 10.22 12.90 8.54
CA SER A 1287 10.06 11.45 8.47
C SER A 1287 8.95 10.98 9.41
N ARG A 1288 8.91 11.53 10.63
CA ARG A 1288 7.87 11.12 11.57
C ARG A 1288 6.49 11.59 11.14
N ILE A 1289 6.39 12.78 10.54
CA ILE A 1289 5.09 13.23 10.04
C ILE A 1289 4.63 12.37 8.87
N SER A 1290 5.56 11.94 8.02
CA SER A 1290 5.21 11.01 6.95
C SER A 1290 4.71 9.68 7.51
N SER A 1291 5.35 9.17 8.57
CA SER A 1291 4.86 7.95 9.20
C SER A 1291 3.45 8.15 9.78
N ALA A 1292 3.21 9.30 10.40
CA ALA A 1292 1.87 9.57 10.92
C ALA A 1292 0.83 9.64 9.81
N GLN A 1293 1.20 10.25 8.68
CA GLN A 1293 0.29 10.30 7.53
C GLN A 1293 0.01 8.91 7.00
N THR A 1294 1.03 8.06 6.90
CA THR A 1294 0.82 6.69 6.45
C THR A 1294 -0.09 5.94 7.41
N ALA A 1295 0.07 6.17 8.72
CA ALA A 1295 -0.83 5.55 9.68
C ALA A 1295 -2.26 6.02 9.51
N ILE A 1296 -2.45 7.31 9.22
CA ILE A 1296 -3.78 7.84 8.98
C ILE A 1296 -4.40 7.17 7.76
N LYS A 1297 -3.62 6.96 6.71
CA LYS A 1297 -4.13 6.30 5.51
C LYS A 1297 -4.52 4.85 5.76
N HIS A 1298 -4.12 4.26 6.88
CA HIS A 1298 -4.44 2.87 7.19
C HIS A 1298 -5.50 2.74 8.29
N GLY A 1299 -6.20 3.82 8.59
CA GLY A 1299 -7.28 3.78 9.54
C GLY A 1299 -6.95 4.16 10.96
N CYS A 1300 -5.96 5.01 11.18
CA CYS A 1300 -5.65 5.47 12.53
C CYS A 1300 -6.70 6.48 13.00
N PRO A 1301 -7.26 6.30 14.19
CA PRO A 1301 -8.22 7.28 14.70
C PRO A 1301 -7.56 8.63 14.91
N PRO A 1302 -8.30 9.72 14.75
CA PRO A 1302 -7.66 11.06 14.79
C PRO A 1302 -6.91 11.37 16.07
N SER A 1303 -7.44 10.95 17.22
CA SER A 1303 -6.82 11.28 18.53
C SER A 1303 -5.44 10.63 18.61
N LEU A 1304 -5.32 9.37 18.17
CA LEU A 1304 -4.04 8.70 18.20
C LEU A 1304 -3.05 9.31 17.21
N ALA A 1305 -3.54 9.77 16.05
CA ALA A 1305 -2.66 10.45 15.12
C ALA A 1305 -2.14 11.75 15.69
N TRP A 1306 -2.99 12.50 16.38
CA TRP A 1306 -2.53 13.73 17.03
C TRP A 1306 -1.52 13.41 18.13
N VAL A 1307 -1.75 12.33 18.88
CA VAL A 1307 -0.79 11.91 19.88
C VAL A 1307 0.56 11.58 19.23
N SER A 1308 0.53 10.88 18.11
CA SER A 1308 1.77 10.54 17.41
C SER A 1308 2.50 11.78 16.93
N ILE A 1309 1.76 12.75 16.37
CA ILE A 1309 2.40 13.98 15.90
C ILE A 1309 2.99 14.76 17.08
N ALA A 1310 2.27 14.81 18.20
CA ALA A 1310 2.78 15.48 19.38
C ALA A 1310 4.05 14.82 19.89
N ILE A 1311 4.07 13.49 19.91
CA ILE A 1311 5.26 12.77 20.40
C ILE A 1311 6.43 13.00 19.44
N SER A 1312 6.16 13.02 18.13
CA SER A 1312 7.23 13.29 17.18
C SER A 1312 7.83 14.67 17.40
N HIS A 1313 6.98 15.69 17.56
CA HIS A 1313 7.48 17.03 17.81
C HIS A 1313 8.27 17.10 19.12
N TRP A 1314 7.75 16.45 20.17
CA TRP A 1314 8.41 16.49 21.47
C TRP A 1314 9.77 15.82 21.42
N MET A 1315 9.86 14.65 20.77
CA MET A 1315 11.13 13.96 20.68
C MET A 1315 12.13 14.71 19.82
N THR A 1316 11.68 15.33 18.72
CA THR A 1316 12.59 16.12 17.91
C THR A 1316 13.10 17.33 18.68
N SER A 1317 12.24 17.96 19.48
CA SER A 1317 12.70 19.08 20.30
C SER A 1317 13.64 18.63 21.42
N LEU A 1318 13.41 17.46 22.00
CA LEU A 1318 14.35 16.93 22.99
C LEU A 1318 15.72 16.64 22.39
N THR A 1319 15.76 16.04 21.20
CA THR A 1319 17.03 15.62 20.64
C THR A 1319 17.94 16.81 20.33
N TYR A 1320 17.37 17.92 19.87
CA TYR A 1320 18.17 19.05 19.40
C TYR A 1320 18.04 20.26 20.31
N ASN A 1321 17.59 20.07 21.56
CA ASN A 1321 17.56 21.11 22.57
C ASN A 1321 16.76 22.33 22.12
N MET A 1322 15.52 22.08 21.70
CA MET A 1322 14.66 23.14 21.19
C MET A 1322 13.41 23.36 22.04
N LEU A 1323 13.33 22.72 23.19
CA LEU A 1323 12.19 22.93 24.07
C LEU A 1323 12.24 24.34 24.66
N PRO A 1324 11.09 24.88 25.11
CA PRO A 1324 11.07 26.23 25.66
C PRO A 1324 12.07 26.43 26.80
N GLY A 1325 13.06 27.29 26.58
CA GLY A 1325 14.08 27.57 27.57
C GLY A 1325 15.39 26.84 27.36
N GLN A 1326 15.53 26.04 26.30
CA GLN A 1326 16.76 25.32 26.05
C GLN A 1326 17.66 26.16 25.14
N SER A 1327 18.75 25.55 24.65
CA SER A 1327 19.75 26.29 23.91
C SER A 1327 19.22 26.76 22.56
N ASN A 1328 18.60 25.87 21.81
CA ASN A 1328 18.22 26.12 20.43
C ASN A 1328 16.75 26.51 20.27
N ASP A 1329 16.13 27.03 21.31
CA ASP A 1329 14.73 27.43 21.22
C ASP A 1329 14.60 28.67 20.34
N PRO A 1330 13.84 28.60 19.24
CA PRO A 1330 13.79 29.72 18.29
C PRO A 1330 12.74 30.79 18.58
N ILE A 1331 11.94 30.63 19.63
CA ILE A 1331 10.79 31.52 19.84
C ILE A 1331 11.23 32.97 19.95
N ASP A 1332 12.33 33.24 20.64
CA ASP A 1332 12.81 34.59 20.85
C ASP A 1332 13.78 35.05 19.76
N TYR A 1333 13.86 34.32 18.65
CA TYR A 1333 14.68 34.74 17.52
C TYR A 1333 13.88 35.09 16.29
N PHE A 1334 12.58 34.80 16.26
CA PHE A 1334 11.70 35.06 15.13
C PHE A 1334 10.49 35.84 15.61
N PRO A 1335 9.81 36.57 14.71
CA PRO A 1335 8.62 37.32 15.12
C PRO A 1335 7.42 36.40 15.36
N ALA A 1336 7.48 35.58 16.40
CA ALA A 1336 6.43 34.59 16.62
C ALA A 1336 6.09 34.55 18.11
N GLU A 1337 4.79 34.63 18.40
CA GLU A 1337 4.34 34.53 19.79
C GLU A 1337 4.61 33.14 20.35
N ASN A 1338 4.35 32.10 19.56
CA ASN A 1338 4.54 30.73 19.99
C ASN A 1338 5.09 29.92 18.81
N ARG A 1339 5.31 28.63 19.07
CA ARG A 1339 5.90 27.76 18.06
C ARG A 1339 4.94 27.44 16.92
N LYS A 1340 3.65 27.63 17.12
CA LYS A 1340 2.68 27.48 16.03
C LYS A 1340 2.92 28.46 14.90
N ASP A 1341 3.62 29.56 15.16
CA ASP A 1341 3.80 30.64 14.20
C ASP A 1341 5.13 30.56 13.45
N ILE A 1342 5.88 29.48 13.63
CA ILE A 1342 7.17 29.28 12.96
C ILE A 1342 7.02 28.08 12.03
N PRO A 1343 7.46 28.17 10.78
CA PRO A 1343 7.40 27.00 9.89
C PRO A 1343 8.24 25.86 10.45
N ILE A 1344 7.78 24.63 10.20
CA ILE A 1344 8.46 23.46 10.74
C ILE A 1344 9.86 23.32 10.18
N GLU A 1345 10.14 23.93 9.03
CA GLU A 1345 11.50 23.94 8.51
C GLU A 1345 12.43 24.79 9.37
N LEU A 1346 11.88 25.70 10.18
CA LEU A 1346 12.64 26.52 11.10
C LEU A 1346 12.40 26.11 12.55
N ASN A 1347 12.21 24.82 12.79
CA ASN A 1347 12.07 24.27 14.13
C ASN A 1347 10.82 24.79 14.84
N GLY A 1348 9.75 24.98 14.08
CA GLY A 1348 8.44 25.22 14.62
C GLY A 1348 7.62 23.94 14.71
N VAL A 1349 6.38 24.09 15.14
CA VAL A 1349 5.47 22.95 15.23
C VAL A 1349 4.46 23.05 14.11
N LEU A 1350 3.83 21.91 13.80
CA LEU A 1350 2.94 21.81 12.65
C LEU A 1350 1.54 22.28 13.03
N ASP A 1351 1.08 23.34 12.39
CA ASP A 1351 -0.27 23.86 12.57
C ASP A 1351 -1.04 23.59 11.28
N ALA A 1352 -1.83 22.53 11.26
CA ALA A 1352 -2.62 22.17 10.10
C ALA A 1352 -3.71 21.21 10.54
N PRO A 1353 -4.88 21.23 9.89
CA PRO A 1353 -5.89 20.22 10.18
C PRO A 1353 -5.42 18.84 9.77
N LEU A 1354 -5.95 17.83 10.46
CA LEU A 1354 -5.53 16.46 10.18
C LEU A 1354 -5.94 16.02 8.78
N SER A 1355 -6.90 16.71 8.16
CA SER A 1355 -7.28 16.42 6.79
C SER A 1355 -6.21 16.85 5.79
N MET A 1356 -5.52 17.95 6.05
CA MET A 1356 -4.49 18.43 5.14
C MET A 1356 -3.22 17.59 5.24
N ILE A 1357 -2.87 17.16 6.45
CA ILE A 1357 -1.65 16.40 6.65
C ILE A 1357 -1.72 15.08 5.90
N SER A 1358 -2.85 14.37 6.02
CA SER A 1358 -2.97 13.07 5.39
C SER A 1358 -2.95 13.18 3.87
N THR A 1359 -3.61 14.19 3.31
CA THR A 1359 -3.76 14.28 1.86
C THR A 1359 -2.61 15.00 1.18
N VAL A 1360 -1.86 15.84 1.90
CA VAL A 1360 -0.75 16.56 1.27
C VAL A 1360 0.55 16.22 1.98
N GLY A 1361 0.67 16.61 3.24
CA GLY A 1361 1.80 16.19 4.05
C GLY A 1361 3.02 17.06 3.84
N LEU A 1362 3.50 17.70 4.91
CA LEU A 1362 4.74 18.48 4.90
C LEU A 1362 4.65 19.71 4.00
N GLU A 1363 3.57 19.82 3.23
CA GLU A 1363 3.21 21.06 2.55
C GLU A 1363 1.89 21.60 3.08
N SER A 1364 1.35 20.97 4.12
CA SER A 1364 0.12 21.43 4.74
C SER A 1364 0.32 22.65 5.61
N GLY A 1365 1.53 22.86 6.13
CA GLY A 1365 1.77 24.05 6.94
C GLY A 1365 1.66 25.33 6.14
N ASN A 1366 2.32 25.37 4.97
CA ASN A 1366 2.24 26.54 4.12
C ASN A 1366 0.82 26.74 3.60
N LEU A 1367 0.16 25.67 3.19
CA LEU A 1367 -1.20 25.78 2.70
C LEU A 1367 -2.14 26.30 3.77
N TYR A 1368 -2.01 25.79 5.00
CA TYR A 1368 -2.88 26.25 6.07
C TYR A 1368 -2.58 27.68 6.46
N PHE A 1369 -1.31 28.08 6.46
CA PHE A 1369 -0.99 29.48 6.73
C PHE A 1369 -1.59 30.40 5.67
N LEU A 1370 -1.48 30.01 4.40
CA LEU A 1370 -2.05 30.83 3.34
C LEU A 1370 -3.57 30.92 3.45
N ILE A 1371 -4.22 29.80 3.81
CA ILE A 1371 -5.67 29.80 3.96
C ILE A 1371 -6.08 30.66 5.15
N LYS A 1372 -5.33 30.62 6.24
CA LYS A 1372 -5.63 31.48 7.38
C LYS A 1372 -5.49 32.94 7.01
N LEU A 1373 -4.45 33.30 6.27
CA LEU A 1373 -4.29 34.66 5.78
C LEU A 1373 -5.48 35.07 4.91
N LEU A 1374 -5.88 34.17 4.01
CA LEU A 1374 -6.94 34.46 3.07
C LEU A 1374 -8.25 34.70 3.80
N SER A 1375 -8.55 33.88 4.81
CA SER A 1375 -9.74 34.11 5.61
C SER A 1375 -9.64 35.40 6.40
N LYS A 1376 -8.45 35.72 6.92
CA LYS A 1376 -8.28 36.91 7.76
C LYS A 1376 -8.48 38.20 6.96
N TYR A 1377 -7.99 38.27 5.73
CA TYR A 1377 -7.96 39.52 4.99
C TYR A 1377 -8.95 39.55 3.83
N THR A 1378 -9.97 38.70 3.85
CA THR A 1378 -10.94 38.74 2.77
C THR A 1378 -12.19 39.46 3.23
N PRO A 1379 -12.75 40.35 2.42
CA PRO A 1379 -14.00 41.04 2.82
C PRO A 1379 -15.13 40.05 3.08
N VAL A 1380 -16.02 40.43 3.99
CA VAL A 1380 -17.11 39.55 4.41
C VAL A 1380 -18.03 39.18 3.26
N MET A 1381 -18.05 39.97 2.20
CA MET A 1381 -18.85 39.65 1.02
C MET A 1381 -18.24 38.54 0.17
N GLN A 1382 -16.97 38.18 0.42
CA GLN A 1382 -16.31 37.11 -0.31
C GLN A 1382 -15.75 36.04 0.62
N LYS A 1383 -16.23 35.99 1.86
CA LYS A 1383 -15.69 35.06 2.84
C LYS A 1383 -16.07 33.61 2.56
N ARG A 1384 -17.26 33.37 2.03
CA ARG A 1384 -17.75 32.02 1.80
C ARG A 1384 -17.80 31.69 0.31
N GLU A 1385 -16.82 32.17 -0.43
CA GLU A 1385 -16.66 31.83 -1.83
C GLU A 1385 -15.56 30.78 -1.99
N SER A 1386 -15.35 30.35 -3.23
CA SER A 1386 -14.26 29.41 -3.50
C SER A 1386 -12.93 30.08 -3.23
N VAL A 1387 -11.88 29.26 -3.12
CA VAL A 1387 -10.56 29.80 -2.83
C VAL A 1387 -10.06 30.64 -4.00
N VAL A 1388 -10.49 30.33 -5.22
CA VAL A 1388 -10.05 31.09 -6.38
C VAL A 1388 -10.58 32.51 -6.32
N ASN A 1389 -11.87 32.66 -6.00
CA ASN A 1389 -12.47 33.99 -5.92
C ASN A 1389 -11.86 34.81 -4.78
N GLN A 1390 -11.54 34.17 -3.66
CA GLN A 1390 -10.86 34.87 -2.57
C GLN A 1390 -9.46 35.28 -2.96
N ILE A 1391 -8.74 34.42 -3.68
CA ILE A 1391 -7.39 34.76 -4.13
C ILE A 1391 -7.42 35.90 -5.12
N ALA A 1392 -8.45 35.98 -5.95
CA ALA A 1392 -8.56 37.09 -6.89
C ALA A 1392 -8.65 38.44 -6.22
N GLU A 1393 -9.01 38.48 -4.93
CA GLU A 1393 -9.08 39.73 -4.17
C GLU A 1393 -7.81 40.05 -3.41
N VAL A 1394 -6.75 39.24 -3.59
CA VAL A 1394 -5.49 39.50 -2.89
C VAL A 1394 -4.87 40.81 -3.38
N LYS A 1395 -5.04 41.14 -4.66
CA LYS A 1395 -4.47 42.36 -5.20
C LYS A 1395 -4.97 43.62 -4.52
N ASN A 1396 -6.09 43.55 -3.81
CA ASN A 1396 -6.61 44.69 -3.06
C ASN A 1396 -6.05 44.77 -1.65
N TRP A 1397 -5.21 43.83 -1.24
CA TRP A 1397 -4.58 43.91 0.06
C TRP A 1397 -3.52 45.00 0.07
N LYS A 1398 -3.06 45.35 1.27
CA LYS A 1398 -1.94 46.26 1.46
C LYS A 1398 -0.89 45.56 2.31
N VAL A 1399 0.38 45.77 1.95
CA VAL A 1399 1.47 45.19 2.74
C VAL A 1399 1.66 45.91 4.06
N GLU A 1400 1.21 47.16 4.17
CA GLU A 1400 1.40 47.93 5.40
C GLU A 1400 0.62 47.36 6.58
N ASP A 1401 -0.61 46.89 6.36
CA ASP A 1401 -1.42 46.34 7.44
C ASP A 1401 -1.26 44.82 7.54
N LEU A 1402 -0.01 44.36 7.59
CA LEU A 1402 0.30 42.95 7.74
C LEU A 1402 1.14 42.75 8.99
N THR A 1403 0.81 41.74 9.77
CA THR A 1403 1.57 41.42 10.97
C THR A 1403 2.99 41.00 10.58
N ASP A 1404 3.94 41.31 11.47
CA ASP A 1404 5.33 40.98 11.19
C ASP A 1404 5.55 39.48 11.03
N ASN A 1405 4.79 38.66 11.76
CA ASN A 1405 4.87 37.22 11.55
C ASN A 1405 4.39 36.84 10.16
N GLU A 1406 3.30 37.45 9.70
CA GLU A 1406 2.79 37.15 8.36
C GLU A 1406 3.78 37.58 7.29
N ILE A 1407 4.40 38.75 7.44
CA ILE A 1407 5.39 39.19 6.48
C ILE A 1407 6.60 38.27 6.49
N PHE A 1408 7.03 37.84 7.68
CA PHE A 1408 8.14 36.92 7.81
C PHE A 1408 7.87 35.61 7.07
N ARG A 1409 6.70 35.01 7.32
CA ARG A 1409 6.39 33.74 6.67
C ARG A 1409 6.16 33.90 5.17
N LEU A 1410 5.57 35.02 4.75
CA LEU A 1410 5.40 35.27 3.32
C LEU A 1410 6.74 35.45 2.62
N LYS A 1411 7.69 36.13 3.28
CA LYS A 1411 9.03 36.25 2.70
C LYS A 1411 9.69 34.88 2.59
N ILE A 1412 9.52 34.04 3.60
CA ILE A 1412 10.06 32.67 3.52
C ILE A 1412 9.46 31.94 2.32
N LEU A 1413 8.14 32.07 2.13
CA LEU A 1413 7.49 31.41 1.01
C LEU A 1413 7.97 31.96 -0.33
N ARG A 1414 8.17 33.27 -0.42
CA ARG A 1414 8.52 33.89 -1.70
C ARG A 1414 9.97 33.63 -2.09
N TYR A 1415 10.91 33.71 -1.14
CA TYR A 1415 12.32 33.67 -1.48
C TYR A 1415 13.03 32.38 -1.09
N LEU A 1416 12.47 31.58 -0.18
CA LEU A 1416 13.10 30.34 0.22
C LEU A 1416 12.42 29.10 -0.34
N VAL A 1417 11.14 29.18 -0.68
CA VAL A 1417 10.40 28.06 -1.23
C VAL A 1417 10.25 28.18 -2.75
N LEU A 1418 9.80 29.33 -3.23
CA LEU A 1418 9.66 29.57 -4.65
C LEU A 1418 10.95 30.10 -5.29
N ASP A 1419 12.01 30.24 -4.50
CA ASP A 1419 13.28 30.73 -5.00
C ASP A 1419 14.39 30.15 -4.13
N ALA A 1420 15.63 30.49 -4.47
CA ALA A 1420 16.81 29.96 -3.80
C ALA A 1420 17.69 31.11 -3.31
N GLU A 1421 17.07 32.07 -2.63
CA GLU A 1421 17.81 33.24 -2.15
C GLU A 1421 18.92 32.84 -1.18
N MET A 1422 18.67 31.85 -0.33
CA MET A 1422 19.67 31.40 0.64
C MET A 1422 19.86 29.90 0.48
N ASP A 1423 21.14 29.52 0.42
CA ASP A 1423 21.51 28.10 0.23
C ASP A 1423 21.64 27.39 1.58
N PRO A 1424 20.91 26.30 1.88
CA PRO A 1424 21.13 25.57 3.13
C PRO A 1424 22.56 25.08 3.30
N SER A 1425 23.27 24.83 2.20
CA SER A 1425 24.68 24.45 2.24
C SER A 1425 25.31 24.86 0.92
N ASP A 1426 26.63 24.74 0.85
CA ASP A 1426 27.33 25.08 -0.37
C ASP A 1426 26.86 24.21 -1.52
N ILE A 1427 26.56 24.82 -2.66
CA ILE A 1427 25.86 24.14 -3.75
C ILE A 1427 26.78 23.74 -4.89
N MET A 1428 28.06 24.08 -4.84
CA MET A 1428 28.97 23.71 -5.92
C MET A 1428 29.12 22.19 -5.95
N GLY A 1429 28.86 21.59 -7.10
CA GLY A 1429 28.86 20.16 -7.24
C GLY A 1429 27.52 19.49 -7.01
N GLU A 1430 26.53 20.23 -6.53
CA GLU A 1430 25.21 19.68 -6.29
C GLU A 1430 24.42 19.59 -7.60
N THR A 1431 23.55 18.59 -7.67
CA THR A 1431 22.68 18.40 -8.82
C THR A 1431 21.30 18.98 -8.51
N SER A 1432 20.39 18.85 -9.48
CA SER A 1432 19.10 19.51 -9.37
C SER A 1432 18.21 18.91 -8.29
N ASP A 1433 18.46 17.67 -7.88
CA ASP A 1433 17.59 16.99 -6.93
C ASP A 1433 18.15 16.98 -5.51
N MET A 1434 19.25 17.69 -5.26
CA MET A 1434 19.94 17.62 -3.97
C MET A 1434 19.57 18.77 -3.04
N ARG A 1435 18.48 19.47 -3.34
CA ARG A 1435 17.99 20.54 -2.47
C ARG A 1435 16.60 20.16 -1.98
N GLY A 1436 16.47 19.90 -0.69
CA GLY A 1436 15.20 19.52 -0.12
C GLY A 1436 14.35 20.73 0.21
N ARG A 1437 13.40 20.52 1.10
CA ARG A 1437 12.57 21.61 1.62
C ARG A 1437 13.14 22.22 2.89
N SER A 1438 14.31 21.77 3.31
CA SER A 1438 14.93 22.23 4.54
C SER A 1438 15.77 23.49 4.30
N ILE A 1439 15.99 24.23 5.40
CA ILE A 1439 16.74 25.48 5.35
C ILE A 1439 18.01 25.40 6.18
N LEU A 1440 17.94 24.80 7.37
CA LEU A 1440 19.07 24.67 8.27
C LEU A 1440 19.42 23.18 8.39
N THR A 1441 20.43 22.76 7.64
CA THR A 1441 20.84 21.37 7.61
C THR A 1441 22.16 21.21 8.36
N PRO A 1442 22.18 20.49 9.48
CA PRO A 1442 23.45 20.23 10.16
C PRO A 1442 24.37 19.36 9.30
N ARG A 1443 25.67 19.59 9.47
CA ARG A 1443 26.65 18.76 8.77
C ARG A 1443 26.70 17.37 9.38
N LYS A 1444 27.23 16.43 8.61
CA LYS A 1444 27.32 15.04 9.02
C LYS A 1444 28.74 14.55 8.78
N PHE A 1445 28.93 13.25 8.91
CA PHE A 1445 30.25 12.66 8.79
C PHE A 1445 30.71 12.65 7.34
N THR A 1446 32.00 12.93 7.13
CA THR A 1446 32.68 12.75 5.85
C THR A 1446 33.83 11.79 6.12
N THR A 1447 33.54 10.49 6.00
CA THR A 1447 34.51 9.46 6.35
C THR A 1447 35.59 9.39 5.29
N ALA A 1448 36.82 9.76 5.67
CA ALA A 1448 37.92 9.70 4.72
C ALA A 1448 38.25 8.26 4.35
N GLY A 1449 38.04 7.31 5.27
CA GLY A 1449 38.31 5.92 4.95
C GLY A 1449 37.41 5.36 3.88
N SER A 1450 36.15 5.79 3.86
CA SER A 1450 35.23 5.35 2.81
C SER A 1450 35.58 6.00 1.47
N LEU A 1451 36.03 7.25 1.48
CA LEU A 1451 36.30 7.96 0.24
C LEU A 1451 37.56 7.46 -0.45
N ARG A 1452 38.60 7.11 0.30
CA ARG A 1452 39.86 6.72 -0.32
C ARG A 1452 39.78 5.38 -1.01
N LYS A 1453 38.77 4.56 -0.69
CA LYS A 1453 38.57 3.31 -1.41
C LYS A 1453 38.02 3.52 -2.81
N LEU A 1454 37.62 4.74 -3.15
CA LEU A 1454 36.95 5.02 -4.41
C LEU A 1454 37.97 5.37 -5.48
N TYR A 1455 37.88 4.69 -6.62
CA TYR A 1455 38.81 4.92 -7.72
C TYR A 1455 38.65 6.33 -8.28
N SER A 1456 37.41 6.81 -8.41
CA SER A 1456 37.15 8.12 -8.97
C SER A 1456 37.50 9.26 -8.01
N PHE A 1457 37.51 9.00 -6.70
CA PHE A 1457 37.92 10.03 -5.76
C PHE A 1457 39.39 10.40 -5.93
N SER A 1458 40.24 9.42 -6.23
CA SER A 1458 41.64 9.73 -6.51
C SER A 1458 41.78 10.58 -7.76
N LYS A 1459 40.98 10.30 -8.80
CA LYS A 1459 41.01 11.14 -9.99
C LYS A 1459 40.54 12.54 -9.68
N TYR A 1460 39.50 12.68 -8.86
CA TYR A 1460 39.03 14.00 -8.46
C TYR A 1460 40.10 14.76 -7.70
N GLN A 1461 40.81 14.08 -6.80
CA GLN A 1461 41.86 14.74 -6.04
C GLN A 1461 43.04 15.11 -6.92
N ASP A 1462 43.34 14.29 -7.93
CA ASP A 1462 44.38 14.66 -8.88
C ASP A 1462 43.98 15.89 -9.69
N ARG A 1463 42.71 15.97 -10.10
CA ARG A 1463 42.27 17.13 -10.86
C ARG A 1463 42.23 18.38 -9.99
N LEU A 1464 41.85 18.24 -8.73
CA LEU A 1464 41.77 19.39 -7.83
C LEU A 1464 43.14 20.03 -7.63
N SER A 1465 44.19 19.20 -7.51
CA SER A 1465 45.55 19.70 -7.36
C SER A 1465 46.23 19.90 -8.71
N SER A 1466 45.57 20.65 -9.58
CA SER A 1466 46.07 20.98 -10.90
C SER A 1466 45.93 22.48 -11.13
N PRO A 1467 46.76 23.06 -12.01
CA PRO A 1467 46.64 24.51 -12.24
C PRO A 1467 45.29 24.93 -12.80
N GLY A 1468 44.86 24.34 -13.90
CA GLY A 1468 43.61 24.76 -14.52
C GLY A 1468 42.65 23.63 -14.84
N GLY A 1469 42.59 22.62 -13.98
CA GLY A 1469 41.72 21.49 -14.22
C GLY A 1469 40.29 21.71 -13.77
N MET A 1470 40.13 22.14 -12.52
CA MET A 1470 38.78 22.36 -11.99
C MET A 1470 38.07 23.50 -12.70
N VAL A 1471 38.81 24.55 -13.08
CA VAL A 1471 38.19 25.65 -13.82
C VAL A 1471 37.74 25.18 -15.19
N GLU A 1472 38.53 24.34 -15.85
CA GLU A 1472 38.13 23.81 -17.14
C GLU A 1472 36.90 22.92 -17.00
N LEU A 1473 36.83 22.12 -15.93
CA LEU A 1473 35.65 21.30 -15.68
C LEU A 1473 34.42 22.17 -15.45
N PHE A 1474 34.57 23.25 -14.67
CA PHE A 1474 33.46 24.16 -14.44
C PHE A 1474 33.00 24.81 -15.74
N THR A 1475 33.95 25.20 -16.61
CA THR A 1475 33.59 25.76 -17.89
C THR A 1475 32.83 24.75 -18.75
N TYR A 1476 33.27 23.48 -18.72
CA TYR A 1476 32.58 22.45 -19.48
C TYR A 1476 31.15 22.26 -18.98
N LEU A 1477 30.97 22.24 -17.65
CA LEU A 1477 29.61 22.17 -17.11
C LEU A 1477 28.78 23.39 -17.48
N LEU A 1478 29.41 24.56 -17.55
CA LEU A 1478 28.67 25.76 -17.92
C LEU A 1478 28.23 25.75 -19.38
N GLU A 1479 29.07 25.21 -20.27
CA GLU A 1479 28.68 25.11 -21.68
C GLU A 1479 27.61 24.06 -21.89
N LYS A 1480 27.49 23.08 -20.99
CA LYS A 1480 26.50 22.00 -21.10
C LYS A 1480 25.76 21.89 -19.78
N PRO A 1481 24.86 22.83 -19.49
CA PRO A 1481 24.20 22.84 -18.18
C PRO A 1481 23.30 21.64 -17.91
N GLU A 1482 22.90 20.89 -18.94
CA GLU A 1482 22.01 19.76 -18.72
C GLU A 1482 22.65 18.69 -17.85
N LEU A 1483 23.97 18.69 -17.72
CA LEU A 1483 24.65 17.75 -16.83
C LEU A 1483 24.39 18.04 -15.37
N LEU A 1484 23.77 19.18 -15.04
CA LEU A 1484 23.33 19.43 -13.69
C LEU A 1484 22.04 18.68 -13.36
N VAL A 1485 21.20 18.43 -14.35
CA VAL A 1485 19.97 17.68 -14.17
C VAL A 1485 20.26 16.20 -14.40
N THR A 1486 20.71 15.86 -15.60
CA THR A 1486 21.23 14.53 -15.85
C THR A 1486 22.56 14.38 -15.14
N LYS A 1487 23.21 13.24 -15.34
CA LYS A 1487 24.55 13.04 -14.81
C LYS A 1487 25.43 12.38 -15.86
N GLY A 1488 25.20 12.74 -17.11
CA GLY A 1488 25.94 12.15 -18.22
C GLY A 1488 25.21 10.98 -18.83
N GLU A 1489 24.77 11.13 -20.08
CA GLU A 1489 24.11 10.06 -20.80
C GLU A 1489 25.06 9.30 -21.71
N ASP A 1490 26.35 9.61 -21.67
CA ASP A 1490 27.39 8.85 -22.34
C ASP A 1490 28.62 8.80 -21.45
N MET A 1491 29.67 8.15 -21.93
CA MET A 1491 30.82 7.85 -21.09
C MET A 1491 31.52 9.13 -20.62
N LYS A 1492 31.86 10.02 -21.56
CA LYS A 1492 32.66 11.19 -21.22
C LYS A 1492 31.89 12.15 -20.31
N ASP A 1493 30.63 12.41 -20.65
CA ASP A 1493 29.83 13.30 -19.81
C ASP A 1493 29.59 12.70 -18.44
N TYR A 1494 29.42 11.38 -18.36
CA TYR A 1494 29.24 10.75 -17.06
C TYR A 1494 30.49 10.89 -16.19
N MET A 1495 31.67 10.68 -16.78
CA MET A 1495 32.88 10.83 -15.97
C MET A 1495 33.08 12.27 -15.53
N GLU A 1496 32.85 13.23 -16.44
CA GLU A 1496 33.00 14.63 -16.05
C GLU A 1496 32.00 15.00 -14.95
N SER A 1497 30.77 14.49 -15.05
CA SER A 1497 29.76 14.79 -14.05
C SER A 1497 30.10 14.17 -12.70
N VAL A 1498 30.68 12.96 -12.69
CA VAL A 1498 31.08 12.36 -11.42
C VAL A 1498 32.18 13.18 -10.76
N ILE A 1499 33.19 13.56 -11.55
CA ILE A 1499 34.28 14.36 -11.01
C ILE A 1499 33.74 15.69 -10.48
N PHE A 1500 32.81 16.30 -11.20
CA PHE A 1500 32.21 17.55 -10.75
C PHE A 1500 31.42 17.36 -9.46
N ARG A 1501 30.62 16.29 -9.39
CA ARG A 1501 29.81 16.02 -8.21
C ARG A 1501 30.66 15.76 -6.98
N TYR A 1502 31.90 15.33 -7.16
CA TYR A 1502 32.77 15.16 -6.00
C TYR A 1502 33.06 16.45 -5.24
N ASN A 1503 32.57 17.60 -5.72
CA ASN A 1503 32.74 18.88 -5.03
C ASN A 1503 31.59 19.21 -4.09
N SER A 1504 30.58 18.35 -4.00
CA SER A 1504 29.31 18.75 -3.42
C SER A 1504 29.36 18.97 -1.91
N LYS A 1505 30.24 18.24 -1.21
CA LYS A 1505 30.36 18.29 0.25
C LYS A 1505 29.12 17.72 0.94
N ARG A 1506 28.10 17.39 0.15
CA ARG A 1506 26.97 16.61 0.60
C ARG A 1506 26.83 15.31 -0.16
N PHE A 1507 27.27 15.27 -1.42
CA PHE A 1507 27.46 14.00 -2.10
C PHE A 1507 28.52 13.16 -1.39
N LYS A 1508 29.55 13.82 -0.86
CA LYS A 1508 30.57 13.13 -0.07
C LYS A 1508 30.03 12.66 1.28
N GLU A 1509 29.05 13.35 1.84
CA GLU A 1509 28.43 12.88 3.08
C GLU A 1509 27.46 11.73 2.84
N SER A 1510 27.00 11.54 1.61
CA SER A 1510 26.17 10.39 1.28
C SER A 1510 26.99 9.14 1.00
N LEU A 1511 28.25 9.29 0.63
CA LEU A 1511 29.15 8.16 0.44
C LEU A 1511 29.82 7.73 1.73
N SER A 1512 29.59 8.43 2.82
CA SER A 1512 30.25 8.17 4.09
C SER A 1512 29.33 7.38 5.01
N ILE A 1513 29.81 7.16 6.23
CA ILE A 1513 29.11 6.34 7.20
C ILE A 1513 28.46 7.24 8.24
N GLN A 1514 27.14 7.14 8.38
CA GLN A 1514 26.37 7.90 9.36
C GLN A 1514 25.77 6.91 10.33
N ASN A 1515 26.54 6.54 11.35
CA ASN A 1515 26.06 5.61 12.35
C ASN A 1515 25.01 6.31 13.21
N PRO A 1516 23.79 5.78 13.30
CA PRO A 1516 22.76 6.45 14.11
C PRO A 1516 23.13 6.60 15.57
N ALA A 1517 23.90 5.67 16.14
CA ALA A 1517 24.32 5.80 17.52
C ALA A 1517 25.34 6.92 17.70
N GLN A 1518 26.29 7.01 16.77
CA GLN A 1518 27.27 8.10 16.84
C GLN A 1518 26.59 9.45 16.64
N LEU A 1519 25.67 9.54 15.69
CA LEU A 1519 24.93 10.78 15.51
C LEU A 1519 23.99 11.07 16.68
N PHE A 1520 23.56 10.02 17.39
CA PHE A 1520 22.77 10.22 18.61
C PHE A 1520 23.61 10.87 19.70
N ILE A 1521 24.80 10.33 19.96
CA ILE A 1521 25.64 10.93 20.99
C ILE A 1521 26.27 12.25 20.53
N GLU A 1522 26.26 12.51 19.22
CA GLU A 1522 26.71 13.80 18.71
C GLU A 1522 25.89 14.94 19.27
N GLN A 1523 24.57 14.75 19.40
CA GLN A 1523 23.69 15.80 19.88
C GLN A 1523 23.71 15.94 21.40
N ILE A 1524 24.37 15.04 22.11
CA ILE A 1524 24.49 15.12 23.56
C ILE A 1524 25.86 15.64 23.97
N LEU A 1525 26.92 15.12 23.37
CA LEU A 1525 28.28 15.53 23.72
C LEU A 1525 28.64 16.89 23.15
N PHE A 1526 28.24 17.19 21.93
CA PHE A 1526 28.61 18.42 21.23
C PHE A 1526 27.34 19.14 20.83
N SER A 1527 26.78 19.91 21.76
CA SER A 1527 25.55 20.65 21.50
C SER A 1527 25.81 22.10 21.09
N HIS A 1528 26.94 22.68 21.48
CA HIS A 1528 27.27 24.05 21.15
C HIS A 1528 28.28 24.15 20.00
N LYS A 1529 28.61 23.05 19.38
CA LYS A 1529 29.54 23.08 18.26
C LYS A 1529 28.84 23.60 17.01
N PRO A 1530 29.50 24.46 16.24
CA PRO A 1530 28.91 24.90 14.97
C PRO A 1530 28.78 23.74 14.00
N VAL A 1531 27.56 23.54 13.50
CA VAL A 1531 27.28 22.37 12.67
C VAL A 1531 26.58 22.79 11.38
N ILE A 1532 26.10 24.03 11.32
CA ILE A 1532 25.29 24.50 10.21
C ILE A 1532 26.18 25.29 9.25
N ASP A 1533 26.15 24.92 7.98
CA ASP A 1533 26.91 25.62 6.94
C ASP A 1533 26.07 26.69 6.26
N PHE A 1534 25.48 27.57 7.06
CA PHE A 1534 24.66 28.65 6.53
C PHE A 1534 25.54 29.75 5.97
N SER A 1535 25.23 30.21 4.76
CA SER A 1535 26.11 31.09 4.02
C SER A 1535 25.40 32.33 3.48
N GLY A 1536 24.40 32.82 4.22
CA GLY A 1536 23.76 34.09 3.87
C GLY A 1536 22.93 34.07 2.60
N ILE A 1537 22.90 35.20 1.90
CA ILE A 1537 22.07 35.39 0.72
C ILE A 1537 22.99 35.41 -0.49
N ARG A 1538 23.08 34.29 -1.21
CA ARG A 1538 23.76 34.21 -2.50
C ARG A 1538 25.17 34.79 -2.42
N ASP A 1539 25.98 34.19 -1.56
CA ASP A 1539 27.39 34.55 -1.37
C ASP A 1539 27.53 35.99 -0.89
N LYS A 1540 27.21 36.19 0.38
CA LYS A 1540 27.50 37.44 1.06
C LYS A 1540 28.23 37.19 2.37
N LYS A 1552 44.12 19.52 14.09
CA LYS A 1552 43.06 18.67 14.64
C LYS A 1552 41.70 19.33 14.51
N GLU A 1553 40.80 18.67 13.80
CA GLU A 1553 39.46 19.18 13.55
C GLU A 1553 38.44 18.07 13.75
N PRO A 1554 37.28 18.39 14.33
CA PRO A 1554 36.24 17.38 14.47
C PRO A 1554 35.74 16.90 13.12
N ASP A 1555 35.32 15.63 13.08
CA ASP A 1555 34.80 15.06 11.84
C ASP A 1555 33.52 15.73 11.39
N ILE A 1556 32.74 16.29 12.31
CA ILE A 1556 31.53 17.05 12.00
C ILE A 1556 31.77 18.46 12.47
N LEU A 1557 31.85 19.41 11.54
CA LEU A 1557 32.08 20.80 11.88
C LEU A 1557 31.47 21.68 10.81
N GLY A 1558 30.57 22.57 11.22
CA GLY A 1558 29.93 23.52 10.34
C GLY A 1558 30.56 24.90 10.44
N LYS A 1559 29.74 25.93 10.30
CA LYS A 1559 30.21 27.30 10.39
C LYS A 1559 29.55 28.08 11.51
N VAL A 1560 28.24 27.91 11.72
CA VAL A 1560 27.52 28.63 12.75
C VAL A 1560 26.65 27.64 13.53
N THR A 1561 26.30 28.03 14.74
CA THR A 1561 25.40 27.23 15.57
C THR A 1561 23.96 27.51 15.13
N PHE A 1562 23.00 26.88 15.82
CA PHE A 1562 21.60 27.06 15.44
C PHE A 1562 21.12 28.48 15.72
N THR A 1563 21.47 29.04 16.89
CA THR A 1563 21.04 30.39 17.24
C THR A 1563 21.67 31.43 16.32
N GLU A 1564 22.95 31.26 16.00
CA GLU A 1564 23.58 32.16 15.04
C GLU A 1564 22.93 32.04 13.67
N ALA A 1565 22.51 30.83 13.28
CA ALA A 1565 21.78 30.66 12.03
C ALA A 1565 20.45 31.41 12.06
N TYR A 1566 19.73 31.33 13.18
CA TYR A 1566 18.49 32.08 13.32
C TYR A 1566 18.74 33.58 13.16
N ARG A 1567 19.77 34.08 13.84
CA ARG A 1567 20.06 35.50 13.81
C ARG A 1567 20.45 35.96 12.41
N LEU A 1568 21.28 35.19 11.72
CA LEU A 1568 21.66 35.55 10.36
C LEU A 1568 20.47 35.48 9.42
N LEU A 1569 19.61 34.48 9.58
CA LEU A 1569 18.44 34.36 8.74
C LEU A 1569 17.51 35.56 8.91
N MET A 1570 17.28 35.99 10.15
CA MET A 1570 16.50 37.20 10.37
C MET A 1570 17.17 38.46 9.84
N ARG A 1571 18.49 38.58 9.98
CA ARG A 1571 19.17 39.75 9.45
C ARG A 1571 19.03 39.82 7.94
N ASP A 1572 19.12 38.67 7.27
CA ASP A 1572 19.05 38.62 5.81
C ASP A 1572 17.63 38.73 5.27
N LEU A 1573 16.64 38.15 5.94
CA LEU A 1573 15.26 38.23 5.45
C LEU A 1573 14.74 39.66 5.53
N SER A 1574 15.12 40.40 6.58
CA SER A 1574 14.69 41.78 6.71
C SER A 1574 15.22 42.67 5.60
N SER A 1575 16.34 42.27 4.96
CA SER A 1575 16.89 43.05 3.87
C SER A 1575 16.08 42.91 2.58
N LEU A 1576 15.16 41.96 2.52
CA LEU A 1576 14.33 41.74 1.34
C LEU A 1576 13.05 42.57 1.44
N GLU A 1577 12.46 42.84 0.29
CA GLU A 1577 11.23 43.62 0.20
C GLU A 1577 10.10 42.75 -0.32
N LEU A 1578 8.94 42.82 0.36
CA LEU A 1578 7.76 42.04 -0.05
C LEU A 1578 6.71 43.03 -0.57
N THR A 1579 6.12 42.74 -1.74
CA THR A 1579 5.15 43.67 -2.37
C THR A 1579 3.86 42.91 -2.64
N ASN A 1580 2.77 43.62 -2.93
CA ASN A 1580 1.46 42.96 -3.15
C ASN A 1580 1.63 42.00 -4.32
N ASP A 1581 2.43 42.37 -5.32
CA ASP A 1581 2.71 41.47 -6.46
C ASP A 1581 3.38 40.18 -5.99
N ASP A 1582 4.30 40.27 -5.03
CA ASP A 1582 4.97 39.08 -4.47
C ASP A 1582 3.95 38.14 -3.83
N ILE A 1583 3.01 38.68 -3.05
CA ILE A 1583 1.94 37.88 -2.45
C ILE A 1583 1.09 37.22 -3.54
N GLN A 1584 0.82 37.95 -4.62
CA GLN A 1584 0.08 37.38 -5.73
C GLN A 1584 0.82 36.19 -6.34
N VAL A 1585 2.13 36.32 -6.50
CA VAL A 1585 2.92 35.21 -7.04
C VAL A 1585 2.89 34.01 -6.08
N ILE A 1586 3.00 34.28 -4.77
CA ILE A 1586 2.94 33.21 -3.79
C ILE A 1586 1.63 32.43 -3.92
N TYR A 1587 0.51 33.16 -3.95
CA TYR A 1587 -0.78 32.51 -4.02
C TYR A 1587 -1.01 31.83 -5.37
N SER A 1588 -0.46 32.39 -6.44
CA SER A 1588 -0.66 31.83 -7.76
C SER A 1588 0.17 30.58 -8.02
N TYR A 1589 1.33 30.45 -7.37
CA TYR A 1589 2.18 29.30 -7.64
C TYR A 1589 2.40 28.40 -6.44
N ILE A 1590 1.64 28.59 -5.37
CA ILE A 1590 1.54 27.57 -4.33
C ILE A 1590 0.15 26.95 -4.25
N ILE A 1591 -0.91 27.72 -4.49
CA ILE A 1591 -2.28 27.22 -4.43
C ILE A 1591 -2.90 27.13 -5.83
N LEU A 1592 -2.90 28.23 -6.57
CA LEU A 1592 -3.68 28.31 -7.81
C LEU A 1592 -3.16 27.39 -8.90
N ASN A 1593 -1.86 27.07 -8.90
CA ASN A 1593 -1.31 26.25 -9.96
C ASN A 1593 -1.70 24.78 -9.84
N ASP A 1594 -1.93 24.30 -8.63
CA ASP A 1594 -2.19 22.88 -8.40
C ASP A 1594 -3.66 22.65 -8.13
N PRO A 1595 -4.37 21.89 -8.97
CA PRO A 1595 -5.79 21.62 -8.69
C PRO A 1595 -6.02 20.91 -7.37
N MET A 1596 -5.09 20.07 -6.93
CA MET A 1596 -5.25 19.37 -5.66
C MET A 1596 -5.26 20.34 -4.49
N MET A 1597 -4.36 21.34 -4.50
CA MET A 1597 -4.35 22.31 -3.43
C MET A 1597 -5.60 23.19 -3.46
N ILE A 1598 -6.11 23.50 -4.65
CA ILE A 1598 -7.37 24.21 -4.74
C ILE A 1598 -8.49 23.39 -4.12
N THR A 1599 -8.52 22.09 -4.42
CA THR A 1599 -9.54 21.22 -3.85
C THR A 1599 -9.45 21.16 -2.34
N ILE A 1600 -8.23 21.03 -1.81
CA ILE A 1600 -8.06 20.93 -0.37
C ILE A 1600 -8.46 22.23 0.32
N ALA A 1601 -8.06 23.37 -0.25
CA ALA A 1601 -8.45 24.66 0.31
C ALA A 1601 -9.96 24.83 0.29
N ASN A 1602 -10.60 24.44 -0.81
CA ASN A 1602 -12.05 24.56 -0.89
C ASN A 1602 -12.75 23.67 0.12
N THR A 1603 -12.24 22.45 0.32
CA THR A 1603 -12.82 21.58 1.34
C THR A 1603 -12.67 22.18 2.72
N HIS A 1604 -11.52 22.82 3.02
CA HIS A 1604 -11.39 23.45 4.32
C HIS A 1604 -12.31 24.66 4.47
N ILE A 1605 -12.56 25.38 3.38
CA ILE A 1605 -13.33 26.61 3.47
C ILE A 1605 -14.83 26.33 3.42
N LEU A 1606 -15.27 25.45 2.53
CA LEU A 1606 -16.68 25.28 2.22
C LEU A 1606 -17.35 24.15 3.00
N SER A 1607 -16.65 23.50 3.91
CA SER A 1607 -17.19 22.31 4.56
C SER A 1607 -18.31 22.67 5.53
N ILE A 1608 -19.34 21.82 5.56
CA ILE A 1608 -20.47 21.99 6.53
C ILE A 1608 -20.68 20.62 7.17
N TYR A 1609 -20.41 20.48 8.47
CA TYR A 1609 -20.50 19.15 9.13
C TYR A 1609 -21.96 18.70 9.27
N GLY A 1610 -22.23 17.40 9.15
CA GLY A 1610 -23.61 16.89 9.17
C GLY A 1610 -23.90 15.84 10.22
N SER A 1611 -24.72 14.83 9.88
CA SER A 1611 -25.17 13.80 10.84
C SER A 1611 -24.07 12.84 11.28
N PRO A 1612 -24.03 12.43 12.55
CA PRO A 1612 -23.07 11.42 13.00
C PRO A 1612 -23.48 10.06 12.45
N GLN A 1613 -22.50 9.22 12.09
CA GLN A 1613 -22.80 7.87 11.56
C GLN A 1613 -21.90 6.83 12.23
N ARG A 1614 -22.18 5.54 12.03
CA ARG A 1614 -21.42 4.46 12.63
C ARG A 1614 -20.60 3.75 11.56
N ARG A 1615 -19.37 3.39 11.90
CA ARG A 1615 -18.47 2.75 10.95
C ARG A 1615 -18.81 1.27 10.87
N MET A 1616 -19.33 0.84 9.71
CA MET A 1616 -19.70 -0.55 9.49
C MET A 1616 -19.19 -1.13 8.19
N GLY A 1617 -18.83 -0.31 7.21
CA GLY A 1617 -18.46 -0.79 5.90
C GLY A 1617 -17.16 -0.23 5.35
N MET A 1618 -16.14 -0.10 6.19
CA MET A 1618 -14.88 0.49 5.78
C MET A 1618 -14.36 -0.15 4.51
N SER A 1619 -13.90 0.68 3.57
CA SER A 1619 -13.47 0.20 2.27
C SER A 1619 -12.26 0.99 1.80
N CYS A 1620 -11.50 0.37 0.89
CA CYS A 1620 -10.33 0.99 0.30
C CYS A 1620 -10.73 1.82 -0.92
N SER A 1621 -10.18 3.02 -1.03
CA SER A 1621 -10.50 3.91 -2.14
C SER A 1621 -9.29 4.77 -2.45
N THR A 1622 -8.95 4.84 -3.73
CA THR A 1622 -8.04 5.87 -4.21
C THR A 1622 -8.86 7.12 -4.50
N MET A 1623 -8.24 8.16 -5.05
CA MET A 1623 -8.96 9.38 -5.38
C MET A 1623 -9.58 9.22 -6.76
N PRO A 1624 -10.90 9.16 -6.89
CA PRO A 1624 -11.50 8.99 -8.21
C PRO A 1624 -11.17 10.17 -9.12
N GLU A 1625 -10.86 9.85 -10.38
CA GLU A 1625 -10.47 10.84 -11.37
C GLU A 1625 -9.34 11.72 -10.86
N PHE A 1626 -8.34 11.10 -10.23
CA PHE A 1626 -7.20 11.85 -9.74
C PHE A 1626 -6.29 12.33 -10.86
N ARG A 1627 -6.35 11.68 -12.02
CA ARG A 1627 -5.57 12.11 -13.17
C ARG A 1627 -5.97 13.50 -13.66
N ASN A 1628 -7.16 13.97 -13.30
CA ASN A 1628 -7.54 15.35 -13.55
C ASN A 1628 -6.92 16.32 -12.57
N LEU A 1629 -6.39 15.83 -11.45
CA LEU A 1629 -5.76 16.67 -10.45
C LEU A 1629 -4.25 16.68 -10.57
N LYS A 1630 -3.69 16.05 -11.60
CA LYS A 1630 -2.26 16.06 -11.85
C LYS A 1630 -1.93 17.21 -12.77
N LEU A 1631 -1.33 18.26 -12.23
CA LEU A 1631 -0.93 19.40 -13.04
C LEU A 1631 0.17 19.00 -14.03
N ILE A 1632 1.13 18.22 -13.57
CA ILE A 1632 2.26 17.77 -14.40
C ILE A 1632 2.21 16.24 -14.46
N HIS A 1633 2.20 15.70 -15.68
CA HIS A 1633 2.01 14.27 -15.87
C HIS A 1633 3.25 13.47 -15.48
N HIS A 1634 4.42 13.91 -15.91
CA HIS A 1634 5.62 13.11 -15.76
C HIS A 1634 6.32 13.37 -14.43
N SER A 1635 7.31 12.55 -14.13
CA SER A 1635 8.14 12.67 -12.93
C SER A 1635 9.03 13.92 -13.03
N PRO A 1636 9.38 14.53 -11.90
CA PRO A 1636 10.22 15.74 -11.94
C PRO A 1636 11.53 15.54 -12.68
N ALA A 1637 12.16 14.37 -12.55
CA ALA A 1637 13.42 14.13 -13.25
C ALA A 1637 13.23 14.22 -14.76
N LEU A 1638 12.17 13.60 -15.29
CA LEU A 1638 11.92 13.65 -16.73
C LEU A 1638 11.60 15.08 -17.18
N VAL A 1639 10.81 15.80 -16.39
CA VAL A 1639 10.45 17.17 -16.77
C VAL A 1639 11.69 18.05 -16.81
N LEU A 1640 12.57 17.93 -15.82
CA LEU A 1640 13.80 18.71 -15.84
C LEU A 1640 14.74 18.27 -16.96
N ARG A 1641 14.79 16.98 -17.28
CA ARG A 1641 15.59 16.54 -18.42
C ARG A 1641 15.08 17.17 -19.71
N ALA A 1642 13.76 17.18 -19.90
CA ALA A 1642 13.18 17.79 -21.08
C ALA A 1642 13.45 19.30 -21.12
N TYR A 1643 13.34 19.97 -19.97
CA TYR A 1643 13.57 21.41 -19.94
C TYR A 1643 15.02 21.74 -20.25
N SER A 1644 15.97 20.97 -19.69
CA SER A 1644 17.37 21.23 -19.94
C SER A 1644 17.74 20.95 -21.39
N LYS A 1645 17.33 19.79 -21.91
CA LYS A 1645 17.62 19.46 -23.30
C LYS A 1645 16.73 20.22 -24.27
N ASN A 1646 15.71 20.93 -23.79
CA ASN A 1646 14.78 21.69 -24.62
C ASN A 1646 14.16 20.78 -25.68
N ASN A 1647 13.74 19.59 -25.26
CA ASN A 1647 13.24 18.58 -26.17
C ASN A 1647 12.04 17.87 -25.58
N PRO A 1648 10.84 18.08 -26.12
CA PRO A 1648 9.66 17.40 -25.58
C PRO A 1648 9.72 15.88 -25.69
N ASP A 1649 10.38 15.34 -26.70
CA ASP A 1649 10.46 13.89 -26.90
C ASP A 1649 11.82 13.41 -26.41
N ILE A 1650 11.87 13.00 -25.15
CA ILE A 1650 13.09 12.48 -24.54
C ILE A 1650 12.95 10.97 -24.43
N GLN A 1651 14.05 10.32 -24.06
CA GLN A 1651 14.16 8.87 -24.11
C GLN A 1651 13.26 8.16 -23.10
N GLY A 1652 12.39 8.85 -22.38
CA GLY A 1652 11.53 8.15 -21.44
C GLY A 1652 10.12 8.70 -21.27
N ALA A 1653 9.72 9.65 -22.11
CA ALA A 1653 8.48 10.38 -21.90
C ALA A 1653 7.63 10.40 -23.16
N ASP A 1654 6.34 10.65 -22.98
CA ASP A 1654 5.40 10.84 -24.07
C ASP A 1654 5.52 12.26 -24.61
N PRO A 1655 5.80 12.45 -25.90
CA PRO A 1655 5.99 13.81 -26.41
C PRO A 1655 4.76 14.68 -26.31
N THR A 1656 3.56 14.11 -26.21
CA THR A 1656 2.34 14.90 -26.16
C THR A 1656 2.13 15.53 -24.79
N GLU A 1657 2.19 14.73 -23.72
CA GLU A 1657 2.02 15.27 -22.38
C GLU A 1657 3.25 16.02 -21.90
N MET A 1658 4.44 15.63 -22.37
CA MET A 1658 5.64 16.35 -21.98
C MET A 1658 5.63 17.78 -22.49
N ALA A 1659 4.98 18.04 -23.62
CA ALA A 1659 4.86 19.41 -24.09
C ALA A 1659 4.05 20.26 -23.11
N ARG A 1660 2.95 19.72 -22.59
CA ARG A 1660 2.16 20.46 -21.60
C ARG A 1660 2.94 20.63 -20.30
N ASP A 1661 3.66 19.60 -19.88
CA ASP A 1661 4.48 19.73 -18.68
C ASP A 1661 5.53 20.83 -18.86
N LEU A 1662 6.16 20.87 -20.03
CA LEU A 1662 7.15 21.90 -20.32
C LEU A 1662 6.53 23.28 -20.35
N VAL A 1663 5.32 23.42 -20.91
CA VAL A 1663 4.72 24.75 -20.95
C VAL A 1663 4.33 25.19 -19.54
N HIS A 1664 3.92 24.26 -18.68
CA HIS A 1664 3.68 24.60 -17.28
C HIS A 1664 4.96 25.10 -16.61
N LEU A 1665 6.07 24.38 -16.83
CA LEU A 1665 7.33 24.79 -16.21
C LEU A 1665 7.78 26.14 -16.73
N LYS A 1666 7.63 26.38 -18.04
CA LYS A 1666 8.02 27.67 -18.61
C LYS A 1666 7.14 28.79 -18.09
N GLU A 1667 5.84 28.56 -17.90
CA GLU A 1667 4.99 29.57 -17.31
C GLU A 1667 5.43 29.90 -15.89
N PHE A 1668 5.79 28.86 -15.11
CA PHE A 1668 6.28 29.12 -13.75
C PHE A 1668 7.56 29.95 -13.78
N VAL A 1669 8.48 29.60 -14.67
CA VAL A 1669 9.74 30.34 -14.75
C VAL A 1669 9.51 31.77 -15.17
N GLU A 1670 8.64 32.01 -16.14
CA GLU A 1670 8.41 33.36 -16.65
C GLU A 1670 7.67 34.22 -15.63
N ASN A 1671 6.61 33.69 -15.03
CA ASN A 1671 5.76 34.53 -14.15
C ASN A 1671 6.45 34.88 -12.83
N THR A 1672 7.39 34.05 -12.37
CA THR A 1672 8.13 34.36 -11.16
C THR A 1672 9.41 35.13 -11.43
N ASN A 1673 9.69 35.46 -12.68
CA ASN A 1673 10.87 36.24 -13.07
C ASN A 1673 12.15 35.61 -12.54
N LEU A 1674 12.27 34.30 -12.76
CA LEU A 1674 13.41 33.55 -12.27
C LEU A 1674 14.61 33.71 -13.19
N GLU A 1675 14.43 33.45 -14.49
CA GLU A 1675 15.52 33.57 -15.45
C GLU A 1675 15.98 35.01 -15.59
N GLU A 1676 15.05 35.97 -15.58
CA GLU A 1676 15.42 37.38 -15.70
C GLU A 1676 16.26 37.82 -14.51
N LYS A 1677 15.85 37.44 -13.30
CA LYS A 1677 16.62 37.78 -12.12
C LYS A 1677 18.00 37.12 -12.15
N MET A 1678 18.06 35.86 -12.61
CA MET A 1678 19.36 35.20 -12.71
C MET A 1678 20.29 35.94 -13.67
N LYS A 1679 19.76 36.34 -14.83
CA LYS A 1679 20.58 37.06 -15.80
C LYS A 1679 21.03 38.41 -15.24
N VAL A 1680 20.14 39.11 -14.54
CA VAL A 1680 20.50 40.40 -13.96
C VAL A 1680 21.60 40.23 -12.92
N ARG A 1681 21.48 39.23 -12.06
CA ARG A 1681 22.50 38.99 -11.05
C ARG A 1681 23.85 38.64 -11.70
N ILE A 1682 23.82 37.78 -12.72
CA ILE A 1682 25.07 37.38 -13.38
C ILE A 1682 25.73 38.60 -14.01
N ALA A 1683 24.94 39.42 -14.72
CA ALA A 1683 25.51 40.60 -15.36
C ALA A 1683 26.06 41.57 -14.33
N MET A 1684 25.34 41.78 -13.24
CA MET A 1684 25.82 42.70 -12.21
C MET A 1684 27.13 42.22 -11.60
N ASN A 1685 27.22 40.92 -11.29
CA ASN A 1685 28.44 40.38 -10.70
C ASN A 1685 29.61 40.50 -11.68
N GLU A 1686 29.37 40.17 -12.95
CA GLU A 1686 30.45 40.24 -13.94
C GLU A 1686 30.92 41.68 -14.14
N ALA A 1687 29.98 42.62 -14.18
CA ALA A 1687 30.36 44.03 -14.29
C ALA A 1687 31.14 44.48 -13.07
N GLU A 1688 30.73 44.04 -11.88
CA GLU A 1688 31.43 44.44 -10.66
C GLU A 1688 32.85 43.88 -10.61
N LYS A 1689 33.05 42.64 -11.05
CA LYS A 1689 34.39 42.06 -11.03
C LYS A 1689 35.21 42.35 -12.27
N GLY A 1690 34.56 42.59 -13.42
CA GLY A 1690 35.28 42.91 -14.63
C GLY A 1690 35.39 41.76 -15.62
N GLN A 1691 35.60 40.55 -15.10
CA GLN A 1691 35.71 39.36 -15.93
C GLN A 1691 34.62 38.36 -15.53
N ARG A 1692 34.28 37.48 -16.46
CA ARG A 1692 33.22 36.51 -16.21
C ARG A 1692 33.67 35.50 -15.16
N ASP A 1693 32.82 35.27 -14.16
CA ASP A 1693 33.10 34.33 -13.09
C ASP A 1693 32.37 33.03 -13.40
N ILE A 1694 33.13 31.98 -13.70
CA ILE A 1694 32.53 30.69 -14.00
C ILE A 1694 31.85 30.12 -12.76
N VAL A 1695 32.46 30.32 -11.59
CA VAL A 1695 31.89 29.78 -10.36
C VAL A 1695 30.54 30.38 -10.06
N PHE A 1696 30.42 31.71 -10.20
CA PHE A 1696 29.15 32.37 -9.89
C PHE A 1696 28.06 31.95 -10.86
N GLU A 1697 28.37 31.89 -12.15
CA GLU A 1697 27.37 31.48 -13.13
C GLU A 1697 26.96 30.03 -12.92
N LEU A 1698 27.91 29.16 -12.60
CA LEU A 1698 27.57 27.77 -12.33
C LEU A 1698 26.68 27.64 -11.10
N LYS A 1699 26.98 28.39 -10.04
CA LYS A 1699 26.12 28.36 -8.86
C LYS A 1699 24.72 28.88 -9.16
N GLU A 1700 24.63 29.94 -9.96
CA GLU A 1700 23.32 30.46 -10.33
C GLU A 1700 22.52 29.45 -11.15
N MET A 1701 23.19 28.76 -12.08
CA MET A 1701 22.51 27.74 -12.87
C MET A 1701 22.04 26.59 -11.98
N THR A 1702 22.87 26.19 -11.02
CA THR A 1702 22.49 25.12 -10.10
C THR A 1702 21.27 25.53 -9.28
N ARG A 1703 21.26 26.77 -8.79
CA ARG A 1703 20.10 27.26 -8.03
C ARG A 1703 18.85 27.28 -8.89
N PHE A 1704 18.99 27.72 -10.14
CA PHE A 1704 17.85 27.77 -11.05
C PHE A 1704 17.26 26.38 -11.25
N TYR A 1705 18.11 25.40 -11.55
CA TYR A 1705 17.61 24.05 -11.78
C TYR A 1705 17.05 23.42 -10.51
N GLN A 1706 17.64 23.70 -9.35
CA GLN A 1706 17.11 23.17 -8.11
C GLN A 1706 15.74 23.77 -7.78
N VAL A 1707 15.56 25.06 -8.05
CA VAL A 1707 14.25 25.67 -7.84
C VAL A 1707 13.22 25.06 -8.77
N CYS A 1708 13.58 24.87 -10.05
CA CYS A 1708 12.64 24.26 -10.98
C CYS A 1708 12.29 22.84 -10.56
N TYR A 1709 13.29 22.06 -10.13
CA TYR A 1709 13.04 20.69 -9.68
C TYR A 1709 12.12 20.67 -8.47
N GLU A 1710 12.36 21.57 -7.50
CA GLU A 1710 11.52 21.60 -6.32
C GLU A 1710 10.10 22.01 -6.64
N TYR A 1711 9.92 22.96 -7.57
CA TYR A 1711 8.57 23.33 -7.96
C TYR A 1711 7.84 22.16 -8.62
N VAL A 1712 8.53 21.46 -9.53
CA VAL A 1712 7.87 20.34 -10.20
C VAL A 1712 7.57 19.22 -9.21
N LYS A 1713 8.44 19.00 -8.23
CA LYS A 1713 8.20 17.97 -7.23
C LYS A 1713 7.09 18.35 -6.26
N SER A 1714 6.91 19.63 -5.98
CA SER A 1714 5.83 20.05 -5.08
C SER A 1714 4.45 19.82 -5.66
N THR A 1715 4.35 19.56 -6.95
CA THR A 1715 3.06 19.30 -7.59
C THR A 1715 2.55 17.90 -7.32
N GLU A 1716 3.42 16.90 -7.36
CA GLU A 1716 2.99 15.51 -7.21
C GLU A 1716 2.65 15.22 -5.75
N HIS A 1717 1.41 14.85 -5.50
CA HIS A 1717 0.95 14.42 -4.18
C HIS A 1717 0.58 12.95 -4.29
N LYS A 1718 1.40 12.08 -3.70
CA LYS A 1718 1.22 10.64 -3.83
C LYS A 1718 0.10 10.19 -2.89
N ILE A 1719 -1.14 10.47 -3.31
CA ILE A 1719 -2.31 10.00 -2.58
C ILE A 1719 -2.53 8.54 -2.98
N LYS A 1720 -2.14 7.63 -2.09
CA LYS A 1720 -2.30 6.21 -2.32
C LYS A 1720 -3.66 5.76 -1.79
N VAL A 1721 -3.83 4.46 -1.58
CA VAL A 1721 -5.10 3.94 -1.07
C VAL A 1721 -5.40 4.51 0.30
N PHE A 1722 -6.64 4.95 0.49
CA PHE A 1722 -7.17 5.34 1.79
C PHE A 1722 -8.19 4.31 2.25
N ILE A 1723 -8.36 4.21 3.57
CA ILE A 1723 -9.41 3.40 4.17
C ILE A 1723 -10.47 4.36 4.69
N LEU A 1724 -11.66 4.32 4.11
CA LEU A 1724 -12.72 5.28 4.36
C LEU A 1724 -13.98 4.58 4.84
N PRO A 1725 -14.83 5.27 5.59
CA PRO A 1725 -16.05 4.62 6.10
C PRO A 1725 -16.98 4.12 5.03
N ALA A 1726 -17.05 4.79 3.88
CA ALA A 1726 -17.95 4.36 2.81
C ALA A 1726 -17.19 4.27 1.50
N LYS A 1727 -17.92 4.01 0.41
CA LYS A 1727 -17.32 3.92 -0.90
C LYS A 1727 -17.31 5.27 -1.59
N SER A 1728 -16.22 5.57 -2.28
CA SER A 1728 -16.05 6.83 -2.98
C SER A 1728 -16.32 6.62 -4.46
N TYR A 1729 -17.18 7.47 -5.03
CA TYR A 1729 -17.48 7.41 -6.46
C TYR A 1729 -16.96 8.63 -7.22
N THR A 1730 -16.79 9.76 -6.55
CA THR A 1730 -16.28 10.97 -7.20
C THR A 1730 -15.16 11.56 -6.36
N THR A 1731 -14.60 12.69 -6.82
CA THR A 1731 -13.61 13.40 -6.03
C THR A 1731 -14.26 14.06 -4.81
N THR A 1732 -15.45 14.62 -4.99
CA THR A 1732 -16.16 15.23 -3.87
C THR A 1732 -16.50 14.19 -2.81
N ASP A 1733 -16.92 13.00 -3.24
CA ASP A 1733 -17.20 11.92 -2.29
C ASP A 1733 -15.96 11.56 -1.50
N PHE A 1734 -14.82 11.42 -2.19
CA PHE A 1734 -13.59 11.06 -1.50
C PHE A 1734 -13.21 12.12 -0.49
N CYS A 1735 -13.24 13.39 -0.89
CA CYS A 1735 -12.85 14.47 0.03
C CYS A 1735 -13.79 14.54 1.22
N SER A 1736 -15.10 14.42 0.99
CA SER A 1736 -16.05 14.48 2.09
C SER A 1736 -15.88 13.32 3.06
N LEU A 1737 -15.68 12.11 2.54
CA LEU A 1737 -15.48 10.95 3.41
C LEU A 1737 -14.19 11.11 4.22
N MET A 1738 -13.11 11.52 3.55
CA MET A 1738 -11.83 11.68 4.25
C MET A 1738 -11.91 12.77 5.32
N GLN A 1739 -12.64 13.86 5.04
CA GLN A 1739 -12.74 14.93 6.00
C GLN A 1739 -13.63 14.55 7.18
N GLY A 1740 -14.75 13.88 6.91
CA GLY A 1740 -15.64 13.48 7.99
C GLY A 1740 -15.14 12.31 8.81
N ASN A 1741 -14.19 11.55 8.27
CA ASN A 1741 -13.62 10.44 9.02
C ASN A 1741 -12.54 10.87 10.01
N LEU A 1742 -12.10 12.12 9.97
CA LEU A 1742 -10.94 12.57 10.72
C LEU A 1742 -11.27 13.73 11.65
N ILE A 1743 -12.43 13.67 12.32
CA ILE A 1743 -12.76 14.68 13.32
C ILE A 1743 -13.15 14.08 14.66
N LYS A 1744 -13.59 12.83 14.71
CA LYS A 1744 -13.92 12.17 15.97
C LYS A 1744 -13.53 10.70 15.87
N ASP A 1745 -13.15 10.12 17.01
CA ASP A 1745 -12.75 8.70 17.00
C ASP A 1745 -13.98 7.81 17.10
N LYS A 1746 -15.03 8.26 17.80
CA LYS A 1746 -16.17 7.39 18.04
C LYS A 1746 -17.04 7.23 16.81
N GLU A 1747 -17.16 8.26 15.98
CA GLU A 1747 -18.09 8.23 14.86
C GLU A 1747 -17.54 9.08 13.73
N TRP A 1748 -18.07 8.84 12.53
CA TRP A 1748 -17.73 9.62 11.35
C TRP A 1748 -18.96 10.40 10.91
N TYR A 1749 -18.73 11.62 10.43
CA TYR A 1749 -19.87 12.51 10.08
C TYR A 1749 -20.02 12.67 8.58
N THR A 1750 -21.06 13.37 8.16
CA THR A 1750 -21.29 13.62 6.72
C THR A 1750 -20.93 15.07 6.44
N VAL A 1751 -20.06 15.30 5.46
CA VAL A 1751 -19.60 16.68 5.17
C VAL A 1751 -20.18 17.11 3.83
N HIS A 1752 -20.87 18.25 3.79
CA HIS A 1752 -21.36 18.78 2.50
C HIS A 1752 -20.57 20.05 2.20
N TYR A 1753 -20.69 20.59 0.99
CA TYR A 1753 -19.95 21.76 0.59
C TYR A 1753 -20.89 22.80 0.01
N LEU A 1754 -20.65 24.07 0.36
CA LEU A 1754 -21.52 25.14 -0.11
C LEU A 1754 -21.45 25.28 -1.63
N LYS A 1755 -20.27 25.13 -2.22
CA LYS A 1755 -20.09 25.25 -3.65
C LYS A 1755 -19.30 24.04 -4.14
N GLN A 1756 -18.91 24.06 -5.40
CA GLN A 1756 -18.13 22.98 -5.97
C GLN A 1756 -16.68 23.09 -5.51
N ILE A 1757 -16.19 22.06 -4.81
CA ILE A 1757 -14.81 22.07 -4.37
C ILE A 1757 -13.87 21.89 -5.57
N LEU A 1758 -14.25 21.03 -6.50
CA LEU A 1758 -13.45 20.77 -7.69
C LEU A 1758 -13.91 21.72 -8.79
N SER A 1759 -13.53 22.98 -8.63
CA SER A 1759 -13.88 23.99 -9.62
C SER A 1759 -13.09 23.75 -10.90
N GLY A 1760 -13.74 23.99 -12.04
CA GLY A 1760 -13.06 23.81 -13.31
C GLY A 1760 -11.83 24.69 -13.42
N GLY A 1761 -10.77 24.13 -13.99
CA GLY A 1761 -9.51 24.84 -14.07
C GLY A 1761 -8.69 24.50 -15.30
N HIS A 1762 -7.37 24.61 -15.19
CA HIS A 1762 -6.53 24.44 -16.36
C HIS A 1762 -6.40 22.96 -16.74
N LYS A 1763 -6.54 22.06 -15.75
CA LYS A 1763 -6.55 20.62 -16.00
C LYS A 1763 -7.95 20.04 -16.07
N ALA A 1764 -8.98 20.76 -15.67
CA ALA A 1764 -10.35 20.26 -15.68
C ALA A 1764 -11.14 20.73 -16.90
N ILE A 1765 -11.09 22.03 -17.19
CA ILE A 1765 -11.77 22.56 -18.42
C ILE A 1765 -11.00 22.06 -19.63
N MET A 1766 -9.67 22.13 -19.60
CA MET A 1766 -8.82 21.70 -20.74
C MET A 1766 -8.70 20.17 -20.76
N GLN A 1767 -8.28 19.59 -21.90
CA GLN A 1767 -8.10 18.11 -22.05
C GLN A 1767 -9.48 17.48 -22.28
N HIS A 1768 -10.39 18.22 -22.91
CA HIS A 1768 -11.74 17.72 -23.10
C HIS A 1768 -12.22 18.13 -24.48
N ASN A 1769 -12.23 17.18 -25.40
CA ASN A 1769 -12.66 17.43 -26.78
C ASN A 1769 -14.18 17.31 -26.87
N ALA A 1770 -14.69 17.21 -28.10
CA ALA A 1770 -16.13 17.15 -28.31
C ALA A 1770 -16.76 15.92 -27.67
N THR A 1771 -16.08 14.78 -27.72
CA THR A 1771 -16.65 13.56 -27.14
C THR A 1771 -16.72 13.64 -25.62
N SER A 1772 -15.80 14.38 -24.99
CA SER A 1772 -15.87 14.56 -23.54
C SER A 1772 -17.11 15.34 -23.15
N GLU A 1773 -17.39 16.43 -23.87
CA GLU A 1773 -18.61 17.19 -23.61
C GLU A 1773 -19.86 16.38 -23.96
N GLN A 1774 -19.77 15.52 -24.98
CA GLN A 1774 -20.87 14.61 -25.30
C GLN A 1774 -21.17 13.70 -24.12
N ASN A 1775 -20.13 13.10 -23.54
CA ASN A 1775 -20.32 12.23 -22.39
C ASN A 1775 -20.84 12.99 -21.19
N ILE A 1776 -20.38 14.23 -21.01
CA ILE A 1776 -20.88 15.06 -19.91
C ILE A 1776 -22.38 15.29 -20.07
N ALA A 1777 -22.83 15.61 -21.28
CA ALA A 1777 -24.25 15.81 -21.53
C ALA A 1777 -25.03 14.52 -21.29
N PHE A 1778 -24.48 13.39 -21.74
CA PHE A 1778 -25.16 12.10 -21.54
C PHE A 1778 -25.35 11.82 -20.05
N GLU A 1779 -24.28 11.99 -19.26
CA GLU A 1779 -24.38 11.78 -17.83
C GLU A 1779 -25.40 12.72 -17.20
N CYS A 1780 -25.37 13.99 -17.60
CA CYS A 1780 -26.29 14.97 -17.03
C CYS A 1780 -27.73 14.55 -17.25
N PHE A 1781 -28.07 14.12 -18.46
CA PHE A 1781 -29.47 13.83 -18.73
C PHE A 1781 -29.89 12.48 -18.17
N LYS A 1782 -29.01 11.48 -18.23
CA LYS A 1782 -29.29 10.22 -17.56
C LYS A 1782 -29.56 10.44 -16.07
N LEU A 1783 -28.82 11.36 -15.45
CA LEU A 1783 -29.04 11.64 -14.05
C LEU A 1783 -30.35 12.38 -13.82
N ILE A 1784 -30.61 13.43 -14.61
CA ILE A 1784 -31.74 14.31 -14.31
C ILE A 1784 -33.07 13.61 -14.57
N THR A 1785 -33.17 12.82 -15.64
CA THR A 1785 -34.45 12.17 -15.93
C THR A 1785 -34.82 11.19 -14.84
N HIS A 1786 -33.86 10.39 -14.36
CA HIS A 1786 -34.17 9.41 -13.33
C HIS A 1786 -34.34 10.08 -11.97
N PHE A 1787 -33.64 11.19 -11.72
CA PHE A 1787 -33.89 11.94 -10.48
C PHE A 1787 -35.33 12.44 -10.45
N ALA A 1788 -35.81 12.97 -11.58
CA ALA A 1788 -37.21 13.41 -11.64
C ALA A 1788 -38.17 12.24 -11.49
N ASP A 1789 -37.87 11.10 -12.11
CA ASP A 1789 -38.75 9.94 -11.99
C ASP A 1789 -38.74 9.34 -10.59
N SER A 1790 -37.68 9.55 -9.81
CA SER A 1790 -37.57 8.93 -8.50
C SER A 1790 -38.04 9.83 -7.36
N PHE A 1791 -37.75 11.13 -7.40
CA PHE A 1791 -37.99 11.99 -6.25
C PHE A 1791 -38.98 13.11 -6.50
N ILE A 1792 -39.50 13.27 -7.71
CA ILE A 1792 -40.41 14.36 -8.05
C ILE A 1792 -41.77 13.78 -8.38
N ASP A 1793 -42.82 14.45 -7.94
CA ASP A 1793 -44.18 13.99 -8.19
C ASP A 1793 -44.47 13.99 -9.69
N SER A 1794 -45.38 13.11 -10.09
CA SER A 1794 -45.63 12.90 -11.52
C SER A 1794 -46.14 14.16 -12.20
N LEU A 1795 -46.99 14.92 -11.53
CA LEU A 1795 -47.58 16.11 -12.14
C LEU A 1795 -46.61 17.29 -12.20
N SER A 1796 -45.45 17.20 -11.57
CA SER A 1796 -44.48 18.29 -11.57
C SER A 1796 -43.16 17.90 -12.20
N ARG A 1797 -43.10 16.76 -12.88
CA ARG A 1797 -41.82 16.32 -13.47
C ARG A 1797 -41.44 17.12 -14.69
N SER A 1798 -42.41 17.43 -15.57
CA SER A 1798 -42.10 18.16 -16.79
C SER A 1798 -41.66 19.59 -16.49
N ALA A 1799 -42.36 20.27 -15.57
CA ALA A 1799 -41.98 21.62 -15.20
C ALA A 1799 -40.61 21.64 -14.54
N PHE A 1800 -40.35 20.68 -13.65
CA PHE A 1800 -39.04 20.59 -13.01
C PHE A 1800 -37.94 20.37 -14.03
N LEU A 1801 -38.17 19.48 -14.99
CA LEU A 1801 -37.18 19.23 -16.03
C LEU A 1801 -36.95 20.47 -16.88
N GLN A 1802 -38.01 21.19 -17.22
CA GLN A 1802 -37.87 22.42 -18.00
C GLN A 1802 -37.03 23.44 -17.25
N LEU A 1803 -37.27 23.58 -15.94
CA LEU A 1803 -36.48 24.50 -15.13
C LEU A 1803 -35.02 24.08 -15.09
N ILE A 1804 -34.76 22.77 -14.95
CA ILE A 1804 -33.39 22.27 -14.96
C ILE A 1804 -32.71 22.62 -16.26
N ILE A 1805 -33.40 22.39 -17.38
CA ILE A 1805 -32.80 22.61 -18.69
C ILE A 1805 -32.48 24.09 -18.89
N ASP A 1806 -33.45 24.96 -18.61
CA ASP A 1806 -33.27 26.34 -19.01
C ASP A 1806 -32.41 27.13 -18.03
N GLU A 1807 -32.34 26.70 -16.76
CA GLU A 1807 -31.73 27.58 -15.76
C GLU A 1807 -30.45 27.05 -15.13
N PHE A 1808 -30.29 25.74 -14.93
CA PHE A 1808 -29.14 25.28 -14.17
C PHE A 1808 -27.94 25.03 -15.09
N SER A 1809 -26.89 24.43 -14.53
CA SER A 1809 -25.67 24.09 -15.26
C SER A 1809 -25.09 22.84 -14.63
N TYR A 1810 -24.42 22.03 -15.46
CA TYR A 1810 -23.84 20.77 -15.02
C TYR A 1810 -22.37 20.74 -15.41
N LYS A 1811 -21.50 20.52 -14.42
CA LYS A 1811 -20.05 20.46 -14.63
C LYS A 1811 -19.55 21.71 -15.34
N ASP A 1812 -20.03 22.87 -14.89
CA ASP A 1812 -19.70 24.20 -15.38
C ASP A 1812 -20.24 24.48 -16.78
N VAL A 1813 -20.90 23.52 -17.42
CA VAL A 1813 -21.48 23.69 -18.74
C VAL A 1813 -23.00 23.83 -18.58
N LYS A 1814 -23.57 24.81 -19.27
CA LYS A 1814 -25.00 25.06 -19.17
C LYS A 1814 -25.80 23.85 -19.64
N VAL A 1815 -26.91 23.58 -18.94
CA VAL A 1815 -27.75 22.45 -19.29
C VAL A 1815 -28.40 22.66 -20.66
N SER A 1816 -28.75 23.91 -20.98
CA SER A 1816 -29.29 24.20 -22.30
C SER A 1816 -28.29 23.86 -23.40
N LYS A 1817 -27.02 24.18 -23.17
CA LYS A 1817 -25.99 23.82 -24.14
C LYS A 1817 -25.88 22.31 -24.30
N LEU A 1818 -25.94 21.57 -23.18
CA LEU A 1818 -25.88 20.11 -23.26
C LEU A 1818 -27.07 19.54 -24.01
N TYR A 1819 -28.26 20.10 -23.79
CA TYR A 1819 -29.44 19.62 -24.48
C TYR A 1819 -29.34 19.90 -25.97
N ASP A 1820 -28.82 21.07 -26.33
CA ASP A 1820 -28.56 21.34 -27.74
C ASP A 1820 -27.53 20.39 -28.34
N ILE A 1821 -26.51 20.02 -27.58
CA ILE A 1821 -25.52 19.07 -28.08
C ILE A 1821 -26.16 17.71 -28.35
N ILE A 1822 -26.95 17.21 -27.39
CA ILE A 1822 -27.56 15.90 -27.59
C ILE A 1822 -28.63 15.93 -28.67
N LYS A 1823 -29.27 17.08 -28.90
CA LYS A 1823 -30.26 17.07 -30.00
C LYS A 1823 -29.54 17.05 -31.34
N ASN A 1824 -28.38 17.70 -31.43
CA ASN A 1824 -27.67 17.81 -32.69
C ASN A 1824 -26.64 16.70 -32.85
N GLY A 1825 -26.94 15.50 -32.35
CA GLY A 1825 -26.02 14.39 -32.40
C GLY A 1825 -26.69 13.15 -32.95
N TYR A 1826 -25.88 12.11 -33.13
CA TYR A 1826 -26.34 10.83 -33.63
C TYR A 1826 -26.87 9.91 -32.55
N ASN A 1827 -26.79 10.32 -31.28
CA ASN A 1827 -27.22 9.49 -30.16
C ASN A 1827 -28.58 9.91 -29.61
N ARG A 1828 -29.33 10.72 -30.34
CA ARG A 1828 -30.63 11.15 -29.84
C ARG A 1828 -31.64 10.01 -29.76
N THR A 1829 -31.34 8.87 -30.35
CA THR A 1829 -32.17 7.68 -30.20
C THR A 1829 -32.06 7.05 -28.81
N ASP A 1830 -31.10 7.50 -28.00
CA ASP A 1830 -30.95 7.03 -26.62
C ASP A 1830 -31.69 7.90 -25.62
N PHE A 1831 -32.32 8.98 -26.07
CA PHE A 1831 -33.04 9.91 -25.19
C PHE A 1831 -34.42 10.19 -25.73
N ILE A 1832 -35.10 9.15 -26.21
CA ILE A 1832 -36.44 9.33 -26.78
C ILE A 1832 -37.42 9.89 -25.76
N PRO A 1833 -37.51 9.39 -24.52
CA PRO A 1833 -38.42 10.02 -23.55
C PRO A 1833 -38.10 11.49 -23.31
N LEU A 1834 -36.81 11.85 -23.26
CA LEU A 1834 -36.43 13.24 -23.04
C LEU A 1834 -36.88 14.12 -24.20
N LEU A 1835 -36.66 13.67 -25.44
CA LEU A 1835 -37.09 14.46 -26.59
C LEU A 1835 -38.60 14.54 -26.67
N PHE A 1836 -39.30 13.45 -26.34
CA PHE A 1836 -40.75 13.46 -26.40
C PHE A 1836 -41.37 14.38 -25.37
N ARG A 1837 -40.82 14.37 -24.15
CA ARG A 1837 -41.40 15.19 -23.06
C ARG A 1837 -41.19 16.67 -23.38
N THR A 1838 -40.01 17.05 -23.86
CA THR A 1838 -39.76 18.44 -24.23
C THR A 1838 -40.50 18.82 -25.51
N GLY A 1839 -40.55 17.93 -26.50
CA GLY A 1839 -41.21 18.19 -27.75
C GLY A 1839 -40.30 18.28 -28.95
N ASP A 1840 -39.05 17.83 -28.84
CA ASP A 1840 -38.07 17.91 -29.92
C ASP A 1840 -37.94 16.59 -30.67
N LEU A 1841 -38.91 15.70 -30.55
CA LEU A 1841 -38.86 14.42 -31.22
C LEU A 1841 -39.37 14.54 -32.66
N ARG A 1842 -38.75 13.77 -33.55
CA ARG A 1842 -39.11 13.75 -34.95
C ARG A 1842 -39.39 12.32 -35.39
N GLN A 1843 -40.10 12.20 -36.52
CA GLN A 1843 -40.34 10.88 -37.09
C GLN A 1843 -39.03 10.22 -37.53
N ALA A 1844 -38.02 11.03 -37.86
CA ALA A 1844 -36.71 10.46 -38.18
C ALA A 1844 -36.13 9.73 -36.98
N ASP A 1845 -36.35 10.27 -35.78
CA ASP A 1845 -35.82 9.63 -34.55
C ASP A 1845 -36.49 8.27 -34.37
N LEU A 1846 -37.80 8.20 -34.59
CA LEU A 1846 -38.51 6.93 -34.46
C LEU A 1846 -38.10 5.94 -35.53
N ASP A 1847 -37.89 6.41 -36.76
CA ASP A 1847 -37.40 5.51 -37.80
C ASP A 1847 -36.02 4.97 -37.48
N LYS A 1848 -35.15 5.82 -36.94
CA LYS A 1848 -33.83 5.36 -36.51
C LYS A 1848 -33.95 4.36 -35.37
N TYR A 1849 -34.90 4.56 -34.46
CA TYR A 1849 -35.06 3.67 -33.31
C TYR A 1849 -35.57 2.30 -33.73
N ASP A 1850 -36.58 2.26 -34.59
CA ASP A 1850 -37.12 0.97 -35.00
C ASP A 1850 -36.43 0.40 -36.22
N ALA A 1851 -35.41 1.09 -36.74
CA ALA A 1851 -34.61 0.57 -37.84
C ALA A 1851 -33.40 -0.24 -37.38
N MET A 1852 -33.16 -0.26 -36.06
CA MET A 1852 -32.03 -1.03 -35.48
C MET A 1852 -32.51 -2.42 -35.09
N LYS A 1853 -33.65 -2.86 -35.64
CA LYS A 1853 -34.13 -4.25 -35.40
C LYS A 1853 -33.19 -5.23 -36.09
N SER A 1854 -32.36 -4.76 -37.04
CA SER A 1854 -31.46 -5.66 -37.80
C SER A 1854 -30.55 -6.38 -36.81
N HIS A 1855 -29.97 -5.66 -35.85
CA HIS A 1855 -29.23 -6.34 -34.75
C HIS A 1855 -30.33 -6.56 -33.73
N GLU A 1856 -30.64 -7.82 -33.37
CA GLU A 1856 -31.81 -8.04 -32.53
C GLU A 1856 -31.91 -6.96 -31.47
N ARG A 1857 -32.96 -6.15 -31.55
CA ARG A 1857 -33.13 -5.01 -30.65
C ARG A 1857 -33.71 -5.51 -29.33
N VAL A 1858 -32.96 -5.36 -28.25
CA VAL A 1858 -33.35 -5.82 -26.93
C VAL A 1858 -33.65 -4.60 -26.07
N THR A 1859 -34.84 -4.58 -25.46
CA THR A 1859 -35.21 -3.53 -24.55
C THR A 1859 -35.75 -4.14 -23.26
N TRP A 1860 -35.53 -3.45 -22.16
CA TRP A 1860 -36.03 -3.85 -20.86
C TRP A 1860 -37.08 -2.82 -20.45
N ASN A 1861 -38.35 -3.20 -20.51
CA ASN A 1861 -39.42 -2.28 -20.15
C ASN A 1861 -39.35 -1.88 -18.68
N ASP A 1862 -38.64 -2.64 -17.86
CA ASP A 1862 -38.49 -2.31 -16.44
C ASP A 1862 -37.18 -2.89 -15.95
N TRP A 1863 -36.56 -2.18 -15.00
CA TRP A 1863 -35.31 -2.65 -14.42
C TRP A 1863 -35.57 -3.69 -13.34
N GLN A 1864 -34.74 -4.72 -13.33
CA GLN A 1864 -34.77 -5.69 -12.25
C GLN A 1864 -34.17 -5.06 -10.99
N THR A 1865 -34.73 -5.42 -9.84
CA THR A 1865 -34.23 -4.90 -8.58
C THR A 1865 -32.79 -5.36 -8.34
N SER A 1866 -32.52 -6.64 -8.59
CA SER A 1866 -31.17 -7.19 -8.51
C SER A 1866 -31.05 -8.25 -9.60
N ARG A 1867 -30.25 -7.96 -10.62
CA ARG A 1867 -30.13 -8.88 -11.75
C ARG A 1867 -29.20 -10.05 -11.46
N HIS A 1868 -28.37 -9.96 -10.43
CA HIS A 1868 -27.50 -11.08 -10.06
C HIS A 1868 -28.18 -12.05 -9.10
N LEU A 1869 -28.98 -11.53 -8.17
CA LEU A 1869 -29.76 -12.36 -7.28
C LEU A 1869 -31.12 -12.73 -7.85
N ASP A 1870 -31.45 -12.20 -9.04
CA ASP A 1870 -32.73 -12.47 -9.71
C ASP A 1870 -33.91 -12.03 -8.82
N MET A 1871 -33.97 -10.72 -8.61
CA MET A 1871 -35.05 -10.09 -7.87
C MET A 1871 -35.62 -8.95 -8.69
N GLY A 1872 -36.94 -8.80 -8.66
CA GLY A 1872 -37.60 -7.75 -9.42
C GLY A 1872 -38.32 -8.31 -10.63
N SER A 1873 -39.29 -7.53 -11.10
CA SER A 1873 -40.12 -7.96 -12.22
C SER A 1873 -39.29 -8.02 -13.49
N ILE A 1874 -39.31 -9.17 -14.16
CA ILE A 1874 -38.65 -9.34 -15.45
C ILE A 1874 -39.67 -8.98 -16.53
N ASN A 1875 -39.40 -7.91 -17.27
CA ASN A 1875 -40.26 -7.44 -18.36
C ASN A 1875 -39.32 -7.11 -19.52
N LEU A 1876 -39.12 -8.08 -20.40
CA LEU A 1876 -38.14 -7.97 -21.48
C LEU A 1876 -38.82 -8.06 -22.83
N THR A 1877 -38.29 -7.34 -23.82
CA THR A 1877 -38.84 -7.38 -25.16
C THR A 1877 -37.70 -7.40 -26.17
N ILE A 1878 -37.65 -8.46 -26.97
CA ILE A 1878 -36.69 -8.56 -28.08
C ILE A 1878 -37.46 -8.46 -29.38
N THR A 1879 -36.91 -7.73 -30.34
CA THR A 1879 -37.60 -7.53 -31.61
C THR A 1879 -36.59 -7.53 -32.75
N GLY A 1880 -36.90 -8.29 -33.80
CA GLY A 1880 -36.17 -8.24 -35.04
C GLY A 1880 -37.13 -7.99 -36.19
N TYR A 1881 -36.74 -8.32 -37.41
CA TYR A 1881 -37.63 -8.15 -38.55
C TYR A 1881 -38.62 -9.30 -38.61
N ASN A 1882 -39.91 -8.97 -38.55
CA ASN A 1882 -41.01 -9.92 -38.62
C ASN A 1882 -41.01 -10.92 -37.48
N ARG A 1883 -40.40 -10.59 -36.35
CA ARG A 1883 -40.38 -11.47 -35.19
C ARG A 1883 -40.22 -10.63 -33.93
N SER A 1884 -40.96 -11.00 -32.89
CA SER A 1884 -40.82 -10.32 -31.61
C SER A 1884 -41.20 -11.27 -30.49
N ILE A 1885 -40.56 -11.09 -29.34
CA ILE A 1885 -40.86 -11.87 -28.14
C ILE A 1885 -40.89 -10.94 -26.95
N THR A 1886 -41.83 -11.19 -26.04
CA THR A 1886 -41.98 -10.40 -24.82
C THR A 1886 -42.14 -11.36 -23.65
N ILE A 1887 -41.32 -11.17 -22.61
CA ILE A 1887 -41.23 -12.11 -21.49
C ILE A 1887 -41.59 -11.36 -20.20
N ILE A 1888 -42.47 -11.96 -19.40
CA ILE A 1888 -42.89 -11.40 -18.11
C ILE A 1888 -42.71 -12.47 -17.05
N GLY A 1889 -42.14 -12.04 -15.92
CA GLY A 1889 -41.95 -12.95 -14.78
C GLY A 1889 -41.51 -12.15 -13.58
N GLU A 1890 -41.53 -12.75 -12.40
CA GLU A 1890 -41.03 -12.07 -11.17
C GLU A 1890 -40.02 -13.02 -10.53
N ASP A 1891 -38.86 -12.51 -10.12
CA ASP A 1891 -37.87 -13.36 -9.44
C ASP A 1891 -37.46 -14.50 -10.39
N ASN A 1892 -37.68 -15.77 -10.00
CA ASN A 1892 -37.20 -16.90 -10.84
C ASN A 1892 -38.33 -17.64 -11.58
N LYS A 1893 -39.57 -17.15 -11.59
CA LYS A 1893 -40.66 -17.75 -12.36
C LYS A 1893 -41.01 -16.79 -13.47
N LEU A 1894 -40.56 -17.11 -14.68
CA LEU A 1894 -41.06 -16.41 -15.86
C LEU A 1894 -42.53 -16.76 -16.03
N THR A 1895 -43.41 -15.78 -15.79
CA THR A 1895 -44.84 -16.04 -15.83
C THR A 1895 -45.28 -16.51 -17.21
N TYR A 1896 -44.90 -15.77 -18.24
CA TYR A 1896 -45.28 -16.15 -19.60
C TYR A 1896 -44.43 -15.38 -20.60
N ALA A 1897 -44.56 -15.77 -21.87
CA ALA A 1897 -43.94 -15.04 -22.96
C ALA A 1897 -44.85 -15.11 -24.17
N GLU A 1898 -44.79 -14.08 -24.99
CA GLU A 1898 -45.56 -13.99 -26.23
C GLU A 1898 -44.60 -13.84 -27.39
N LEU A 1899 -44.80 -14.64 -28.43
CA LEU A 1899 -43.96 -14.65 -29.62
C LEU A 1899 -44.82 -14.32 -30.83
N CYS A 1900 -44.64 -13.12 -31.35
CA CYS A 1900 -45.38 -12.67 -32.54
C CYS A 1900 -44.53 -12.86 -33.78
N LEU A 1901 -45.09 -13.55 -34.78
CA LEU A 1901 -44.39 -13.87 -36.00
C LEU A 1901 -45.22 -13.52 -37.23
N THR A 1902 -44.75 -13.93 -38.41
CA THR A 1902 -45.49 -13.75 -39.65
C THR A 1902 -45.78 -15.04 -40.40
N ARG A 1903 -45.18 -16.16 -39.99
CA ARG A 1903 -45.45 -17.46 -40.60
C ARG A 1903 -45.53 -18.49 -39.48
N LYS A 1904 -46.75 -18.82 -39.07
CA LYS A 1904 -46.96 -19.75 -37.95
C LYS A 1904 -46.69 -21.18 -38.41
N THR A 1905 -45.41 -21.53 -38.45
CA THR A 1905 -45.00 -22.89 -38.72
C THR A 1905 -43.90 -23.25 -37.72
N PRO A 1906 -43.79 -24.52 -37.33
CA PRO A 1906 -42.76 -24.90 -36.35
C PRO A 1906 -41.35 -24.49 -36.73
N GLU A 1907 -40.99 -24.57 -38.02
CA GLU A 1907 -39.65 -24.18 -38.44
C GLU A 1907 -39.41 -22.71 -38.17
N ASN A 1908 -40.38 -21.86 -38.51
CA ASN A 1908 -40.24 -20.44 -38.25
C ASN A 1908 -40.20 -20.16 -36.74
N ILE A 1909 -41.00 -20.91 -35.97
CA ILE A 1909 -41.00 -20.73 -34.52
C ILE A 1909 -39.61 -21.00 -33.96
N THR A 1910 -39.01 -22.14 -34.33
CA THR A 1910 -37.70 -22.49 -33.80
C THR A 1910 -36.62 -21.54 -34.28
N ILE A 1911 -36.65 -21.16 -35.56
CA ILE A 1911 -35.62 -20.26 -36.07
C ILE A 1911 -35.72 -18.89 -35.41
N SER A 1912 -36.96 -18.41 -35.20
CA SER A 1912 -37.15 -17.14 -34.52
C SER A 1912 -36.71 -17.21 -33.07
N GLY A 1913 -37.01 -18.32 -32.39
CA GLY A 1913 -36.55 -18.48 -31.02
C GLY A 1913 -35.04 -18.45 -30.92
N ARG A 1914 -34.37 -19.17 -31.82
CA ARG A 1914 -32.90 -19.17 -31.80
C ARG A 1914 -32.36 -17.77 -32.09
N LYS A 1915 -32.96 -17.06 -33.05
CA LYS A 1915 -32.46 -15.75 -33.42
C LYS A 1915 -32.73 -14.71 -32.35
N LEU A 1916 -33.83 -14.84 -31.60
CA LEU A 1916 -34.18 -13.86 -30.59
C LEU A 1916 -33.47 -14.12 -29.27
N LEU A 1917 -33.65 -15.32 -28.70
CA LEU A 1917 -33.06 -15.63 -27.41
C LEU A 1917 -31.54 -15.67 -27.48
N GLY A 1918 -30.97 -15.79 -28.68
CA GLY A 1918 -29.53 -15.76 -28.84
C GLY A 1918 -28.91 -14.39 -28.84
N SER A 1919 -29.72 -13.34 -28.70
CA SER A 1919 -29.22 -11.97 -28.69
C SER A 1919 -28.56 -11.67 -27.34
N ARG A 1920 -28.07 -10.44 -27.19
CA ARG A 1920 -27.49 -9.98 -25.94
C ARG A 1920 -28.60 -9.29 -25.14
N HIS A 1921 -29.38 -10.10 -24.42
CA HIS A 1921 -30.49 -9.59 -23.64
C HIS A 1921 -30.19 -9.50 -22.15
N GLY A 1922 -29.25 -10.30 -21.64
CA GLY A 1922 -28.87 -10.25 -20.25
C GLY A 1922 -29.66 -11.16 -19.33
N LEU A 1923 -30.82 -11.64 -19.76
CA LEU A 1923 -31.56 -12.62 -18.98
C LEU A 1923 -30.82 -13.94 -18.99
N LYS A 1924 -30.73 -14.58 -17.82
CA LYS A 1924 -29.92 -15.78 -17.71
C LYS A 1924 -30.63 -16.99 -18.32
N PHE A 1925 -31.86 -17.25 -17.89
CA PHE A 1925 -32.70 -18.36 -18.35
C PHE A 1925 -32.30 -19.70 -17.75
N GLU A 1926 -31.16 -19.79 -17.08
CA GLU A 1926 -30.86 -21.01 -16.34
C GLU A 1926 -31.10 -20.87 -14.85
N ASN A 1927 -31.07 -19.64 -14.33
CA ASN A 1927 -31.41 -19.40 -12.93
C ASN A 1927 -32.90 -19.39 -12.67
N MET A 1928 -33.73 -19.42 -13.72
CA MET A 1928 -35.17 -19.49 -13.54
C MET A 1928 -35.59 -20.91 -13.14
N SER A 1929 -36.74 -20.99 -12.49
CA SER A 1929 -37.25 -22.27 -12.03
C SER A 1929 -37.75 -23.10 -13.21
N LYS A 1930 -37.55 -24.41 -13.10
CA LYS A 1930 -38.00 -25.33 -14.14
C LYS A 1930 -39.49 -25.61 -13.97
N ILE A 1931 -40.23 -25.59 -15.07
CA ILE A 1931 -41.68 -25.73 -15.03
C ILE A 1931 -42.08 -27.03 -15.72
N GLN A 1932 -43.31 -27.45 -15.44
CA GLN A 1932 -43.91 -28.60 -16.10
C GLN A 1932 -44.44 -28.20 -17.47
N THR A 1933 -44.67 -29.21 -18.31
CA THR A 1933 -45.07 -29.00 -19.70
C THR A 1933 -46.38 -29.70 -19.98
N TYR A 1934 -47.11 -29.16 -20.96
CA TYR A 1934 -48.38 -29.71 -21.40
C TYR A 1934 -48.38 -29.84 -22.91
N PRO A 1935 -49.08 -30.86 -23.44
CA PRO A 1935 -48.95 -31.16 -24.88
C PRO A 1935 -49.49 -30.03 -25.75
N GLY A 1936 -48.88 -29.87 -26.91
CA GLY A 1936 -49.28 -28.87 -27.87
C GLY A 1936 -48.73 -27.48 -27.63
N ASN A 1937 -47.98 -27.27 -26.56
CA ASN A 1937 -47.46 -25.97 -26.19
C ASN A 1937 -46.00 -25.83 -26.59
N TYR A 1938 -45.53 -24.58 -26.60
CA TYR A 1938 -44.14 -24.26 -26.88
C TYR A 1938 -43.52 -23.63 -25.64
N TYR A 1939 -42.25 -23.96 -25.39
CA TYR A 1939 -41.58 -23.54 -24.17
C TYR A 1939 -40.19 -23.02 -24.49
N ILE A 1940 -39.79 -21.98 -23.76
CA ILE A 1940 -38.42 -21.49 -23.79
C ILE A 1940 -37.58 -22.44 -22.95
N THR A 1941 -36.62 -23.10 -23.58
CA THR A 1941 -35.80 -24.09 -22.92
C THR A 1941 -34.34 -23.65 -22.93
N TYR A 1942 -33.61 -24.05 -21.89
CA TYR A 1942 -32.17 -23.82 -21.83
C TYR A 1942 -31.45 -25.16 -21.72
N ARG A 1943 -30.20 -25.16 -22.20
CA ARG A 1943 -29.39 -26.36 -22.20
C ARG A 1943 -27.92 -25.96 -22.09
N LYS A 1944 -27.12 -26.83 -21.47
CA LYS A 1944 -25.72 -26.53 -21.24
C LYS A 1944 -24.90 -26.72 -22.52
N LYS A 1945 -23.90 -25.85 -22.71
CA LYS A 1945 -23.03 -25.93 -23.92
C LYS A 1945 -21.55 -26.05 -23.54
N ASP A 1946 -21.03 -25.12 -22.74
CA ASP A 1946 -19.57 -25.11 -22.39
C ASP A 1946 -19.36 -25.14 -20.88
N ARG A 1947 -20.21 -25.83 -20.12
CA ARG A 1947 -20.10 -25.95 -18.68
C ARG A 1947 -20.23 -24.59 -17.98
N HIS A 1948 -20.19 -23.51 -18.76
CA HIS A 1948 -20.63 -22.21 -18.29
C HIS A 1948 -21.40 -21.43 -19.34
N GLN A 1949 -21.36 -21.84 -20.61
CA GLN A 1949 -22.16 -21.23 -21.65
C GLN A 1949 -23.42 -22.05 -21.88
N PHE A 1950 -24.51 -21.36 -22.19
CA PHE A 1950 -25.81 -22.00 -22.34
C PHE A 1950 -26.43 -21.62 -23.67
N VAL A 1951 -27.31 -22.49 -24.15
CA VAL A 1951 -28.12 -22.24 -25.33
C VAL A 1951 -29.58 -22.12 -24.91
N TYR A 1952 -30.27 -21.15 -25.49
CA TYR A 1952 -31.70 -20.93 -25.24
C TYR A 1952 -32.43 -21.11 -26.55
N GLN A 1953 -33.42 -21.99 -26.56
CA GLN A 1953 -34.20 -22.28 -27.75
C GLN A 1953 -35.68 -22.28 -27.38
N ILE A 1954 -36.53 -22.45 -28.38
CA ILE A 1954 -37.95 -22.65 -28.19
C ILE A 1954 -38.29 -24.02 -28.75
N HIS A 1955 -38.85 -24.88 -27.89
CA HIS A 1955 -39.13 -26.26 -28.26
C HIS A 1955 -40.59 -26.58 -28.00
N SER A 1956 -40.98 -27.78 -28.43
CA SER A 1956 -42.32 -28.29 -28.18
C SER A 1956 -42.27 -29.38 -27.12
N HIS A 1957 -43.43 -29.70 -26.55
CA HIS A 1957 -43.49 -30.67 -25.47
C HIS A 1957 -42.95 -32.02 -25.90
N GLU A 1958 -43.46 -32.54 -27.03
CA GLU A 1958 -43.01 -33.85 -27.50
C GLU A 1958 -41.52 -33.84 -27.82
N SER A 1959 -41.01 -32.75 -28.39
CA SER A 1959 -39.59 -32.64 -28.67
C SER A 1959 -38.77 -32.78 -27.39
N ILE A 1960 -39.15 -32.03 -26.35
CA ILE A 1960 -38.40 -32.07 -25.10
C ILE A 1960 -38.46 -33.46 -24.49
N THR A 1961 -39.65 -34.05 -24.44
CA THR A 1961 -39.79 -35.36 -23.82
C THR A 1961 -38.97 -36.41 -24.57
N ARG A 1962 -39.11 -36.44 -25.89
CA ARG A 1962 -38.38 -37.43 -26.69
C ARG A 1962 -36.88 -37.28 -26.52
N ARG A 1963 -36.37 -36.06 -26.68
CA ARG A 1963 -34.93 -35.86 -26.61
C ARG A 1963 -34.39 -36.17 -25.21
N ASN A 1964 -35.10 -35.74 -24.17
CA ASN A 1964 -34.66 -36.02 -22.81
C ASN A 1964 -34.65 -37.51 -22.53
N GLU A 1965 -35.71 -38.23 -22.92
CA GLU A 1965 -35.79 -39.65 -22.60
C GLU A 1965 -34.77 -40.46 -23.39
N GLU A 1966 -34.46 -40.07 -24.63
CA GLU A 1966 -33.38 -40.75 -25.34
C GLU A 1966 -32.01 -40.32 -24.83
N HIS A 1967 -31.92 -39.16 -24.20
CA HIS A 1967 -30.66 -38.71 -23.62
C HIS A 1967 -30.34 -39.43 -22.31
N MET A 1968 -31.37 -39.82 -21.55
CA MET A 1968 -31.13 -40.62 -20.36
C MET A 1968 -30.47 -41.94 -20.71
N ALA A 1969 -30.92 -42.58 -21.77
CA ALA A 1969 -30.32 -43.83 -22.23
C ALA A 1969 -28.94 -43.55 -22.82
N ILE A 1970 -27.90 -44.01 -22.15
CA ILE A 1970 -26.54 -43.76 -22.59
C ILE A 1970 -26.10 -44.83 -23.59
N ILE A 1974 -21.80 -34.92 -19.50
CA ILE A 1974 -22.29 -35.84 -18.48
C ILE A 1974 -23.76 -36.13 -18.73
N TYR A 1975 -24.64 -35.29 -18.18
CA TYR A 1975 -26.09 -35.42 -18.36
C TYR A 1975 -26.62 -34.02 -18.66
N ASN A 1976 -26.66 -33.69 -19.96
CA ASN A 1976 -27.13 -32.36 -20.43
C ASN A 1976 -28.53 -32.52 -21.04
N GLU A 1977 -29.57 -32.11 -20.31
CA GLU A 1977 -30.95 -32.31 -20.72
C GLU A 1977 -31.60 -30.95 -20.99
N ILE A 1978 -32.51 -30.95 -21.96
CA ILE A 1978 -33.24 -29.74 -22.33
C ILE A 1978 -34.19 -29.38 -21.19
N THR A 1979 -33.98 -28.22 -20.57
CA THR A 1979 -34.77 -27.84 -19.41
C THR A 1979 -35.74 -26.73 -19.78
N PRO A 1980 -37.05 -26.97 -19.72
CA PRO A 1980 -38.02 -25.89 -19.97
C PRO A 1980 -38.06 -24.90 -18.83
N VAL A 1981 -38.40 -23.66 -19.16
CA VAL A 1981 -38.41 -22.57 -18.19
C VAL A 1981 -39.73 -21.82 -18.23
N CYS A 1982 -40.13 -21.38 -19.42
CA CYS A 1982 -41.27 -20.49 -19.58
C CYS A 1982 -42.19 -21.00 -20.68
N VAL A 1983 -43.44 -20.57 -20.63
CA VAL A 1983 -44.43 -20.91 -21.64
C VAL A 1983 -44.45 -19.82 -22.69
N VAL A 1984 -44.68 -20.22 -23.94
CA VAL A 1984 -44.67 -19.34 -25.09
C VAL A 1984 -46.03 -19.40 -25.76
N ASN A 1985 -46.66 -18.23 -25.94
CA ASN A 1985 -47.89 -18.13 -26.71
C ASN A 1985 -47.52 -17.58 -28.09
N VAL A 1986 -47.69 -18.39 -29.11
CA VAL A 1986 -47.31 -18.02 -30.47
C VAL A 1986 -48.50 -17.36 -31.14
N ALA A 1987 -48.25 -16.23 -31.81
CA ALA A 1987 -49.30 -15.49 -32.49
C ALA A 1987 -48.78 -14.97 -33.81
N GLU A 1988 -49.71 -14.57 -34.67
CA GLU A 1988 -49.41 -14.08 -36.01
C GLU A 1988 -49.77 -12.60 -36.10
N VAL A 1989 -48.82 -11.79 -36.51
CA VAL A 1989 -49.05 -10.37 -36.81
C VAL A 1989 -48.38 -10.06 -38.14
N ASP A 1990 -49.09 -9.34 -39.01
CA ASP A 1990 -48.56 -8.98 -40.32
C ASP A 1990 -48.26 -7.51 -40.47
N GLY A 1991 -48.79 -6.65 -39.60
CA GLY A 1991 -48.45 -5.24 -39.66
C GLY A 1991 -47.01 -4.99 -39.27
N ASP A 1992 -46.45 -3.93 -39.85
CA ASP A 1992 -45.06 -3.59 -39.56
C ASP A 1992 -44.90 -2.93 -38.20
N GLN A 1993 -45.99 -2.45 -37.60
CA GLN A 1993 -45.93 -1.69 -36.35
C GLN A 1993 -44.94 -0.53 -36.45
N ARG A 1994 -44.99 0.16 -37.60
CA ARG A 1994 -44.16 1.35 -37.79
C ARG A 1994 -44.55 2.39 -36.73
N ILE A 1995 -43.56 2.92 -36.03
CA ILE A 1995 -43.85 3.79 -34.89
C ILE A 1995 -44.14 5.19 -35.39
N LEU A 1996 -45.32 5.70 -35.07
CA LEU A 1996 -45.74 7.04 -35.45
C LEU A 1996 -45.82 7.94 -34.23
N ILE A 1997 -45.52 9.22 -34.44
CA ILE A 1997 -45.55 10.18 -33.34
C ILE A 1997 -46.97 10.37 -32.83
N ARG A 1998 -47.96 10.33 -33.72
CA ARG A 1998 -49.35 10.54 -33.33
C ARG A 1998 -49.86 9.48 -32.37
N SER A 1999 -49.14 8.37 -32.24
CA SER A 1999 -49.57 7.27 -31.35
C SER A 1999 -48.99 7.50 -29.96
N LEU A 2000 -47.82 8.14 -29.87
CA LEU A 2000 -47.13 8.26 -28.55
C LEU A 2000 -47.99 9.03 -27.55
N ASP A 2001 -48.65 10.10 -27.98
CA ASP A 2001 -49.42 10.94 -27.01
C ASP A 2001 -50.54 10.10 -26.37
N TYR A 2002 -51.28 9.35 -27.18
CA TYR A 2002 -52.40 8.53 -26.66
C TYR A 2002 -51.86 7.45 -25.73
N LEU A 2003 -50.76 6.81 -26.13
CA LEU A 2003 -50.16 5.72 -25.31
C LEU A 2003 -49.66 6.28 -23.98
N ASN A 2004 -49.09 7.49 -23.99
CA ASN A 2004 -48.46 8.04 -22.76
C ASN A 2004 -49.32 9.14 -22.14
N ASN A 2005 -50.64 9.07 -22.29
CA ASN A 2005 -51.50 10.09 -21.70
C ASN A 2005 -51.53 9.99 -20.18
N ASP A 2006 -51.41 8.78 -19.63
CA ASP A 2006 -51.45 8.57 -18.19
C ASP A 2006 -50.06 8.36 -17.61
N ILE A 2007 -49.02 8.37 -18.44
CA ILE A 2007 -47.66 8.14 -17.98
C ILE A 2007 -46.94 9.47 -17.91
N PHE A 2008 -46.43 9.80 -16.71
CA PHE A 2008 -45.76 11.06 -16.48
C PHE A 2008 -44.26 10.89 -16.24
N SER A 2009 -43.71 9.72 -16.56
CA SER A 2009 -42.30 9.47 -16.36
C SER A 2009 -41.45 10.18 -17.40
N LEU A 2010 -40.24 10.57 -16.99
CA LEU A 2010 -39.30 11.24 -17.88
C LEU A 2010 -38.24 10.29 -18.43
N SER A 2011 -38.13 9.07 -17.90
CA SER A 2011 -37.15 8.11 -18.37
C SER A 2011 -37.79 6.87 -18.97
N ARG A 2012 -39.09 6.90 -19.25
CA ARG A 2012 -39.79 5.77 -19.85
C ARG A 2012 -41.01 6.29 -20.59
N ILE A 2013 -41.18 5.87 -21.84
CA ILE A 2013 -42.39 6.18 -22.59
C ILE A 2013 -42.84 4.93 -23.34
N LYS A 2014 -44.16 4.76 -23.45
CA LYS A 2014 -44.71 3.63 -24.18
C LYS A 2014 -44.56 3.86 -25.68
N VAL A 2015 -43.40 3.50 -26.23
CA VAL A 2015 -43.18 3.66 -27.66
C VAL A 2015 -44.10 2.74 -28.46
N GLY A 2016 -44.51 1.62 -27.87
CA GLY A 2016 -45.45 0.73 -28.52
C GLY A 2016 -46.59 0.36 -27.58
N LEU A 2017 -47.18 -0.82 -27.77
CA LEU A 2017 -48.25 -1.26 -26.89
C LEU A 2017 -47.69 -1.96 -25.65
N ASP A 2018 -46.77 -2.90 -25.84
CA ASP A 2018 -46.09 -3.56 -24.74
C ASP A 2018 -44.60 -3.25 -24.70
N GLU A 2019 -44.11 -2.40 -25.60
CA GLU A 2019 -42.71 -2.02 -25.64
C GLU A 2019 -42.52 -0.62 -25.06
N PHE A 2020 -41.33 -0.39 -24.52
CA PHE A 2020 -41.01 0.89 -23.89
C PHE A 2020 -39.72 1.43 -24.47
N ALA A 2021 -39.58 2.75 -24.42
CA ALA A 2021 -38.33 3.45 -24.66
C ALA A 2021 -37.85 4.02 -23.34
N THR A 2022 -36.63 3.67 -22.95
CA THR A 2022 -36.08 4.02 -21.65
C THR A 2022 -34.77 4.77 -21.81
N ILE A 2023 -34.32 5.35 -20.70
CA ILE A 2023 -33.03 6.03 -20.63
C ILE A 2023 -32.18 5.31 -19.59
N LYS A 2024 -30.92 5.05 -19.94
CA LYS A 2024 -30.00 4.36 -19.05
C LYS A 2024 -29.81 5.13 -17.75
N LYS A 2025 -29.74 4.40 -16.65
CA LYS A 2025 -29.57 5.02 -15.34
C LYS A 2025 -28.14 5.48 -15.13
N ALA A 2026 -27.95 6.30 -14.11
CA ALA A 2026 -26.64 6.74 -13.67
C ALA A 2026 -26.65 6.86 -12.16
N HIS A 2027 -25.48 6.66 -11.55
CA HIS A 2027 -25.39 6.71 -10.09
C HIS A 2027 -25.63 8.13 -9.61
N PHE A 2028 -26.49 8.27 -8.60
CA PHE A 2028 -26.85 9.59 -8.08
C PHE A 2028 -25.69 10.29 -7.39
N SER A 2029 -24.59 9.59 -7.11
CA SER A 2029 -23.44 10.24 -6.51
C SER A 2029 -22.83 11.29 -7.44
N LYS A 2030 -23.15 11.22 -8.74
CA LYS A 2030 -22.64 12.22 -9.71
C LYS A 2030 -23.57 13.43 -9.74
N MET A 2031 -24.66 13.39 -8.98
CA MET A 2031 -25.62 14.48 -8.99
C MET A 2031 -25.08 15.74 -8.32
N VAL A 2032 -23.94 15.65 -7.64
CA VAL A 2032 -23.36 16.79 -6.95
C VAL A 2032 -22.80 17.84 -7.89
N SER A 2033 -22.63 17.51 -9.17
CA SER A 2033 -22.05 18.44 -10.12
C SER A 2033 -23.03 19.49 -10.63
N PHE A 2034 -24.31 19.35 -10.32
CA PHE A 2034 -25.29 20.35 -10.75
C PHE A 2034 -25.14 21.63 -9.94
N GLU A 2035 -25.54 22.74 -10.55
CA GLU A 2035 -25.43 24.04 -9.90
C GLU A 2035 -26.46 24.99 -10.48
N GLY A 2036 -27.21 25.67 -9.61
CA GLY A 2036 -28.20 26.63 -10.03
C GLY A 2036 -28.94 27.26 -8.87
N PRO A 2037 -29.84 28.18 -9.18
CA PRO A 2037 -30.61 28.84 -8.12
C PRO A 2037 -31.55 27.88 -7.45
N PRO A 2038 -31.91 28.12 -6.19
CA PRO A 2038 -32.77 27.17 -5.46
C PRO A 2038 -34.18 27.14 -6.04
N ILE A 2039 -34.82 25.99 -5.90
CA ILE A 2039 -36.19 25.78 -6.35
C ILE A 2039 -37.07 25.80 -5.11
N LYS A 2040 -37.92 26.82 -5.00
CA LYS A 2040 -38.72 27.06 -3.80
C LYS A 2040 -40.12 26.46 -4.02
N THR A 2041 -40.34 25.27 -3.48
CA THR A 2041 -41.64 24.62 -3.52
C THR A 2041 -42.06 24.37 -2.07
N GLY A 2042 -42.71 25.37 -1.48
CA GLY A 2042 -43.02 25.32 -0.07
C GLY A 2042 -41.78 25.57 0.76
N LEU A 2043 -41.68 24.94 1.93
CA LEU A 2043 -40.49 25.09 2.76
C LEU A 2043 -39.32 24.25 2.26
N LEU A 2044 -39.55 23.37 1.29
CA LEU A 2044 -38.50 22.52 0.74
C LEU A 2044 -37.70 23.28 -0.31
N ASP A 2045 -36.45 22.86 -0.49
CA ASP A 2045 -35.56 23.39 -1.52
C ASP A 2045 -35.11 22.20 -2.34
N LEU A 2046 -35.69 22.05 -3.53
CA LEU A 2046 -35.35 20.91 -4.37
C LEU A 2046 -33.92 20.97 -4.87
N THR A 2047 -33.38 22.17 -5.07
CA THR A 2047 -31.97 22.29 -5.46
C THR A 2047 -31.05 21.77 -4.37
N GLU A 2048 -31.33 22.10 -3.12
CA GLU A 2048 -30.51 21.59 -2.03
C GLU A 2048 -30.84 20.15 -1.68
N LEU A 2049 -31.96 19.62 -2.16
CA LEU A 2049 -32.19 18.17 -2.12
C LEU A 2049 -31.22 17.45 -3.05
N MET A 2050 -30.88 18.08 -4.17
CA MET A 2050 -29.94 17.52 -5.13
C MET A 2050 -28.56 17.32 -4.55
N LYS A 2051 -28.17 18.13 -3.56
CA LYS A 2051 -26.86 18.02 -2.93
C LYS A 2051 -26.87 17.19 -1.66
N SER A 2052 -28.03 16.74 -1.20
CA SER A 2052 -28.13 15.89 -0.02
C SER A 2052 -27.98 14.44 -0.47
N GLN A 2053 -26.75 13.94 -0.41
CA GLN A 2053 -26.47 12.61 -0.94
C GLN A 2053 -27.05 11.48 -0.09
N ASP A 2054 -27.20 11.68 1.22
CA ASP A 2054 -27.75 10.66 2.10
C ASP A 2054 -29.27 10.59 2.05
N LEU A 2055 -29.94 11.58 1.46
CA LEU A 2055 -31.37 11.53 1.25
C LEU A 2055 -31.75 11.00 -0.13
N LEU A 2056 -30.78 10.69 -0.98
CA LEU A 2056 -31.04 10.20 -2.32
C LEU A 2056 -31.13 8.69 -2.38
N ASN A 2057 -31.31 8.03 -1.23
CA ASN A 2057 -31.52 6.59 -1.22
C ASN A 2057 -32.86 6.23 -1.85
N LEU A 2058 -32.89 5.10 -2.53
CA LEU A 2058 -34.12 4.56 -3.11
C LEU A 2058 -34.70 3.45 -2.24
N ASN A 2059 -34.33 3.43 -0.96
CA ASN A 2059 -34.82 2.44 -0.01
C ASN A 2059 -35.73 3.15 0.98
N TYR A 2060 -36.94 2.61 1.15
CA TYR A 2060 -37.91 3.24 2.05
C TYR A 2060 -37.41 3.22 3.49
N ASP A 2061 -36.79 2.11 3.91
CA ASP A 2061 -36.31 1.99 5.28
C ASP A 2061 -35.16 2.93 5.57
N ASN A 2062 -34.27 3.16 4.61
CA ASN A 2062 -33.15 4.07 4.84
C ASN A 2062 -33.61 5.52 4.98
N ILE A 2063 -34.56 5.95 4.13
CA ILE A 2063 -35.08 7.31 4.24
C ILE A 2063 -35.90 7.46 5.51
N ARG A 2064 -36.69 6.45 5.85
CA ARG A 2064 -37.54 6.53 7.03
C ARG A 2064 -36.75 6.62 8.32
N ASN A 2065 -35.58 5.97 8.37
CA ASN A 2065 -34.77 5.89 9.59
C ASN A 2065 -33.61 6.88 9.59
N SER A 2066 -33.74 8.00 8.90
CA SER A 2066 -32.68 9.00 8.88
C SER A 2066 -32.85 9.93 10.09
N ASN A 2067 -32.05 10.99 10.13
CA ASN A 2067 -32.07 11.97 11.21
C ASN A 2067 -32.78 13.23 10.75
N LEU A 2068 -32.99 14.15 11.69
CA LEU A 2068 -33.40 15.49 11.34
C LEU A 2068 -32.26 16.32 10.78
N ILE A 2069 -31.01 15.92 11.04
CA ILE A 2069 -29.86 16.61 10.47
C ILE A 2069 -29.84 16.44 8.96
N SER A 2070 -30.12 15.22 8.47
CA SER A 2070 -30.17 14.99 7.04
C SER A 2070 -31.27 15.78 6.37
N PHE A 2071 -32.39 15.97 7.07
CA PHE A 2071 -33.53 16.71 6.52
C PHE A 2071 -33.42 18.20 6.75
N SER A 2072 -32.62 18.64 7.71
CA SER A 2072 -32.52 20.07 8.01
C SER A 2072 -31.97 20.86 6.83
N LYS A 2073 -31.12 20.24 6.01
CA LYS A 2073 -30.52 20.93 4.88
C LYS A 2073 -31.55 21.29 3.81
N LEU A 2074 -32.76 20.74 3.87
CA LEU A 2074 -33.77 20.93 2.84
C LEU A 2074 -34.75 22.05 3.16
N ILE A 2075 -34.59 22.74 4.29
CA ILE A 2075 -35.60 23.69 4.77
C ILE A 2075 -35.08 25.11 4.61
N CYS A 2076 -35.77 25.88 3.78
CA CYS A 2076 -35.51 27.30 3.60
C CYS A 2076 -36.84 28.06 3.59
N CYS A 2077 -37.71 27.70 4.54
CA CYS A 2077 -39.10 28.23 4.57
C CYS A 2077 -39.21 29.73 4.31
N GLU A 2078 -38.47 30.54 5.06
CA GLU A 2078 -38.57 32.00 4.95
C GLU A 2078 -40.02 32.46 5.17
N GLY A 2079 -40.56 32.12 6.34
CA GLY A 2079 -41.91 32.52 6.68
C GLY A 2079 -42.98 31.51 6.30
N SER A 2080 -42.83 30.27 6.74
CA SER A 2080 -43.83 29.23 6.53
C SER A 2080 -44.33 28.72 7.87
N ASP A 2081 -45.65 28.64 8.01
CA ASP A 2081 -46.28 28.22 9.25
C ASP A 2081 -46.68 26.76 9.27
N ASN A 2082 -46.34 26.00 8.23
CA ASN A 2082 -46.70 24.59 8.17
C ASN A 2082 -45.62 23.85 7.40
N ILE A 2083 -45.64 22.51 7.52
CA ILE A 2083 -44.60 21.67 6.94
C ILE A 2083 -45.13 20.71 5.88
N ASN A 2084 -46.44 20.59 5.71
CA ASN A 2084 -47.02 19.61 4.80
C ASN A 2084 -47.53 20.23 3.50
N ASP A 2085 -46.83 21.24 2.97
CA ASP A 2085 -47.18 21.84 1.70
C ASP A 2085 -46.20 21.45 0.60
N GLY A 2086 -44.89 21.56 0.87
CA GLY A 2086 -43.90 21.19 -0.12
C GLY A 2086 -43.82 19.70 -0.40
N LEU A 2087 -44.27 18.87 0.56
CA LEU A 2087 -44.23 17.43 0.38
C LEU A 2087 -45.14 16.96 -0.74
N GLU A 2088 -46.09 17.80 -1.19
CA GLU A 2088 -46.88 17.45 -2.36
C GLU A 2088 -46.08 17.44 -3.65
N PHE A 2089 -44.87 18.00 -3.64
CA PHE A 2089 -44.00 17.93 -4.80
C PHE A 2089 -43.09 16.71 -4.79
N LEU A 2090 -43.13 15.90 -3.74
CA LEU A 2090 -42.35 14.68 -3.68
C LEU A 2090 -43.13 13.53 -4.30
N SER A 2091 -42.40 12.51 -4.77
CA SER A 2091 -43.00 11.44 -5.54
C SER A 2091 -43.91 10.58 -4.67
N ASP A 2092 -44.85 9.90 -5.35
CA ASP A 2092 -45.78 9.00 -4.68
C ASP A 2092 -45.68 7.59 -5.25
N ASP A 2093 -44.63 7.28 -5.97
CA ASP A 2093 -44.41 5.94 -6.48
C ASP A 2093 -43.82 5.04 -5.40
N PRO A 2094 -44.12 3.75 -5.44
CA PRO A 2094 -43.54 2.84 -4.45
C PRO A 2094 -42.02 2.75 -4.58
N MET A 2095 -41.36 2.64 -3.44
CA MET A 2095 -39.91 2.50 -3.37
C MET A 2095 -39.54 1.08 -2.94
N ASN A 2096 -38.24 0.87 -2.75
CA ASN A 2096 -37.74 -0.40 -2.25
C ASN A 2096 -37.67 -0.38 -0.72
N PHE A 2097 -37.69 -1.58 -0.15
CA PHE A 2097 -37.48 -1.76 1.28
C PHE A 2097 -36.58 -2.97 1.49
N THR A 2098 -35.87 -2.98 2.61
CA THR A 2098 -34.89 -4.02 2.86
C THR A 2098 -35.57 -5.33 3.27
N GLU A 2099 -34.91 -6.44 2.96
CA GLU A 2099 -35.34 -7.76 3.36
C GLU A 2099 -34.12 -8.61 3.64
N GLY A 2100 -34.21 -9.43 4.68
CA GLY A 2100 -33.08 -10.24 5.10
C GLY A 2100 -33.22 -11.72 4.78
N GLU A 2101 -32.10 -12.43 4.74
CA GLU A 2101 -32.11 -13.84 4.41
C GLU A 2101 -30.80 -14.51 4.82
N ALA A 2102 -30.89 -15.65 5.50
CA ALA A 2102 -29.69 -16.37 5.91
C ALA A 2102 -29.05 -17.08 4.73
N ILE A 2103 -27.72 -17.19 4.76
CA ILE A 2103 -26.96 -17.88 3.74
C ILE A 2103 -26.42 -19.18 4.33
N HIS A 2104 -26.60 -20.28 3.60
CA HIS A 2104 -26.19 -21.61 4.07
C HIS A 2104 -24.69 -21.77 3.82
N SER A 2105 -23.89 -21.19 4.72
CA SER A 2105 -22.41 -21.26 4.59
C SER A 2105 -21.80 -21.56 5.95
N THR A 2106 -20.57 -22.09 5.98
CA THR A 2106 -19.95 -22.46 7.28
C THR A 2106 -19.80 -21.22 8.16
N PRO A 2107 -19.33 -20.04 7.68
CA PRO A 2107 -19.35 -18.84 8.52
C PRO A 2107 -20.77 -18.31 8.25
N ILE A 2108 -21.73 -18.59 9.13
CA ILE A 2108 -23.10 -18.19 8.87
C ILE A 2108 -23.20 -16.68 8.85
N PHE A 2109 -24.02 -16.17 7.94
CA PHE A 2109 -24.31 -14.74 7.88
C PHE A 2109 -25.64 -14.53 7.18
N ASN A 2110 -26.17 -13.32 7.36
CA ASN A 2110 -27.44 -12.91 6.76
C ASN A 2110 -27.19 -11.78 5.80
N ILE A 2111 -27.76 -11.88 4.60
CA ILE A 2111 -27.70 -10.80 3.62
C ILE A 2111 -28.98 -9.99 3.71
N TYR A 2112 -28.85 -8.69 3.47
CA TYR A 2112 -29.99 -7.79 3.43
C TYR A 2112 -29.98 -7.07 2.09
N TYR A 2113 -31.05 -7.22 1.32
CA TYR A 2113 -31.13 -6.67 -0.02
C TYR A 2113 -32.38 -5.80 -0.14
N SER A 2114 -32.56 -5.21 -1.31
CA SER A 2114 -33.73 -4.38 -1.58
C SER A 2114 -34.79 -5.18 -2.32
N LYS A 2115 -36.05 -4.88 -2.01
CA LYS A 2115 -37.18 -5.54 -2.64
C LYS A 2115 -38.25 -4.50 -2.90
N ARG A 2116 -39.00 -4.71 -3.98
CA ARG A 2116 -40.04 -3.76 -4.35
C ARG A 2116 -41.08 -3.65 -3.25
N GLY A 2117 -41.29 -2.44 -2.74
CA GLY A 2117 -42.17 -2.23 -1.62
C GLY A 2117 -43.63 -2.21 -2.01
N GLU A 2118 -44.47 -1.99 -0.99
CA GLU A 2118 -45.91 -1.97 -1.17
C GLU A 2118 -46.34 -0.63 -1.76
N ARG A 2119 -47.65 -0.39 -1.79
CA ARG A 2119 -48.15 0.85 -2.37
C ARG A 2119 -47.92 2.05 -1.44
N HIS A 2120 -47.83 1.81 -0.13
CA HIS A 2120 -47.71 2.89 0.83
C HIS A 2120 -46.26 3.24 1.17
N MET A 2121 -45.29 2.54 0.58
CA MET A 2121 -43.87 2.87 0.78
C MET A 2121 -43.46 3.84 -0.31
N THR A 2122 -43.71 5.12 -0.06
CA THR A 2122 -43.37 6.19 -1.00
C THR A 2122 -42.38 7.14 -0.34
N TYR A 2123 -41.67 7.89 -1.18
CA TYR A 2123 -40.69 8.85 -0.68
C TYR A 2123 -41.35 9.91 0.19
N ARG A 2124 -42.53 10.38 -0.22
CA ARG A 2124 -43.26 11.37 0.56
C ARG A 2124 -43.64 10.82 1.92
N ASN A 2125 -44.12 9.58 1.97
CA ASN A 2125 -44.48 8.96 3.25
C ASN A 2125 -43.26 8.79 4.15
N ALA A 2126 -42.13 8.38 3.58
CA ALA A 2126 -40.92 8.24 4.37
C ALA A 2126 -40.47 9.59 4.93
N ILE A 2127 -40.56 10.65 4.13
CA ILE A 2127 -40.21 11.98 4.62
C ILE A 2127 -41.14 12.40 5.74
N LYS A 2128 -42.44 12.12 5.60
CA LYS A 2128 -43.41 12.47 6.63
C LYS A 2128 -43.09 11.76 7.94
N LEU A 2129 -42.80 10.46 7.85
CA LEU A 2129 -42.48 9.69 9.06
C LEU A 2129 -41.18 10.19 9.70
N LEU A 2130 -40.19 10.50 8.87
CA LEU A 2130 -38.95 11.08 9.38
C LEU A 2130 -39.23 12.34 10.17
N ILE A 2131 -40.01 13.25 9.59
CA ILE A 2131 -40.33 14.51 10.27
C ILE A 2131 -41.03 14.23 11.59
N GLU A 2132 -42.04 13.36 11.54
CA GLU A 2132 -42.87 13.12 12.72
C GLU A 2132 -42.04 12.58 13.87
N ARG A 2133 -41.15 11.61 13.60
CA ARG A 2133 -40.34 11.07 14.68
C ARG A 2133 -39.24 12.03 15.13
N GLU A 2134 -38.53 12.64 14.18
CA GLU A 2134 -37.34 13.41 14.54
C GLU A 2134 -37.68 14.72 15.22
N THR A 2135 -38.77 15.39 14.80
CA THR A 2135 -39.14 16.62 15.48
C THR A 2135 -39.50 16.36 16.93
N LYS A 2136 -40.24 15.28 17.19
CA LYS A 2136 -40.56 14.91 18.56
C LYS A 2136 -39.30 14.60 19.36
N ILE A 2137 -38.37 13.86 18.75
CA ILE A 2137 -37.14 13.51 19.46
C ILE A 2137 -36.35 14.77 19.81
N PHE A 2138 -36.21 15.69 18.86
CA PHE A 2138 -35.48 16.92 19.12
C PHE A 2138 -36.17 17.77 20.18
N GLU A 2139 -37.49 17.90 20.10
CA GLU A 2139 -38.22 18.70 21.08
C GLU A 2139 -38.08 18.12 22.47
N GLU A 2140 -38.05 16.79 22.60
CA GLU A 2140 -37.74 16.18 23.88
C GLU A 2140 -36.30 16.48 24.30
N ALA A 2141 -35.38 16.55 23.34
CA ALA A 2141 -33.98 16.77 23.66
C ALA A 2141 -33.70 18.20 24.08
N PHE A 2142 -34.51 19.13 23.56
CA PHE A 2142 -34.34 20.56 23.90
C PHE A 2142 -35.56 21.06 24.71
N THR A 2143 -36.06 20.21 25.63
CA THR A 2143 -37.18 20.62 26.51
C THR A 2143 -36.75 21.77 27.43
N PHE A 2144 -35.69 21.58 28.22
CA PHE A 2144 -35.13 22.67 29.08
C PHE A 2144 -36.20 23.19 30.04
N SER A 2145 -37.23 22.39 30.35
CA SER A 2145 -38.36 22.95 31.15
C SER A 2145 -39.16 21.85 31.84
N GLU A 2146 -39.99 22.24 32.81
CA GLU A 2146 -40.91 21.26 33.44
C GLU A 2146 -42.24 21.35 32.69
N ASN A 2147 -42.35 22.32 31.77
CA ASN A 2147 -43.61 22.50 30.99
C ASN A 2147 -43.56 21.89 29.58
N GLY A 2148 -42.49 22.10 28.81
CA GLY A 2148 -42.51 21.60 27.42
C GLY A 2148 -41.57 22.39 26.50
N PHE A 2149 -41.72 22.22 25.18
CA PHE A 2149 -40.75 22.86 24.26
C PHE A 2149 -41.15 24.32 24.05
N ILE A 2150 -42.45 24.58 23.92
CA ILE A 2150 -42.94 25.96 23.64
C ILE A 2150 -42.90 26.82 24.92
N SER A 2151 -42.72 26.20 26.09
CA SER A 2151 -42.74 26.94 27.39
C SER A 2151 -41.88 28.22 27.33
N PRO A 2152 -42.30 29.38 27.88
CA PRO A 2152 -41.52 30.63 27.73
C PRO A 2152 -40.08 30.53 28.22
N GLU A 2153 -39.83 29.78 29.30
CA GLU A 2153 -38.45 29.60 29.74
C GLU A 2153 -37.63 28.87 28.69
N ASN A 2154 -38.21 27.84 28.06
CA ASN A 2154 -37.52 27.17 26.97
C ASN A 2154 -37.32 28.10 25.79
N LEU A 2155 -38.30 28.98 25.53
CA LEU A 2155 -38.13 29.96 24.46
C LEU A 2155 -36.98 30.90 24.74
N GLY A 2156 -36.82 31.34 25.99
CA GLY A 2156 -35.68 32.18 26.33
C GLY A 2156 -34.37 31.44 26.21
N CYS A 2157 -34.35 30.16 26.61
CA CYS A 2157 -33.14 29.35 26.44
C CYS A 2157 -32.76 29.21 24.97
N LEU A 2158 -33.76 28.95 24.12
CA LEU A 2158 -33.49 28.83 22.68
C LEU A 2158 -33.08 30.16 22.08
N GLU A 2159 -33.63 31.26 22.58
CA GLU A 2159 -33.17 32.59 22.17
C GLU A 2159 -31.70 32.79 22.51
N ALA A 2160 -31.30 32.40 23.72
CA ALA A 2160 -29.90 32.51 24.11
C ALA A 2160 -29.02 31.64 23.21
N VAL A 2161 -29.47 30.43 22.91
CA VAL A 2161 -28.70 29.52 22.06
C VAL A 2161 -28.53 30.10 20.67
N VAL A 2162 -29.60 30.68 20.11
CA VAL A 2162 -29.51 31.21 18.71
C VAL A 2162 -28.64 32.47 18.73
N SER A 2163 -28.81 33.31 19.76
CA SER A 2163 -28.03 34.58 19.85
C SER A 2163 -26.55 34.29 20.07
N LEU A 2164 -26.22 33.16 20.71
CA LEU A 2164 -24.79 32.79 20.86
C LEU A 2164 -24.17 32.72 19.47
N ILE A 2165 -24.82 32.01 18.54
CA ILE A 2165 -24.29 31.86 17.15
C ILE A 2165 -24.47 33.17 16.37
N LYS A 2166 -25.41 34.03 16.79
CA LYS A 2166 -25.54 35.35 16.12
C LYS A 2166 -24.26 36.16 16.36
N LEU A 2167 -23.71 36.09 17.58
CA LEU A 2167 -22.45 36.80 17.89
C LEU A 2167 -21.26 35.93 17.45
N LEU A 2168 -21.01 34.84 18.19
CA LEU A 2168 -19.87 33.93 17.88
C LEU A 2168 -19.95 33.44 16.44
N LYS A 2169 -18.87 33.63 15.66
CA LYS A 2169 -18.82 33.18 14.27
C LYS A 2169 -19.27 31.74 14.16
N THR A 2170 -20.06 31.46 13.10
CA THR A 2170 -20.65 30.14 12.94
C THR A 2170 -19.58 29.05 12.85
N ASN A 2171 -19.59 28.15 13.84
CA ASN A 2171 -18.70 27.01 13.78
C ASN A 2171 -19.39 25.84 13.07
N GLU A 2172 -18.64 24.77 12.87
CA GLU A 2172 -19.08 23.67 12.01
C GLU A 2172 -20.27 22.91 12.59
N TRP A 2173 -20.60 23.10 13.85
CA TRP A 2173 -21.66 22.35 14.52
C TRP A 2173 -22.72 23.27 15.09
N SER A 2174 -23.07 24.33 14.36
CA SER A 2174 -24.11 25.27 14.78
C SER A 2174 -25.28 25.34 13.82
N THR A 2175 -24.98 25.54 12.53
CA THR A 2175 -26.05 25.71 11.51
C THR A 2175 -27.04 24.55 11.58
N VAL A 2176 -26.54 23.33 11.81
CA VAL A 2176 -27.41 22.12 11.88
C VAL A 2176 -28.46 22.35 13.00
N ILE A 2177 -28.02 22.78 14.18
CA ILE A 2177 -28.94 23.02 15.32
C ILE A 2177 -29.91 24.15 14.96
N ASP A 2178 -29.39 25.27 14.43
CA ASP A 2178 -30.26 26.42 14.04
C ASP A 2178 -31.40 25.91 13.14
N LYS A 2179 -31.07 25.15 12.10
CA LYS A 2179 -32.08 24.64 11.17
C LYS A 2179 -33.07 23.73 11.88
N CYS A 2180 -32.59 22.85 12.76
CA CYS A 2180 -33.50 21.95 13.48
C CYS A 2180 -34.43 22.73 14.40
N ILE A 2181 -33.90 23.76 15.07
CA ILE A 2181 -34.74 24.59 15.94
C ILE A 2181 -35.80 25.29 15.11
N HIS A 2182 -35.40 25.81 13.96
CA HIS A 2182 -36.35 26.50 13.07
C HIS A 2182 -37.44 25.52 12.63
N ILE A 2183 -37.07 24.29 12.26
CA ILE A 2183 -38.03 23.29 11.81
C ILE A 2183 -39.02 22.97 12.93
N CYS A 2184 -38.51 22.73 14.14
CA CYS A 2184 -39.40 22.38 15.24
C CYS A 2184 -40.28 23.55 15.66
N LEU A 2185 -39.81 24.79 15.49
CA LEU A 2185 -40.67 25.94 15.74
C LEU A 2185 -41.76 26.05 14.68
N ILE A 2186 -41.45 25.71 13.43
CA ILE A 2186 -42.48 25.68 12.40
C ILE A 2186 -43.53 24.63 12.74
N LYS A 2187 -43.10 23.43 13.16
CA LYS A 2187 -44.06 22.39 13.49
C LYS A 2187 -44.89 22.76 14.72
N ASN A 2188 -44.31 23.47 15.67
CA ASN A 2188 -45.02 23.89 16.87
C ASN A 2188 -45.88 25.12 16.67
N GLY A 2189 -45.99 25.61 15.43
CA GLY A 2189 -46.89 26.71 15.13
C GLY A 2189 -46.40 28.08 15.52
N MET A 2190 -45.12 28.22 15.84
CA MET A 2190 -44.53 29.51 16.15
C MET A 2190 -43.30 29.79 15.29
N ASP A 2191 -43.44 29.60 13.98
CA ASP A 2191 -42.44 30.10 13.04
C ASP A 2191 -42.25 31.59 13.19
N HIS A 2192 -43.29 32.31 13.61
CA HIS A 2192 -43.19 33.75 13.83
C HIS A 2192 -42.14 34.06 14.89
N MET A 2193 -42.11 33.28 15.96
CA MET A 2193 -41.15 33.50 17.04
C MET A 2193 -39.87 32.71 16.78
N TYR A 2194 -39.34 32.86 15.58
CA TYR A 2194 -37.96 32.48 15.26
C TYR A 2194 -37.22 33.60 14.54
N HIS A 2195 -37.89 34.29 13.61
CA HIS A 2195 -37.28 35.41 12.92
C HIS A 2195 -37.41 36.69 13.72
N SER A 2196 -38.18 36.65 14.80
CA SER A 2196 -38.32 37.74 15.74
C SER A 2196 -37.30 37.67 16.87
N PHE A 2197 -36.30 36.78 16.70
CA PHE A 2197 -35.24 36.61 17.73
C PHE A 2197 -34.45 37.90 17.87
N ASP A 2198 -34.38 38.45 19.09
CA ASP A 2198 -33.59 39.68 19.34
C ASP A 2198 -32.40 39.32 20.23
N VAL A 2199 -31.19 39.69 19.81
CA VAL A 2199 -29.98 39.41 20.64
C VAL A 2199 -30.10 40.21 21.93
N PRO A 2200 -29.84 39.62 23.12
CA PRO A 2200 -29.88 40.36 24.39
C PRO A 2200 -28.56 41.13 24.64
N ILE A 2212 -22.16 41.62 24.60
CA ILE A 2212 -22.78 40.94 25.74
C ILE A 2212 -21.73 40.45 26.73
N ASN A 2213 -22.09 40.27 28.01
CA ASN A 2213 -21.14 39.65 28.99
C ASN A 2213 -20.86 38.21 28.53
N TRP A 2214 -19.62 37.91 28.11
CA TRP A 2214 -19.31 36.56 27.56
C TRP A 2214 -19.10 35.53 28.68
N VAL A 2215 -18.85 35.99 29.90
CA VAL A 2215 -18.63 35.06 31.05
C VAL A 2215 -19.95 34.36 31.39
N MET A 2216 -21.08 35.07 31.25
CA MET A 2216 -22.41 34.50 31.56
C MET A 2216 -22.63 33.23 30.72
N PHE A 2217 -22.31 33.28 29.42
CA PHE A 2217 -22.54 32.12 28.52
C PHE A 2217 -22.02 30.82 29.14
N ARG A 2218 -20.75 30.79 29.56
CA ARG A 2218 -20.13 29.55 30.11
C ARG A 2218 -21.09 28.86 31.10
N GLU A 2219 -21.48 29.56 32.16
CA GLU A 2219 -22.35 28.95 33.20
C GLU A 2219 -23.63 28.43 32.54
N PHE A 2220 -24.38 29.29 31.85
CA PHE A 2220 -25.64 28.91 31.24
C PHE A 2220 -25.51 27.66 30.39
N ILE A 2221 -24.31 27.39 29.86
CA ILE A 2221 -24.13 26.28 28.92
C ILE A 2221 -23.68 25.01 29.63
N ASN A 2222 -22.73 25.11 30.56
CA ASN A 2222 -22.28 23.93 31.29
C ASN A 2222 -23.39 23.32 32.14
N SER A 2223 -24.29 24.13 32.68
CA SER A 2223 -25.44 23.63 33.41
C SER A 2223 -26.53 23.11 32.50
N LEU A 2224 -26.45 23.37 31.20
CA LEU A 2224 -27.42 22.85 30.26
C LEU A 2224 -27.30 21.33 30.17
N PRO A 2225 -28.39 20.59 30.36
CA PRO A 2225 -28.28 19.13 30.41
C PRO A 2225 -27.99 18.51 29.04
N GLY A 2226 -27.53 17.25 29.06
CA GLY A 2226 -27.20 16.55 27.81
C GLY A 2226 -28.03 15.29 27.61
N THR A 2227 -28.37 14.97 26.36
CA THR A 2227 -29.24 13.80 26.06
C THR A 2227 -28.43 12.51 26.05
N ASP A 2228 -29.10 11.36 26.12
CA ASP A 2228 -28.38 10.05 26.04
C ASP A 2228 -28.88 9.21 24.85
N ILE A 2229 -30.19 8.97 24.77
CA ILE A 2229 -30.77 8.13 23.67
C ILE A 2229 -30.67 8.81 22.28
N PRO A 2230 -30.96 10.12 22.09
CA PRO A 2230 -31.01 10.72 20.76
C PRO A 2230 -29.69 10.86 19.98
N PRO A 2231 -29.70 11.00 18.63
CA PRO A 2231 -28.49 11.24 17.86
C PRO A 2231 -27.77 12.47 18.40
N TRP A 2232 -28.47 13.27 19.19
CA TRP A 2232 -27.87 14.48 19.81
C TRP A 2232 -27.11 14.07 21.07
N ASN A 2233 -26.95 12.76 21.28
CA ASN A 2233 -26.17 12.26 22.45
C ASN A 2233 -24.72 12.67 22.24
N VAL A 2234 -24.32 12.91 20.99
CA VAL A 2234 -22.94 13.37 20.69
C VAL A 2234 -22.99 14.78 20.10
N MET A 2235 -24.03 15.12 19.33
CA MET A 2235 -24.06 16.42 18.60
C MET A 2235 -24.10 17.59 19.57
N THR A 2236 -25.07 17.63 20.47
CA THR A 2236 -25.21 18.77 21.37
C THR A 2236 -24.00 18.92 22.29
N GLU A 2237 -23.37 17.82 22.68
CA GLU A 2237 -22.16 17.90 23.49
C GLU A 2237 -20.99 18.46 22.68
N ASN A 2238 -20.88 18.09 21.41
CA ASN A 2238 -19.89 18.74 20.55
C ASN A 2238 -20.15 20.23 20.48
N PHE A 2239 -21.41 20.62 20.35
CA PHE A 2239 -21.75 22.04 20.29
C PHE A 2239 -21.33 22.76 21.57
N LYS A 2240 -21.66 22.19 22.73
CA LYS A 2240 -21.30 22.83 23.99
C LYS A 2240 -19.79 22.92 24.15
N LYS A 2241 -19.07 21.83 23.86
CA LYS A 2241 -17.62 21.86 24.01
C LYS A 2241 -16.99 22.90 23.12
N LYS A 2242 -17.42 22.96 21.85
CA LYS A 2242 -16.85 23.94 20.93
C LYS A 2242 -17.19 25.36 21.37
N CYS A 2243 -18.42 25.60 21.79
CA CYS A 2243 -18.80 26.96 22.17
C CYS A 2243 -18.06 27.41 23.41
N ILE A 2244 -17.92 26.55 24.42
CA ILE A 2244 -17.20 26.97 25.61
C ILE A 2244 -15.72 27.16 25.31
N ALA A 2245 -15.13 26.31 24.47
CA ALA A 2245 -13.72 26.50 24.11
C ALA A 2245 -13.52 27.81 23.35
N LEU A 2246 -14.41 28.12 22.41
CA LEU A 2246 -14.27 29.34 21.62
C LEU A 2246 -14.48 30.58 22.47
N ILE A 2247 -15.43 30.56 23.40
CA ILE A 2247 -15.60 31.72 24.27
C ILE A 2247 -14.45 31.84 25.27
N ASN A 2248 -13.84 30.73 25.70
CA ASN A 2248 -12.62 30.83 26.50
C ASN A 2248 -11.51 31.48 25.72
N SER A 2249 -11.33 31.07 24.47
CA SER A 2249 -10.33 31.71 23.61
C SER A 2249 -10.65 33.18 23.35
N LYS A 2250 -11.94 33.56 23.40
CA LYS A 2250 -12.33 34.94 23.18
C LYS A 2250 -12.46 35.75 24.47
#